data_7BB5
# 
_entry.id   7BB5 
# 
_audit_conform.dict_name       mmcif_pdbx.dic 
_audit_conform.dict_version    5.391 
_audit_conform.dict_location   http://mmcif.pdb.org/dictionaries/ascii/mmcif_pdbx.dic 
# 
loop_
_database_2.database_id 
_database_2.database_code 
_database_2.pdbx_database_accession 
_database_2.pdbx_DOI 
PDB   7BB5         pdb_00007bb5 10.2210/pdb7bb5/pdb 
WWPDB D_1292113059 ?            ?                   
# 
loop_
_pdbx_audit_revision_history.ordinal 
_pdbx_audit_revision_history.data_content_type 
_pdbx_audit_revision_history.major_revision 
_pdbx_audit_revision_history.minor_revision 
_pdbx_audit_revision_history.revision_date 
1 'Structure model' 1 0 2021-11-24 
2 'Structure model' 1 1 2022-12-07 
3 'Structure model' 1 2 2024-05-01 
# 
_pdbx_audit_revision_details.ordinal             1 
_pdbx_audit_revision_details.revision_ordinal    1 
_pdbx_audit_revision_details.data_content_type   'Structure model' 
_pdbx_audit_revision_details.provider            repository 
_pdbx_audit_revision_details.type                'Initial release' 
_pdbx_audit_revision_details.description         ? 
_pdbx_audit_revision_details.details             ? 
# 
loop_
_pdbx_audit_revision_group.ordinal 
_pdbx_audit_revision_group.revision_ordinal 
_pdbx_audit_revision_group.data_content_type 
_pdbx_audit_revision_group.group 
1 2 'Structure model' 'Database references'    
2 3 'Structure model' 'Data collection'        
3 3 'Structure model' 'Refinement description' 
# 
loop_
_pdbx_audit_revision_category.ordinal 
_pdbx_audit_revision_category.revision_ordinal 
_pdbx_audit_revision_category.data_content_type 
_pdbx_audit_revision_category.category 
1 2 'Structure model' citation                      
2 2 'Structure model' citation_author               
3 3 'Structure model' chem_comp_atom                
4 3 'Structure model' chem_comp_bond                
5 3 'Structure model' pdbx_initial_refinement_model 
# 
loop_
_pdbx_audit_revision_item.ordinal 
_pdbx_audit_revision_item.revision_ordinal 
_pdbx_audit_revision_item.data_content_type 
_pdbx_audit_revision_item.item 
1  2 'Structure model' '_citation.country'                 
2  2 'Structure model' '_citation.journal_abbrev'          
3  2 'Structure model' '_citation.journal_id_CSD'          
4  2 'Structure model' '_citation.journal_id_ISSN'         
5  2 'Structure model' '_citation.journal_volume'          
6  2 'Structure model' '_citation.page_first'              
7  2 'Structure model' '_citation.page_last'               
8  2 'Structure model' '_citation.pdbx_database_id_DOI'    
9  2 'Structure model' '_citation.pdbx_database_id_PubMed' 
10 2 'Structure model' '_citation.title'                   
11 2 'Structure model' '_citation.year'                    
# 
_pdbx_database_status.status_code                     REL 
_pdbx_database_status.status_code_sf                  REL 
_pdbx_database_status.status_code_mr                  ? 
_pdbx_database_status.entry_id                        7BB5 
_pdbx_database_status.recvd_initial_deposition_date   2020-12-17 
_pdbx_database_status.SG_entry                        N 
_pdbx_database_status.deposit_site                    PDBE 
_pdbx_database_status.process_site                    PDBE 
_pdbx_database_status.status_code_cs                  ? 
_pdbx_database_status.status_code_nmr_data            ? 
_pdbx_database_status.methods_development_category    ? 
_pdbx_database_status.pdb_format_compatible           Y 
# 
loop_
_audit_author.name 
_audit_author.pdbx_ordinal 
_audit_author.identifier_ORCID 
'Tamulaitiene, G.' 1 ? 
'Sinkunas, T.'     2 ? 
'Kupcinskaite, E.' 3 ? 
# 
_citation.abstract                  ? 
_citation.abstract_id_CAS           ? 
_citation.book_id_ISBN              ? 
_citation.book_publisher            ? 
_citation.book_publisher_city       ? 
_citation.book_title                ? 
_citation.coordinate_linkage        ? 
_citation.country                   UK 
_citation.database_id_Medline       ? 
_citation.details                   ? 
_citation.id                        primary 
_citation.journal_abbrev            'Sci Rep' 
_citation.journal_id_ASTM           ? 
_citation.journal_id_CSD            ? 
_citation.journal_id_ISSN           2045-2322 
_citation.journal_full              ? 
_citation.journal_issue             ? 
_citation.journal_volume            12 
_citation.language                  ? 
_citation.page_first                15548 
_citation.page_last                 15548 
_citation.title                     
'Disarming of type I-F CRISPR-Cas surveillance complex by anti-CRISPR proteins AcrIF6 and AcrIF9.' 
_citation.year                      2022 
_citation.database_id_CSD           ? 
_citation.pdbx_database_id_DOI      10.1038/s41598-022-19797-y 
_citation.pdbx_database_id_PubMed   36109551 
_citation.unpublished_flag          ? 
# 
loop_
_citation_author.citation_id 
_citation_author.name 
_citation_author.ordinal 
_citation_author.identifier_ORCID 
primary 'Kupcinskaite, E.' 1 ? 
primary 'Tutkus, M.'       2 ? 
primary 'Kopustas, A.'     3 ? 
primary 'Asmontas, S.'     4 ? 
primary 'Jankunec, M.'     5 ? 
primary 'Zaremba, M.'      6 ? 
primary 'Tamulaitiene, G.' 7 ? 
primary 'Sinkunas, T.'     8 ? 
# 
loop_
_entity.id 
_entity.type 
_entity.src_method 
_entity.pdbx_description 
_entity.formula_weight 
_entity.pdbx_number_of_molecules 
_entity.pdbx_ec 
_entity.pdbx_mutation 
_entity.pdbx_fragment 
_entity.details 
1 polymer man AcrIF9 10330.409 1  ? ? ? ? 
2 water   nat water  18.015    40 ? ? ? ? 
# 
_entity_poly.entity_id                      1 
_entity_poly.type                           'polypeptide(L)' 
_entity_poly.nstd_linkage                   no 
_entity_poly.nstd_monomer                   no 
_entity_poly.pdbx_seq_one_letter_code       
;MGSSHHHHHHSQDPMTNVVYYFTETNNINAYATAEALKAQTLADAKREASRRQCFQGTTLKIGTIYSLNSDGLLVDEITS
KEDGKKWVDRY
;
_entity_poly.pdbx_seq_one_letter_code_can   
;MGSSHHHHHHSQDPMTNVVYYFTETNNINAYATAEALKAQTLADAKREASRRQCFQGTTLKIGTIYSLNSDGLLVDEITS
KEDGKKWVDRY
;
_entity_poly.pdbx_strand_id                 A 
_entity_poly.pdbx_target_identifier         ? 
# 
_pdbx_entity_nonpoly.entity_id   2 
_pdbx_entity_nonpoly.name        water 
_pdbx_entity_nonpoly.comp_id     HOH 
# 
loop_
_entity_poly_seq.entity_id 
_entity_poly_seq.num 
_entity_poly_seq.mon_id 
_entity_poly_seq.hetero 
1 1  MET n 
1 2  GLY n 
1 3  SER n 
1 4  SER n 
1 5  HIS n 
1 6  HIS n 
1 7  HIS n 
1 8  HIS n 
1 9  HIS n 
1 10 HIS n 
1 11 SER n 
1 12 GLN n 
1 13 ASP n 
1 14 PRO n 
1 15 MET n 
1 16 THR n 
1 17 ASN n 
1 18 VAL n 
1 19 VAL n 
1 20 TYR n 
1 21 TYR n 
1 22 PHE n 
1 23 THR n 
1 24 GLU n 
1 25 THR n 
1 26 ASN n 
1 27 ASN n 
1 28 ILE n 
1 29 ASN n 
1 30 ALA n 
1 31 TYR n 
1 32 ALA n 
1 33 THR n 
1 34 ALA n 
1 35 GLU n 
1 36 ALA n 
1 37 LEU n 
1 38 LYS n 
1 39 ALA n 
1 40 GLN n 
1 41 THR n 
1 42 LEU n 
1 43 ALA n 
1 44 ASP n 
1 45 ALA n 
1 46 LYS n 
1 47 ARG n 
1 48 GLU n 
1 49 ALA n 
1 50 SER n 
1 51 ARG n 
1 52 ARG n 
1 53 GLN n 
1 54 CYS n 
1 55 PHE n 
1 56 GLN n 
1 57 GLY n 
1 58 THR n 
1 59 THR n 
1 60 LEU n 
1 61 LYS n 
1 62 ILE n 
1 63 GLY n 
1 64 THR n 
1 65 ILE n 
1 66 TYR n 
1 67 SER n 
1 68 LEU n 
1 69 ASN n 
1 70 SER n 
1 71 ASP n 
1 72 GLY n 
1 73 LEU n 
1 74 LEU n 
1 75 VAL n 
1 76 ASP n 
1 77 GLU n 
1 78 ILE n 
1 79 THR n 
1 80 SER n 
1 81 LYS n 
1 82 GLU n 
1 83 ASP n 
1 84 GLY n 
1 85 LYS n 
1 86 LYS n 
1 87 TRP n 
1 88 VAL n 
1 89 ASP n 
1 90 ARG n 
1 91 TYR n 
# 
_entity_src_gen.entity_id                          1 
_entity_src_gen.pdbx_src_id                        1 
_entity_src_gen.pdbx_alt_source_flag               sample 
_entity_src_gen.pdbx_seq_type                      'Biological sequence' 
_entity_src_gen.pdbx_beg_seq_num                   1 
_entity_src_gen.pdbx_end_seq_num                   91 
_entity_src_gen.gene_src_common_name               ? 
_entity_src_gen.gene_src_genus                     ? 
_entity_src_gen.pdbx_gene_src_gene                 SC1083_0445 
_entity_src_gen.gene_src_species                   ? 
_entity_src_gen.gene_src_strain                    ? 
_entity_src_gen.gene_src_tissue                    ? 
_entity_src_gen.gene_src_tissue_fraction           ? 
_entity_src_gen.gene_src_details                   ? 
_entity_src_gen.pdbx_gene_src_fragment             ? 
_entity_src_gen.pdbx_gene_src_scientific_name      'Aggregatibacter actinomycetemcomitans serotype e str. SC1083' 
_entity_src_gen.pdbx_gene_src_ncbi_taxonomy_id     907488 
_entity_src_gen.pdbx_gene_src_variant              ? 
_entity_src_gen.pdbx_gene_src_cell_line            ? 
_entity_src_gen.pdbx_gene_src_atcc                 ? 
_entity_src_gen.pdbx_gene_src_organ                ? 
_entity_src_gen.pdbx_gene_src_organelle            ? 
_entity_src_gen.pdbx_gene_src_cell                 ? 
_entity_src_gen.pdbx_gene_src_cellular_location    ? 
_entity_src_gen.host_org_common_name               ? 
_entity_src_gen.pdbx_host_org_scientific_name      'Escherichia coli BL21' 
_entity_src_gen.pdbx_host_org_ncbi_taxonomy_id     511693 
_entity_src_gen.host_org_genus                     ? 
_entity_src_gen.pdbx_host_org_gene                 ? 
_entity_src_gen.pdbx_host_org_organ                ? 
_entity_src_gen.host_org_species                   ? 
_entity_src_gen.pdbx_host_org_tissue               ? 
_entity_src_gen.pdbx_host_org_tissue_fraction      ? 
_entity_src_gen.pdbx_host_org_strain               ? 
_entity_src_gen.pdbx_host_org_variant              AI 
_entity_src_gen.pdbx_host_org_cell_line            ? 
_entity_src_gen.pdbx_host_org_atcc                 ? 
_entity_src_gen.pdbx_host_org_culture_collection   ? 
_entity_src_gen.pdbx_host_org_cell                 ? 
_entity_src_gen.pdbx_host_org_organelle            ? 
_entity_src_gen.pdbx_host_org_cellular_location    ? 
_entity_src_gen.pdbx_host_org_vector_type          plasmid 
_entity_src_gen.pdbx_host_org_vector               ? 
_entity_src_gen.host_org_details                   ? 
_entity_src_gen.expression_system_id               ? 
_entity_src_gen.plasmid_name                       pCDF-Duet 
_entity_src_gen.plasmid_details                    ? 
_entity_src_gen.pdbx_description                   ? 
# 
loop_
_chem_comp.id 
_chem_comp.type 
_chem_comp.mon_nstd_flag 
_chem_comp.name 
_chem_comp.pdbx_synonyms 
_chem_comp.formula 
_chem_comp.formula_weight 
ALA 'L-peptide linking' y ALANINE         ? 'C3 H7 N O2'     89.093  
ARG 'L-peptide linking' y ARGININE        ? 'C6 H15 N4 O2 1' 175.209 
ASN 'L-peptide linking' y ASPARAGINE      ? 'C4 H8 N2 O3'    132.118 
ASP 'L-peptide linking' y 'ASPARTIC ACID' ? 'C4 H7 N O4'     133.103 
CYS 'L-peptide linking' y CYSTEINE        ? 'C3 H7 N O2 S'   121.158 
GLN 'L-peptide linking' y GLUTAMINE       ? 'C5 H10 N2 O3'   146.144 
GLU 'L-peptide linking' y 'GLUTAMIC ACID' ? 'C5 H9 N O4'     147.129 
GLY 'peptide linking'   y GLYCINE         ? 'C2 H5 N O2'     75.067  
HIS 'L-peptide linking' y HISTIDINE       ? 'C6 H10 N3 O2 1' 156.162 
HOH non-polymer         . WATER           ? 'H2 O'           18.015  
ILE 'L-peptide linking' y ISOLEUCINE      ? 'C6 H13 N O2'    131.173 
LEU 'L-peptide linking' y LEUCINE         ? 'C6 H13 N O2'    131.173 
LYS 'L-peptide linking' y LYSINE          ? 'C6 H15 N2 O2 1' 147.195 
MET 'L-peptide linking' y METHIONINE      ? 'C5 H11 N O2 S'  149.211 
PHE 'L-peptide linking' y PHENYLALANINE   ? 'C9 H11 N O2'    165.189 
PRO 'L-peptide linking' y PROLINE         ? 'C5 H9 N O2'     115.130 
SER 'L-peptide linking' y SERINE          ? 'C3 H7 N O3'     105.093 
THR 'L-peptide linking' y THREONINE       ? 'C4 H9 N O3'     119.119 
TRP 'L-peptide linking' y TRYPTOPHAN      ? 'C11 H12 N2 O2'  204.225 
TYR 'L-peptide linking' y TYROSINE        ? 'C9 H11 N O3'    181.189 
VAL 'L-peptide linking' y VALINE          ? 'C5 H11 N O2'    117.146 
# 
loop_
_pdbx_poly_seq_scheme.asym_id 
_pdbx_poly_seq_scheme.entity_id 
_pdbx_poly_seq_scheme.seq_id 
_pdbx_poly_seq_scheme.mon_id 
_pdbx_poly_seq_scheme.ndb_seq_num 
_pdbx_poly_seq_scheme.pdb_seq_num 
_pdbx_poly_seq_scheme.auth_seq_num 
_pdbx_poly_seq_scheme.pdb_mon_id 
_pdbx_poly_seq_scheme.auth_mon_id 
_pdbx_poly_seq_scheme.pdb_strand_id 
_pdbx_poly_seq_scheme.pdb_ins_code 
_pdbx_poly_seq_scheme.hetero 
A 1 1  MET 1  -13 ?  ?   ?   A . n 
A 1 2  GLY 2  -12 ?  ?   ?   A . n 
A 1 3  SER 3  -11 ?  ?   ?   A . n 
A 1 4  SER 4  -10 ?  ?   ?   A . n 
A 1 5  HIS 5  -9  ?  ?   ?   A . n 
A 1 6  HIS 6  -8  ?  ?   ?   A . n 
A 1 7  HIS 7  -7  ?  ?   ?   A . n 
A 1 8  HIS 8  -6  ?  ?   ?   A . n 
A 1 9  HIS 9  -5  ?  ?   ?   A . n 
A 1 10 HIS 10 -4  ?  ?   ?   A . n 
A 1 11 SER 11 -3  ?  ?   ?   A . n 
A 1 12 GLN 12 -2  ?  ?   ?   A . n 
A 1 13 ASP 13 -1  ?  ?   ?   A . n 
A 1 14 PRO 14 0   ?  ?   ?   A . n 
A 1 15 MET 15 1   ?  ?   ?   A . n 
A 1 16 THR 16 2   2  THR THR A . n 
A 1 17 ASN 17 3   3  ASN ASN A . n 
A 1 18 VAL 18 4   4  VAL VAL A . n 
A 1 19 VAL 19 5   5  VAL VAL A . n 
A 1 20 TYR 20 6   6  TYR TYR A . n 
A 1 21 TYR 21 7   7  TYR TYR A . n 
A 1 22 PHE 22 8   8  PHE PHE A . n 
A 1 23 THR 23 9   9  THR THR A . n 
A 1 24 GLU 24 10  10 GLU GLU A . n 
A 1 25 THR 25 11  11 THR THR A . n 
A 1 26 ASN 26 12  12 ASN ASN A . n 
A 1 27 ASN 27 13  13 ASN ASN A . n 
A 1 28 ILE 28 14  14 ILE ILE A . n 
A 1 29 ASN 29 15  15 ASN ASN A . n 
A 1 30 ALA 30 16  16 ALA ALA A . n 
A 1 31 TYR 31 17  17 TYR TYR A . n 
A 1 32 ALA 32 18  18 ALA ALA A . n 
A 1 33 THR 33 19  19 THR THR A . n 
A 1 34 ALA 34 20  20 ALA ALA A . n 
A 1 35 GLU 35 21  21 GLU GLU A . n 
A 1 36 ALA 36 22  22 ALA ALA A . n 
A 1 37 LEU 37 23  23 LEU LEU A . n 
A 1 38 LYS 38 24  24 LYS LYS A . n 
A 1 39 ALA 39 25  25 ALA ALA A . n 
A 1 40 GLN 40 26  26 GLN GLN A . n 
A 1 41 THR 41 27  27 THR THR A . n 
A 1 42 LEU 42 28  28 LEU LEU A . n 
A 1 43 ALA 43 29  29 ALA ALA A . n 
A 1 44 ASP 44 30  30 ASP ASP A . n 
A 1 45 ALA 45 31  31 ALA ALA A . n 
A 1 46 LYS 46 32  32 LYS LYS A . n 
A 1 47 ARG 47 33  33 ARG ARG A . n 
A 1 48 GLU 48 34  34 GLU GLU A . n 
A 1 49 ALA 49 35  35 ALA ALA A . n 
A 1 50 SER 50 36  36 SER SER A . n 
A 1 51 ARG 51 37  37 ARG ARG A . n 
A 1 52 ARG 52 38  38 ARG ARG A . n 
A 1 53 GLN 53 39  39 GLN GLN A . n 
A 1 54 CYS 54 40  40 CYS CYS A . n 
A 1 55 PHE 55 41  41 PHE PHE A . n 
A 1 56 GLN 56 42  42 GLN GLN A . n 
A 1 57 GLY 57 43  43 GLY GLY A . n 
A 1 58 THR 58 44  44 THR THR A . n 
A 1 59 THR 59 45  45 THR THR A . n 
A 1 60 LEU 60 46  46 LEU LEU A . n 
A 1 61 LYS 61 47  47 LYS LYS A . n 
A 1 62 ILE 62 48  48 ILE ILE A . n 
A 1 63 GLY 63 49  49 GLY GLY A . n 
A 1 64 THR 64 50  50 THR THR A . n 
A 1 65 ILE 65 51  51 ILE ILE A . n 
A 1 66 TYR 66 52  52 TYR TYR A . n 
A 1 67 SER 67 53  53 SER SER A . n 
A 1 68 LEU 68 54  54 LEU LEU A . n 
A 1 69 ASN 69 55  55 ASN ASN A . n 
A 1 70 SER 70 56  56 SER SER A . n 
A 1 71 ASP 71 57  57 ASP ASP A . n 
A 1 72 GLY 72 58  58 GLY GLY A . n 
A 1 73 LEU 73 59  59 LEU LEU A . n 
A 1 74 LEU 74 60  60 LEU LEU A . n 
A 1 75 VAL 75 61  61 VAL VAL A . n 
A 1 76 ASP 76 62  62 ASP ASP A . n 
A 1 77 GLU 77 63  63 GLU GLU A . n 
A 1 78 ILE 78 64  64 ILE ILE A . n 
A 1 79 THR 79 65  65 THR THR A . n 
A 1 80 SER 80 66  66 SER SER A . n 
A 1 81 LYS 81 67  67 LYS LYS A . n 
A 1 82 GLU 82 68  68 GLU GLU A . n 
A 1 83 ASP 83 69  69 ASP ASP A . n 
A 1 84 GLY 84 70  70 GLY GLY A . n 
A 1 85 LYS 85 71  71 LYS LYS A . n 
A 1 86 LYS 86 72  72 LYS LYS A . n 
A 1 87 TRP 87 73  73 TRP TRP A . n 
A 1 88 VAL 88 74  74 VAL VAL A . n 
A 1 89 ASP 89 75  75 ASP ASP A . n 
A 1 90 ARG 90 76  76 ARG ARG A . n 
A 1 91 TYR 91 77  77 TYR TYR A . n 
# 
loop_
_pdbx_nonpoly_scheme.asym_id 
_pdbx_nonpoly_scheme.entity_id 
_pdbx_nonpoly_scheme.mon_id 
_pdbx_nonpoly_scheme.ndb_seq_num 
_pdbx_nonpoly_scheme.pdb_seq_num 
_pdbx_nonpoly_scheme.auth_seq_num 
_pdbx_nonpoly_scheme.pdb_mon_id 
_pdbx_nonpoly_scheme.auth_mon_id 
_pdbx_nonpoly_scheme.pdb_strand_id 
_pdbx_nonpoly_scheme.pdb_ins_code 
B 2 HOH 1  101 32 HOH HOH A . 
B 2 HOH 2  102 10 HOH HOH A . 
B 2 HOH 3  103 27 HOH HOH A . 
B 2 HOH 4  104 13 HOH HOH A . 
B 2 HOH 5  105 28 HOH HOH A . 
B 2 HOH 6  106 11 HOH HOH A . 
B 2 HOH 7  107 8  HOH HOH A . 
B 2 HOH 8  108 12 HOH HOH A . 
B 2 HOH 9  109 25 HOH HOH A . 
B 2 HOH 10 110 4  HOH HOH A . 
B 2 HOH 11 111 22 HOH HOH A . 
B 2 HOH 12 112 33 HOH HOH A . 
B 2 HOH 13 113 18 HOH HOH A . 
B 2 HOH 14 114 3  HOH HOH A . 
B 2 HOH 15 115 23 HOH HOH A . 
B 2 HOH 16 116 7  HOH HOH A . 
B 2 HOH 17 117 14 HOH HOH A . 
B 2 HOH 18 118 16 HOH HOH A . 
B 2 HOH 19 119 21 HOH HOH A . 
B 2 HOH 20 120 9  HOH HOH A . 
B 2 HOH 21 121 6  HOH HOH A . 
B 2 HOH 22 122 19 HOH HOH A . 
B 2 HOH 23 123 39 HOH HOH A . 
B 2 HOH 24 124 5  HOH HOH A . 
B 2 HOH 25 125 29 HOH HOH A . 
B 2 HOH 26 126 24 HOH HOH A . 
B 2 HOH 27 127 1  HOH HOH A . 
B 2 HOH 28 128 37 HOH HOH A . 
B 2 HOH 29 129 35 HOH HOH A . 
B 2 HOH 30 130 26 HOH HOH A . 
B 2 HOH 31 131 38 HOH HOH A . 
B 2 HOH 32 132 31 HOH HOH A . 
B 2 HOH 33 133 15 HOH HOH A . 
B 2 HOH 34 134 34 HOH HOH A . 
B 2 HOH 35 135 2  HOH HOH A . 
B 2 HOH 36 136 40 HOH HOH A . 
B 2 HOH 37 137 30 HOH HOH A . 
B 2 HOH 38 138 20 HOH HOH A . 
B 2 HOH 39 139 36 HOH HOH A . 
B 2 HOH 40 140 17 HOH HOH A . 
# 
loop_
_pdbx_unobs_or_zero_occ_atoms.id 
_pdbx_unobs_or_zero_occ_atoms.PDB_model_num 
_pdbx_unobs_or_zero_occ_atoms.polymer_flag 
_pdbx_unobs_or_zero_occ_atoms.occupancy_flag 
_pdbx_unobs_or_zero_occ_atoms.auth_asym_id 
_pdbx_unobs_or_zero_occ_atoms.auth_comp_id 
_pdbx_unobs_or_zero_occ_atoms.auth_seq_id 
_pdbx_unobs_or_zero_occ_atoms.PDB_ins_code 
_pdbx_unobs_or_zero_occ_atoms.auth_atom_id 
_pdbx_unobs_or_zero_occ_atoms.label_alt_id 
_pdbx_unobs_or_zero_occ_atoms.label_asym_id 
_pdbx_unobs_or_zero_occ_atoms.label_comp_id 
_pdbx_unobs_or_zero_occ_atoms.label_seq_id 
_pdbx_unobs_or_zero_occ_atoms.label_atom_id 
1 1 Y 1 A THR 2 ? OG1 ? A THR 16 OG1 
2 1 Y 1 A THR 2 ? CG2 ? A THR 16 CG2 
# 
loop_
_software.citation_id 
_software.classification 
_software.compiler_name 
_software.compiler_version 
_software.contact_author 
_software.contact_author_email 
_software.date 
_software.description 
_software.dependencies 
_software.hardware 
_software.language 
_software.location 
_software.mods 
_software.name 
_software.os 
_software.os_version 
_software.type 
_software.version 
_software.pdbx_ordinal 
? 'data reduction'  ? ? ? ? ? ? ? ? ? ? ? XDS         ? ? ? .         1 
? 'data scaling'    ? ? ? ? ? ? ? ? ? ? ? SCALA       ? ? ? 3.3.20    2 
? phasing           ? ? ? ? ? ? ? ? ? ? ? MOLREP      ? ? ? 11.7.02   3 
? refinement        ? ? ? ? ? ? ? ? ? ? ? PHENIX      ? ? ? 1.12-2829 4 
? 'data extraction' ? ? ? ? ? ? ? ? ? ? ? PDB_EXTRACT ? ? ? 3.27      5 
# 
_cell.angle_alpha                  90.000 
_cell.angle_alpha_esd              ? 
_cell.angle_beta                   90.000 
_cell.angle_beta_esd               ? 
_cell.angle_gamma                  90.000 
_cell.angle_gamma_esd              ? 
_cell.entry_id                     7BB5 
_cell.details                      ? 
_cell.formula_units_Z              ? 
_cell.length_a                     77.285 
_cell.length_a_esd                 ? 
_cell.length_b                     77.285 
_cell.length_b_esd                 ? 
_cell.length_c                     75.663 
_cell.length_c_esd                 ? 
_cell.volume                       ? 
_cell.volume_esd                   ? 
_cell.Z_PDB                        16 
_cell.reciprocal_angle_alpha       ? 
_cell.reciprocal_angle_beta        ? 
_cell.reciprocal_angle_gamma       ? 
_cell.reciprocal_angle_alpha_esd   ? 
_cell.reciprocal_angle_beta_esd    ? 
_cell.reciprocal_angle_gamma_esd   ? 
_cell.reciprocal_length_a          ? 
_cell.reciprocal_length_b          ? 
_cell.reciprocal_length_c          ? 
_cell.reciprocal_length_a_esd      ? 
_cell.reciprocal_length_b_esd      ? 
_cell.reciprocal_length_c_esd      ? 
_cell.pdbx_unique_axis             ? 
# 
_symmetry.entry_id                         7BB5 
_symmetry.cell_setting                     ? 
_symmetry.Int_Tables_number                98 
_symmetry.space_group_name_Hall            ? 
_symmetry.space_group_name_H-M             'I 41 2 2' 
_symmetry.pdbx_full_space_group_name_H-M   ? 
# 
_exptl.absorpt_coefficient_mu     ? 
_exptl.absorpt_correction_T_max   ? 
_exptl.absorpt_correction_T_min   ? 
_exptl.absorpt_correction_type    ? 
_exptl.absorpt_process_details    ? 
_exptl.entry_id                   7BB5 
_exptl.crystals_number            1 
_exptl.details                    ? 
_exptl.method                     'X-RAY DIFFRACTION' 
_exptl.method_details             ? 
# 
_exptl_crystal.colour                      ? 
_exptl_crystal.density_diffrn              ? 
_exptl_crystal.density_Matthews            2.73 
_exptl_crystal.density_method              ? 
_exptl_crystal.density_percent_sol         55.01 
_exptl_crystal.description                 ? 
_exptl_crystal.F_000                       ? 
_exptl_crystal.id                          1 
_exptl_crystal.preparation                 ? 
_exptl_crystal.size_max                    ? 
_exptl_crystal.size_mid                    ? 
_exptl_crystal.size_min                    ? 
_exptl_crystal.size_rad                    ? 
_exptl_crystal.colour_lustre               ? 
_exptl_crystal.colour_modifier             ? 
_exptl_crystal.colour_primary              ? 
_exptl_crystal.density_meas                ? 
_exptl_crystal.density_meas_esd            ? 
_exptl_crystal.density_meas_gt             ? 
_exptl_crystal.density_meas_lt             ? 
_exptl_crystal.density_meas_temp           ? 
_exptl_crystal.density_meas_temp_esd       ? 
_exptl_crystal.density_meas_temp_gt        ? 
_exptl_crystal.density_meas_temp_lt        ? 
_exptl_crystal.pdbx_crystal_image_url      ? 
_exptl_crystal.pdbx_crystal_image_format   ? 
_exptl_crystal.pdbx_mosaicity              ? 
_exptl_crystal.pdbx_mosaicity_esd          ? 
# 
_exptl_crystal_grow.apparatus       ? 
_exptl_crystal_grow.atmosphere      ? 
_exptl_crystal_grow.crystal_id      1 
_exptl_crystal_grow.details         ? 
_exptl_crystal_grow.method          'VAPOR DIFFUSION, SITTING DROP' 
_exptl_crystal_grow.method_ref      ? 
_exptl_crystal_grow.pH              8.5 
_exptl_crystal_grow.pressure        ? 
_exptl_crystal_grow.pressure_esd    ? 
_exptl_crystal_grow.seeding         ? 
_exptl_crystal_grow.seeding_ref     ? 
_exptl_crystal_grow.temp            291 
_exptl_crystal_grow.temp_details    ? 
_exptl_crystal_grow.temp_esd        ? 
_exptl_crystal_grow.time            ? 
_exptl_crystal_grow.pdbx_details    'Crystallization buffer was 0.1 M Tris-HCl pH 8.5, 3.0M NaCl' 
_exptl_crystal_grow.pdbx_pH_range   ? 
# 
_diffrn.ambient_environment              ? 
_diffrn.ambient_temp                     100 
_diffrn.ambient_temp_details             ? 
_diffrn.ambient_temp_esd                 ? 
_diffrn.crystal_id                       1 
_diffrn.crystal_support                  ? 
_diffrn.crystal_treatment                ? 
_diffrn.details                          ? 
_diffrn.id                               1 
_diffrn.ambient_pressure                 ? 
_diffrn.ambient_pressure_esd             ? 
_diffrn.ambient_pressure_gt              ? 
_diffrn.ambient_pressure_lt              ? 
_diffrn.ambient_temp_gt                  ? 
_diffrn.ambient_temp_lt                  ? 
_diffrn.pdbx_serial_crystal_experiment   N 
# 
_diffrn_detector.details                      ? 
_diffrn_detector.detector                     PIXEL 
_diffrn_detector.diffrn_id                    1 
_diffrn_detector.type                         'PSI PILATUS 6M' 
_diffrn_detector.area_resol_mean              ? 
_diffrn_detector.dtime                        ? 
_diffrn_detector.pdbx_frames_total            ? 
_diffrn_detector.pdbx_collection_time_total   ? 
_diffrn_detector.pdbx_collection_date         2019-12-07 
_diffrn_detector.pdbx_frequency               ? 
# 
_diffrn_radiation.collimation                      ? 
_diffrn_radiation.diffrn_id                        1 
_diffrn_radiation.filter_edge                      ? 
_diffrn_radiation.inhomogeneity                    ? 
_diffrn_radiation.monochromator                    ? 
_diffrn_radiation.polarisn_norm                    ? 
_diffrn_radiation.polarisn_ratio                   ? 
_diffrn_radiation.probe                            ? 
_diffrn_radiation.type                             ? 
_diffrn_radiation.xray_symbol                      ? 
_diffrn_radiation.wavelength_id                    1 
_diffrn_radiation.pdbx_monochromatic_or_laue_m_l   M 
_diffrn_radiation.pdbx_wavelength_list             ? 
_diffrn_radiation.pdbx_wavelength                  ? 
_diffrn_radiation.pdbx_diffrn_protocol             'SINGLE WAVELENGTH' 
_diffrn_radiation.pdbx_analyzer                    ? 
_diffrn_radiation.pdbx_scattering_type             x-ray 
# 
_diffrn_radiation_wavelength.id           1 
_diffrn_radiation_wavelength.wavelength   0.976200 
_diffrn_radiation_wavelength.wt           1.0 
# 
_diffrn_source.current                     ? 
_diffrn_source.details                     ? 
_diffrn_source.diffrn_id                   1 
_diffrn_source.power                       ? 
_diffrn_source.size                        ? 
_diffrn_source.source                      SYNCHROTRON 
_diffrn_source.target                      ? 
_diffrn_source.type                        'PETRA III, EMBL c/o DESY BEAMLINE P13 (MX1)' 
_diffrn_source.voltage                     ? 
_diffrn_source.take-off_angle              ? 
_diffrn_source.pdbx_wavelength_list        0.976200 
_diffrn_source.pdbx_wavelength             ? 
_diffrn_source.pdbx_synchrotron_beamline   'P13 (MX1)' 
_diffrn_source.pdbx_synchrotron_site       'PETRA III, EMBL c/o DESY' 
# 
_reflns.B_iso_Wilson_estimate            31.590 
_reflns.entry_id                         7BB5 
_reflns.data_reduction_details           ? 
_reflns.data_reduction_method            ? 
_reflns.d_resolution_high                2.300 
_reflns.d_resolution_low                 54.649 
_reflns.details                          ? 
_reflns.limit_h_max                      ? 
_reflns.limit_h_min                      ? 
_reflns.limit_k_max                      ? 
_reflns.limit_k_min                      ? 
_reflns.limit_l_max                      ? 
_reflns.limit_l_min                      ? 
_reflns.number_all                       ? 
_reflns.number_obs                       5344 
_reflns.observed_criterion               ? 
_reflns.observed_criterion_F_max         ? 
_reflns.observed_criterion_F_min         ? 
_reflns.observed_criterion_I_max         ? 
_reflns.observed_criterion_I_min         ? 
_reflns.observed_criterion_sigma_F       ? 
_reflns.observed_criterion_sigma_I       ? 
_reflns.percent_possible_obs             99.900 
_reflns.R_free_details                   ? 
_reflns.Rmerge_F_all                     ? 
_reflns.Rmerge_F_obs                     ? 
_reflns.Friedel_coverage                 ? 
_reflns.number_gt                        ? 
_reflns.threshold_expression             ? 
_reflns.pdbx_redundancy                  24.900 
_reflns.pdbx_Rmerge_I_obs                ? 
_reflns.pdbx_Rmerge_I_all                ? 
_reflns.pdbx_Rsym_value                  0.141 
_reflns.pdbx_netI_over_av_sigmaI         2.200 
_reflns.pdbx_netI_over_sigmaI            17.400 
_reflns.pdbx_res_netI_over_av_sigmaI_2   ? 
_reflns.pdbx_res_netI_over_sigmaI_2      ? 
_reflns.pdbx_chi_squared                 ? 
_reflns.pdbx_scaling_rejects             ? 
_reflns.pdbx_d_res_high_opt              ? 
_reflns.pdbx_d_res_low_opt               ? 
_reflns.pdbx_d_res_opt_method            ? 
_reflns.phase_calculation_details        ? 
_reflns.pdbx_Rrim_I_all                  0.145 
_reflns.pdbx_Rpim_I_all                  0.030 
_reflns.pdbx_d_opt                       ? 
_reflns.pdbx_number_measured_all         ? 
_reflns.pdbx_diffrn_id                   1 
_reflns.pdbx_ordinal                     1 
_reflns.pdbx_CC_half                     ? 
_reflns.pdbx_CC_star                     ? 
_reflns.pdbx_R_split                     ? 
# 
loop_
_reflns_shell.d_res_high 
_reflns_shell.d_res_low 
_reflns_shell.meanI_over_sigI_all 
_reflns_shell.meanI_over_sigI_obs 
_reflns_shell.number_measured_all 
_reflns_shell.number_measured_obs 
_reflns_shell.number_possible 
_reflns_shell.number_unique_all 
_reflns_shell.number_unique_obs 
_reflns_shell.percent_possible_all 
_reflns_shell.percent_possible_obs 
_reflns_shell.Rmerge_F_all 
_reflns_shell.Rmerge_F_obs 
_reflns_shell.Rmerge_I_all 
_reflns_shell.Rmerge_I_obs 
_reflns_shell.meanI_over_sigI_gt 
_reflns_shell.meanI_over_uI_all 
_reflns_shell.meanI_over_uI_gt 
_reflns_shell.number_measured_gt 
_reflns_shell.number_unique_gt 
_reflns_shell.percent_possible_gt 
_reflns_shell.Rmerge_F_gt 
_reflns_shell.Rmerge_I_gt 
_reflns_shell.pdbx_redundancy 
_reflns_shell.pdbx_Rsym_value 
_reflns_shell.pdbx_chi_squared 
_reflns_shell.pdbx_netI_over_sigmaI_all 
_reflns_shell.pdbx_netI_over_sigmaI_obs 
_reflns_shell.pdbx_Rrim_I_all 
_reflns_shell.pdbx_Rpim_I_all 
_reflns_shell.pdbx_rejects 
_reflns_shell.pdbx_ordinal 
_reflns_shell.pdbx_diffrn_id 
_reflns_shell.pdbx_CC_half 
_reflns_shell.pdbx_CC_star 
_reflns_shell.pdbx_R_split 
2.300 2.420  ? 1.600 19637 ? ? ? 752 99.800  ? ? ? ? 0.461 ? ? ? ? ? ? ? ? 26.100 0.461 ? ? 9.300  0.474 0.091 ? 1  1 ? ? ? 
2.420 2.570  ? 2.100 17848 ? ? ? 723 99.900  ? ? ? ? 0.347 ? ? ? ? ? ? ? ? 24.700 0.347 ? ? 10.000 0.358 0.071 ? 2  1 ? ? ? 
2.570 2.750  ? 3.100 17124 ? ? ? 672 99.900  ? ? ? ? 0.230 ? ? ? ? ? ? ? ? 25.500 0.230 ? ? 13.000 0.237 0.046 ? 3  1 ? ? ? 
2.750 2.970  ? 4.600 16692 ? ? ? 634 100.000 ? ? ? ? 0.149 ? ? ? ? ? ? ? ? 26.300 0.149 ? ? 16.800 0.153 0.029 ? 4  1 ? ? ? 
2.970 3.250  ? 6.000 15015 ? ? ? 593 100.000 ? ? ? ? 0.107 ? ? ? ? ? ? ? ? 25.300 0.107 ? ? 19.700 0.110 0.022 ? 5  1 ? ? ? 
3.250 3.640  ? 4.000 12933 ? ? ? 536 100.000 ? ? ? ? 0.128 ? ? ? ? ? ? ? ? 24.100 0.128 ? ? 22.400 0.132 0.026 ? 6  1 ? ? ? 
3.640 4.200  ? 1.900 11623 ? ? ? 486 100.000 ? ? ? ? 0.223 ? ? ? ? ? ? ? ? 23.900 0.223 ? ? 23.600 0.229 0.047 ? 7  1 ? ? ? 
4.200 5.140  ? 8.200 9685  ? ? ? 413 100.000 ? ? ? ? 0.070 ? ? ? ? ? ? ? ? 23.500 0.070 ? ? 26.100 0.072 0.015 ? 8  1 ? ? ? 
5.140 7.270  ? 9.000 8083  ? ? ? 328 100.000 ? ? ? ? 0.065 ? ? ? ? ? ? ? ? 24.600 0.065 ? ? 26.300 0.067 0.014 ? 9  1 ? ? ? 
7.270 54.649 ? 4.900 4184  ? ? ? 207 100.000 ? ? ? ? 0.065 ? ? ? ? ? ? ? ? 20.200 0.065 ? ? 24.500 0.069 0.017 ? 10 1 ? ? ? 
# 
_refine.aniso_B[1][1]                            ? 
_refine.aniso_B[1][2]                            ? 
_refine.aniso_B[1][3]                            ? 
_refine.aniso_B[2][2]                            ? 
_refine.aniso_B[2][3]                            ? 
_refine.aniso_B[3][3]                            ? 
_refine.B_iso_max                                78.880 
_refine.B_iso_mean                               35.3774 
_refine.B_iso_min                                17.400 
_refine.correlation_coeff_Fo_to_Fc               ? 
_refine.correlation_coeff_Fo_to_Fc_free          ? 
_refine.details                                  ? 
_refine.diff_density_max                         ? 
_refine.diff_density_max_esd                     ? 
_refine.diff_density_min                         ? 
_refine.diff_density_min_esd                     ? 
_refine.diff_density_rms                         ? 
_refine.diff_density_rms_esd                     ? 
_refine.entry_id                                 7BB5 
_refine.pdbx_refine_id                           'X-RAY DIFFRACTION' 
_refine.ls_abs_structure_details                 ? 
_refine.ls_abs_structure_Flack                   ? 
_refine.ls_abs_structure_Flack_esd               ? 
_refine.ls_abs_structure_Rogers                  ? 
_refine.ls_abs_structure_Rogers_esd              ? 
_refine.ls_d_res_high                            2.3000 
_refine.ls_d_res_low                             54.6490 
_refine.ls_extinction_coef                       ? 
_refine.ls_extinction_coef_esd                   ? 
_refine.ls_extinction_expression                 ? 
_refine.ls_extinction_method                     ? 
_refine.ls_goodness_of_fit_all                   ? 
_refine.ls_goodness_of_fit_all_esd               ? 
_refine.ls_goodness_of_fit_obs                   ? 
_refine.ls_goodness_of_fit_obs_esd               ? 
_refine.ls_hydrogen_treatment                    ? 
_refine.ls_matrix_type                           ? 
_refine.ls_number_constraints                    ? 
_refine.ls_number_parameters                     ? 
_refine.ls_number_reflns_all                     ? 
_refine.ls_number_reflns_obs                     5322 
_refine.ls_number_reflns_R_free                  954 
_refine.ls_number_reflns_R_work                  8747 
_refine.ls_number_restraints                     ? 
_refine.ls_percent_reflns_obs                    99.6500 
_refine.ls_percent_reflns_R_free                 9.8300 
_refine.ls_R_factor_all                          ? 
_refine.ls_R_factor_obs                          0.1866 
_refine.ls_R_factor_R_free                       0.2227 
_refine.ls_R_factor_R_free_error                 ? 
_refine.ls_R_factor_R_free_error_details         ? 
_refine.ls_R_factor_R_work                       0.1827 
_refine.ls_R_Fsqd_factor_obs                     ? 
_refine.ls_R_I_factor_obs                        ? 
_refine.ls_redundancy_reflns_all                 ? 
_refine.ls_redundancy_reflns_obs                 ? 
_refine.ls_restrained_S_all                      ? 
_refine.ls_restrained_S_obs                      ? 
_refine.ls_shift_over_esd_max                    ? 
_refine.ls_shift_over_esd_mean                   ? 
_refine.ls_structure_factor_coef                 ? 
_refine.ls_weighting_details                     ? 
_refine.ls_weighting_scheme                      ? 
_refine.ls_wR_factor_all                         ? 
_refine.ls_wR_factor_obs                         ? 
_refine.ls_wR_factor_R_free                      ? 
_refine.ls_wR_factor_R_work                      ? 
_refine.occupancy_max                            ? 
_refine.occupancy_min                            ? 
_refine.solvent_model_details                    'FLAT BULK SOLVENT MODEL' 
_refine.solvent_model_param_bsol                 ? 
_refine.solvent_model_param_ksol                 ? 
_refine.pdbx_R_complete                          ? 
_refine.ls_R_factor_gt                           ? 
_refine.ls_goodness_of_fit_gt                    ? 
_refine.ls_goodness_of_fit_ref                   ? 
_refine.ls_shift_over_su_max                     ? 
_refine.ls_shift_over_su_max_lt                  ? 
_refine.ls_shift_over_su_mean                    ? 
_refine.ls_shift_over_su_mean_lt                 ? 
_refine.pdbx_ls_sigma_I                          ? 
_refine.pdbx_ls_sigma_F                          1.570 
_refine.pdbx_ls_sigma_Fsqd                       ? 
_refine.pdbx_data_cutoff_high_absF               ? 
_refine.pdbx_data_cutoff_high_rms_absF           ? 
_refine.pdbx_data_cutoff_low_absF                ? 
_refine.pdbx_isotropic_thermal_model             ? 
_refine.pdbx_ls_cross_valid_method               THROUGHOUT 
_refine.pdbx_method_to_determine_struct          'MOLECULAR REPLACEMENT' 
_refine.pdbx_starting_model                      6VQV_A 
_refine.pdbx_stereochemistry_target_values       ML 
_refine.pdbx_R_Free_selection_details            ? 
_refine.pdbx_stereochem_target_val_spec_case     ? 
_refine.pdbx_overall_ESU_R                       ? 
_refine.pdbx_overall_ESU_R_Free                  ? 
_refine.pdbx_solvent_vdw_probe_radii             1.1100 
_refine.pdbx_solvent_ion_probe_radii             ? 
_refine.pdbx_solvent_shrinkage_radii             0.9000 
_refine.pdbx_real_space_R                        ? 
_refine.pdbx_density_correlation                 ? 
_refine.pdbx_pd_number_of_powder_patterns        ? 
_refine.pdbx_pd_number_of_points                 ? 
_refine.pdbx_pd_meas_number_of_points            ? 
_refine.pdbx_pd_proc_ls_prof_R_factor            ? 
_refine.pdbx_pd_proc_ls_prof_wR_factor           ? 
_refine.pdbx_pd_Marquardt_correlation_coeff      ? 
_refine.pdbx_pd_Fsqrd_R_factor                   ? 
_refine.pdbx_pd_ls_matrix_band_width             ? 
_refine.pdbx_overall_phase_error                 20.4600 
_refine.pdbx_overall_SU_R_free_Cruickshank_DPI   ? 
_refine.pdbx_overall_SU_R_free_Blow_DPI          ? 
_refine.pdbx_overall_SU_R_Blow_DPI               ? 
_refine.pdbx_TLS_residual_ADP_flag               ? 
_refine.pdbx_diffrn_id                           1 
_refine.overall_SU_B                             ? 
_refine.overall_SU_ML                            0.2600 
_refine.overall_SU_R_Cruickshank_DPI             ? 
_refine.overall_SU_R_free                        ? 
_refine.overall_FOM_free_R_set                   ? 
_refine.overall_FOM_work_R_set                   ? 
_refine.pdbx_average_fsc_overall                 ? 
_refine.pdbx_average_fsc_work                    ? 
_refine.pdbx_average_fsc_free                    ? 
# 
_refine_hist.pdbx_refine_id                   'X-RAY DIFFRACTION' 
_refine_hist.cycle_id                         final 
_refine_hist.details                          ? 
_refine_hist.d_res_high                       2.3000 
_refine_hist.d_res_low                        54.6490 
_refine_hist.number_atoms_solvent             40 
_refine_hist.number_atoms_total               642 
_refine_hist.number_reflns_all                ? 
_refine_hist.number_reflns_obs                ? 
_refine_hist.number_reflns_R_free             ? 
_refine_hist.number_reflns_R_work             ? 
_refine_hist.R_factor_all                     ? 
_refine_hist.R_factor_obs                     ? 
_refine_hist.R_factor_R_free                  ? 
_refine_hist.R_factor_R_work                  ? 
_refine_hist.pdbx_number_residues_total       76 
_refine_hist.pdbx_B_iso_mean_ligand           ? 
_refine_hist.pdbx_B_iso_mean_solvent          40.03 
_refine_hist.pdbx_number_atoms_protein        602 
_refine_hist.pdbx_number_atoms_nucleic_acid   0 
_refine_hist.pdbx_number_atoms_ligand         0 
_refine_hist.pdbx_number_atoms_lipid          ? 
_refine_hist.pdbx_number_atoms_carb           ? 
_refine_hist.pdbx_pseudo_atom_details         ? 
# 
loop_
_refine_ls_restr.pdbx_refine_id 
_refine_ls_restr.criterion 
_refine_ls_restr.dev_ideal 
_refine_ls_restr.dev_ideal_target 
_refine_ls_restr.number 
_refine_ls_restr.rejects 
_refine_ls_restr.type 
_refine_ls_restr.weight 
_refine_ls_restr.pdbx_restraint_function 
'X-RAY DIFFRACTION' ? 0.003 ? 636 ? f_bond_d           ? ? 
'X-RAY DIFFRACTION' ? 0.479 ? 861 ? f_angle_d          ? ? 
'X-RAY DIFFRACTION' ? 0.032 ? 97  ? f_chiral_restr     ? ? 
'X-RAY DIFFRACTION' ? 0.002 ? 111 ? f_plane_restr      ? ? 
'X-RAY DIFFRACTION' ? 9.505 ? 386 ? f_dihedral_angle_d ? ? 
# 
loop_
_refine_ls_shell.pdbx_refine_id 
_refine_ls_shell.d_res_high 
_refine_ls_shell.d_res_low 
_refine_ls_shell.number_reflns_all 
_refine_ls_shell.number_reflns_obs 
_refine_ls_shell.number_reflns_R_free 
_refine_ls_shell.number_reflns_R_work 
_refine_ls_shell.percent_reflns_obs 
_refine_ls_shell.percent_reflns_R_free 
_refine_ls_shell.R_factor_all 
_refine_ls_shell.R_factor_obs 
_refine_ls_shell.R_factor_R_free 
_refine_ls_shell.R_factor_R_free_error 
_refine_ls_shell.R_factor_R_work 
_refine_ls_shell.redundancy_reflns_all 
_refine_ls_shell.redundancy_reflns_obs 
_refine_ls_shell.wR_factor_all 
_refine_ls_shell.wR_factor_obs 
_refine_ls_shell.wR_factor_R_free 
_refine_ls_shell.wR_factor_R_work 
_refine_ls_shell.pdbx_R_complete 
_refine_ls_shell.pdbx_total_number_of_bins_used 
_refine_ls_shell.pdbx_phase_error 
_refine_ls_shell.pdbx_fsc_work 
_refine_ls_shell.pdbx_fsc_free 
'X-RAY DIFFRACTION' 2.3000 2.4213  . . 124 1253 100.0000 . . . 0.2363 0.0000 0.1816 . . . . . . . . . . . 
'X-RAY DIFFRACTION' 2.4213 2.5730  . . 125 1270 100.0000 . . . 0.2724 0.0000 0.1942 . . . . . . . . . . . 
'X-RAY DIFFRACTION' 2.5730 2.7716  . . 170 1225 100.0000 . . . 0.2224 0.0000 0.1957 . . . . . . . . . . . 
'X-RAY DIFFRACTION' 2.7716 3.0505  . . 126 1247 100.0000 . . . 0.2344 0.0000 0.1860 . . . . . . . . . . . 
'X-RAY DIFFRACTION' 3.0505 3.4919  . . 136 1266 100.0000 . . . 0.2216 0.0000 0.1758 . . . . . . . . . . . 
'X-RAY DIFFRACTION' 3.4919 4.3991  . . 149 1211 98.0000  . . . 0.2121 0.0000 0.1804 . . . . . . . . . . . 
'X-RAY DIFFRACTION' 4.3991 54.6490 . . 124 1275 100.0000 . . . 0.2135 0.0000 0.1804 . . . . . . . . . . . 
# 
_struct.entry_id                     7BB5 
_struct.title                        'Crystal structure of anti-CRISPR protein AcrIF9' 
_struct.pdbx_model_details           ? 
_struct.pdbx_formula_weight          ? 
_struct.pdbx_formula_weight_method   ? 
_struct.pdbx_model_type_details      ? 
_struct.pdbx_CASP_flag               N 
# 
_struct_keywords.entry_id        7BB5 
_struct_keywords.text            'anti-CRISPR, AcrIF9, CRISPR-Cas, type IF, VIRAL PROTEIN' 
_struct_keywords.pdbx_keywords   'VIRAL PROTEIN' 
# 
loop_
_struct_asym.id 
_struct_asym.pdbx_blank_PDB_chainid_flag 
_struct_asym.pdbx_modified 
_struct_asym.entity_id 
_struct_asym.details 
A N N 1 ? 
B N N 2 ? 
# 
_struct_ref.id                         1 
_struct_ref.db_name                    UNP 
_struct_ref.db_code                    G4A6K5_AGGAC 
_struct_ref.pdbx_db_accession          G4A6K5 
_struct_ref.pdbx_db_isoform            ? 
_struct_ref.entity_id                  1 
_struct_ref.pdbx_seq_one_letter_code   MTNVVYYFTETNNINAYATAEALKAQTLADAKREASRRQCFQGTTLKIGTIYSLNSDGLLVDEITSKEDGKKWVDRY 
_struct_ref.pdbx_align_begin           1 
# 
_struct_ref_seq.align_id                      1 
_struct_ref_seq.ref_id                        1 
_struct_ref_seq.pdbx_PDB_id_code              7BB5 
_struct_ref_seq.pdbx_strand_id                A 
_struct_ref_seq.seq_align_beg                 15 
_struct_ref_seq.pdbx_seq_align_beg_ins_code   ? 
_struct_ref_seq.seq_align_end                 91 
_struct_ref_seq.pdbx_seq_align_end_ins_code   ? 
_struct_ref_seq.pdbx_db_accession             G4A6K5 
_struct_ref_seq.db_align_beg                  1 
_struct_ref_seq.pdbx_db_align_beg_ins_code    ? 
_struct_ref_seq.db_align_end                  77 
_struct_ref_seq.pdbx_db_align_end_ins_code    ? 
_struct_ref_seq.pdbx_auth_seq_align_beg       1 
_struct_ref_seq.pdbx_auth_seq_align_end       77 
# 
loop_
_struct_ref_seq_dif.align_id 
_struct_ref_seq_dif.pdbx_pdb_id_code 
_struct_ref_seq_dif.mon_id 
_struct_ref_seq_dif.pdbx_pdb_strand_id 
_struct_ref_seq_dif.seq_num 
_struct_ref_seq_dif.pdbx_pdb_ins_code 
_struct_ref_seq_dif.pdbx_seq_db_name 
_struct_ref_seq_dif.pdbx_seq_db_accession_code 
_struct_ref_seq_dif.db_mon_id 
_struct_ref_seq_dif.pdbx_seq_db_seq_num 
_struct_ref_seq_dif.details 
_struct_ref_seq_dif.pdbx_auth_seq_num 
_struct_ref_seq_dif.pdbx_ordinal 
1 7BB5 MET A 1  ? UNP G4A6K5 ? ? 'initiating methionine' -13 1  
1 7BB5 GLY A 2  ? UNP G4A6K5 ? ? 'expression tag'        -12 2  
1 7BB5 SER A 3  ? UNP G4A6K5 ? ? 'expression tag'        -11 3  
1 7BB5 SER A 4  ? UNP G4A6K5 ? ? 'expression tag'        -10 4  
1 7BB5 HIS A 5  ? UNP G4A6K5 ? ? 'expression tag'        -9  5  
1 7BB5 HIS A 6  ? UNP G4A6K5 ? ? 'expression tag'        -8  6  
1 7BB5 HIS A 7  ? UNP G4A6K5 ? ? 'expression tag'        -7  7  
1 7BB5 HIS A 8  ? UNP G4A6K5 ? ? 'expression tag'        -6  8  
1 7BB5 HIS A 9  ? UNP G4A6K5 ? ? 'expression tag'        -5  9  
1 7BB5 HIS A 10 ? UNP G4A6K5 ? ? 'expression tag'        -4  10 
1 7BB5 SER A 11 ? UNP G4A6K5 ? ? 'expression tag'        -3  11 
1 7BB5 GLN A 12 ? UNP G4A6K5 ? ? 'expression tag'        -2  12 
1 7BB5 ASP A 13 ? UNP G4A6K5 ? ? 'expression tag'        -1  13 
1 7BB5 PRO A 14 ? UNP G4A6K5 ? ? 'expression tag'        0   14 
# 
_pdbx_struct_assembly.id                   1 
_pdbx_struct_assembly.details              author_and_software_defined_assembly 
_pdbx_struct_assembly.method_details       PISA 
_pdbx_struct_assembly.oligomeric_details   monomeric 
_pdbx_struct_assembly.oligomeric_count     1 
# 
loop_
_pdbx_struct_assembly_prop.biol_id 
_pdbx_struct_assembly_prop.type 
_pdbx_struct_assembly_prop.value 
_pdbx_struct_assembly_prop.details 
1 'ABSA (A^2)' 0    ? 
1 MORE         0    ? 
1 'SSA (A^2)'  4900 ? 
# 
_pdbx_struct_assembly_gen.assembly_id       1 
_pdbx_struct_assembly_gen.oper_expression   1 
_pdbx_struct_assembly_gen.asym_id_list      A,B 
# 
_pdbx_struct_assembly_auth_evidence.id                     1 
_pdbx_struct_assembly_auth_evidence.assembly_id            1 
_pdbx_struct_assembly_auth_evidence.experimental_support   'gel filtration' 
_pdbx_struct_assembly_auth_evidence.details                ? 
# 
_pdbx_struct_oper_list.id                   1 
_pdbx_struct_oper_list.type                 'identity operation' 
_pdbx_struct_oper_list.name                 1_555 
_pdbx_struct_oper_list.symmetry_operation   x,y,z 
_pdbx_struct_oper_list.matrix[1][1]         1.0000000000 
_pdbx_struct_oper_list.matrix[1][2]         0.0000000000 
_pdbx_struct_oper_list.matrix[1][3]         0.0000000000 
_pdbx_struct_oper_list.vector[1]            0.0000000000 
_pdbx_struct_oper_list.matrix[2][1]         0.0000000000 
_pdbx_struct_oper_list.matrix[2][2]         1.0000000000 
_pdbx_struct_oper_list.matrix[2][3]         0.0000000000 
_pdbx_struct_oper_list.vector[2]            0.0000000000 
_pdbx_struct_oper_list.matrix[3][1]         0.0000000000 
_pdbx_struct_oper_list.matrix[3][2]         0.0000000000 
_pdbx_struct_oper_list.matrix[3][3]         1.0000000000 
_pdbx_struct_oper_list.vector[3]            0.0000000000 
# 
loop_
_struct_conf.conf_type_id 
_struct_conf.id 
_struct_conf.pdbx_PDB_helix_id 
_struct_conf.beg_label_comp_id 
_struct_conf.beg_label_asym_id 
_struct_conf.beg_label_seq_id 
_struct_conf.pdbx_beg_PDB_ins_code 
_struct_conf.end_label_comp_id 
_struct_conf.end_label_asym_id 
_struct_conf.end_label_seq_id 
_struct_conf.pdbx_end_PDB_ins_code 
_struct_conf.beg_auth_comp_id 
_struct_conf.beg_auth_asym_id 
_struct_conf.beg_auth_seq_id 
_struct_conf.end_auth_comp_id 
_struct_conf.end_auth_asym_id 
_struct_conf.end_auth_seq_id 
_struct_conf.pdbx_PDB_helix_class 
_struct_conf.details 
_struct_conf.pdbx_PDB_helix_length 
HELX_P HELX_P1 AA1 THR A 41 ? GLN A 53 ? THR A 27 GLN A 39 1 ? 13 
HELX_P HELX_P2 AA2 THR A 64 ? LEU A 68 ? THR A 50 LEU A 54 5 ? 5  
# 
_struct_conf_type.id          HELX_P 
_struct_conf_type.criteria    ? 
_struct_conf_type.reference   ? 
# 
_struct_sheet.id               AA1 
_struct_sheet.type             ? 
_struct_sheet.number_strands   5 
_struct_sheet.details          ? 
# 
loop_
_struct_sheet_order.sheet_id 
_struct_sheet_order.range_id_1 
_struct_sheet_order.range_id_2 
_struct_sheet_order.offset 
_struct_sheet_order.sense 
AA1 1 2 ? anti-parallel 
AA1 2 3 ? anti-parallel 
AA1 3 4 ? anti-parallel 
AA1 4 5 ? anti-parallel 
# 
loop_
_struct_sheet_range.sheet_id 
_struct_sheet_range.id 
_struct_sheet_range.beg_label_comp_id 
_struct_sheet_range.beg_label_asym_id 
_struct_sheet_range.beg_label_seq_id 
_struct_sheet_range.pdbx_beg_PDB_ins_code 
_struct_sheet_range.end_label_comp_id 
_struct_sheet_range.end_label_asym_id 
_struct_sheet_range.end_label_seq_id 
_struct_sheet_range.pdbx_end_PDB_ins_code 
_struct_sheet_range.beg_auth_comp_id 
_struct_sheet_range.beg_auth_asym_id 
_struct_sheet_range.beg_auth_seq_id 
_struct_sheet_range.end_auth_comp_id 
_struct_sheet_range.end_auth_asym_id 
_struct_sheet_range.end_auth_seq_id 
AA1 1 GLU A 35 ? ALA A 36 ? GLU A 21 ALA A 22 
AA1 2 TYR A 21 ? THR A 25 ? TYR A 7  THR A 11 
AA1 3 THR A 59 ? GLY A 63 ? THR A 45 GLY A 49 
AA1 4 THR A 79 ? LYS A 81 ? THR A 65 LYS A 67 
AA1 5 VAL A 88 ? ASP A 89 ? VAL A 74 ASP A 75 
# 
loop_
_pdbx_struct_sheet_hbond.sheet_id 
_pdbx_struct_sheet_hbond.range_id_1 
_pdbx_struct_sheet_hbond.range_id_2 
_pdbx_struct_sheet_hbond.range_1_label_atom_id 
_pdbx_struct_sheet_hbond.range_1_label_comp_id 
_pdbx_struct_sheet_hbond.range_1_label_asym_id 
_pdbx_struct_sheet_hbond.range_1_label_seq_id 
_pdbx_struct_sheet_hbond.range_1_PDB_ins_code 
_pdbx_struct_sheet_hbond.range_1_auth_atom_id 
_pdbx_struct_sheet_hbond.range_1_auth_comp_id 
_pdbx_struct_sheet_hbond.range_1_auth_asym_id 
_pdbx_struct_sheet_hbond.range_1_auth_seq_id 
_pdbx_struct_sheet_hbond.range_2_label_atom_id 
_pdbx_struct_sheet_hbond.range_2_label_comp_id 
_pdbx_struct_sheet_hbond.range_2_label_asym_id 
_pdbx_struct_sheet_hbond.range_2_label_seq_id 
_pdbx_struct_sheet_hbond.range_2_PDB_ins_code 
_pdbx_struct_sheet_hbond.range_2_auth_atom_id 
_pdbx_struct_sheet_hbond.range_2_auth_comp_id 
_pdbx_struct_sheet_hbond.range_2_auth_asym_id 
_pdbx_struct_sheet_hbond.range_2_auth_seq_id 
AA1 1 2 O GLU A 35 ? O GLU A 21 N PHE A 22 ? N PHE A 8  
AA1 2 3 N THR A 25 ? N THR A 11 O THR A 59 ? O THR A 45 
AA1 3 4 N ILE A 62 ? N ILE A 48 O THR A 79 ? O THR A 65 
AA1 4 5 N SER A 80 ? N SER A 66 O VAL A 88 ? O VAL A 74 
# 
_pdbx_struct_special_symmetry.id              1 
_pdbx_struct_special_symmetry.PDB_model_num   1 
_pdbx_struct_special_symmetry.auth_asym_id    A 
_pdbx_struct_special_symmetry.auth_comp_id    HOH 
_pdbx_struct_special_symmetry.auth_seq_id     127 
_pdbx_struct_special_symmetry.PDB_ins_code    ? 
_pdbx_struct_special_symmetry.label_asym_id   B 
_pdbx_struct_special_symmetry.label_comp_id   HOH 
_pdbx_struct_special_symmetry.label_seq_id    . 
# 
_pdbx_refine_tls.id               1 
_pdbx_refine_tls.pdbx_refine_id   'X-RAY DIFFRACTION' 
_pdbx_refine_tls.details          ? 
_pdbx_refine_tls.method           refined 
_pdbx_refine_tls.origin_x         -0.1261 
_pdbx_refine_tls.origin_y         -0.3357 
_pdbx_refine_tls.origin_z         -0.1048 
_pdbx_refine_tls.T[1][1]          0.1795 
_pdbx_refine_tls.T[1][1]_esd      ? 
_pdbx_refine_tls.T[1][2]          0.0164 
_pdbx_refine_tls.T[1][2]_esd      ? 
_pdbx_refine_tls.T[1][3]          0.0165 
_pdbx_refine_tls.T[1][3]_esd      ? 
_pdbx_refine_tls.T[2][2]          0.2695 
_pdbx_refine_tls.T[2][2]_esd      ? 
_pdbx_refine_tls.T[2][3]          0.0361 
_pdbx_refine_tls.T[2][3]_esd      ? 
_pdbx_refine_tls.T[3][3]          0.2435 
_pdbx_refine_tls.T[3][3]_esd      ? 
_pdbx_refine_tls.L[1][1]          5.3492 
_pdbx_refine_tls.L[1][1]_esd      ? 
_pdbx_refine_tls.L[1][2]          -1.1522 
_pdbx_refine_tls.L[1][2]_esd      ? 
_pdbx_refine_tls.L[1][3]          1.0132 
_pdbx_refine_tls.L[1][3]_esd      ? 
_pdbx_refine_tls.L[2][2]          2.8963 
_pdbx_refine_tls.L[2][2]_esd      ? 
_pdbx_refine_tls.L[2][3]          0.1421 
_pdbx_refine_tls.L[2][3]_esd      ? 
_pdbx_refine_tls.L[3][3]          3.1565 
_pdbx_refine_tls.L[3][3]_esd      ? 
_pdbx_refine_tls.S[1][1]          -0.1835 
_pdbx_refine_tls.S[1][1]_esd      ? 
_pdbx_refine_tls.S[1][2]          -0.3300 
_pdbx_refine_tls.S[1][2]_esd      ? 
_pdbx_refine_tls.S[1][3]          -0.2445 
_pdbx_refine_tls.S[1][3]_esd      ? 
_pdbx_refine_tls.S[2][1]          0.1831 
_pdbx_refine_tls.S[2][1]_esd      ? 
_pdbx_refine_tls.S[2][2]          0.0558 
_pdbx_refine_tls.S[2][2]_esd      ? 
_pdbx_refine_tls.S[2][3]          0.2731 
_pdbx_refine_tls.S[2][3]_esd      ? 
_pdbx_refine_tls.S[3][1]          0.1048 
_pdbx_refine_tls.S[3][1]_esd      ? 
_pdbx_refine_tls.S[3][2]          -0.2105 
_pdbx_refine_tls.S[3][2]_esd      ? 
_pdbx_refine_tls.S[3][3]          0.1268 
_pdbx_refine_tls.S[3][3]_esd      ? 
# 
_pdbx_refine_tls_group.id                  1 
_pdbx_refine_tls_group.pdbx_refine_id      'X-RAY DIFFRACTION' 
_pdbx_refine_tls_group.refine_tls_id       1 
_pdbx_refine_tls_group.beg_label_asym_id   ? 
_pdbx_refine_tls_group.beg_label_seq_id    ? 
_pdbx_refine_tls_group.beg_auth_asym_id    A 
_pdbx_refine_tls_group.beg_auth_seq_id     3 
_pdbx_refine_tls_group.beg_PDB_ins_code    ? 
_pdbx_refine_tls_group.end_label_asym_id   ? 
_pdbx_refine_tls_group.end_label_seq_id    ? 
_pdbx_refine_tls_group.end_auth_asym_id    A 
_pdbx_refine_tls_group.end_auth_seq_id     77 
_pdbx_refine_tls_group.end_PDB_ins_code    ? 
_pdbx_refine_tls_group.selection           ? 
_pdbx_refine_tls_group.selection_details   '(chain A and resid 3:77)' 
# 
_phasing.method   MR 
# 
loop_
_pdbx_unobs_or_zero_occ_residues.id 
_pdbx_unobs_or_zero_occ_residues.PDB_model_num 
_pdbx_unobs_or_zero_occ_residues.polymer_flag 
_pdbx_unobs_or_zero_occ_residues.occupancy_flag 
_pdbx_unobs_or_zero_occ_residues.auth_asym_id 
_pdbx_unobs_or_zero_occ_residues.auth_comp_id 
_pdbx_unobs_or_zero_occ_residues.auth_seq_id 
_pdbx_unobs_or_zero_occ_residues.PDB_ins_code 
_pdbx_unobs_or_zero_occ_residues.label_asym_id 
_pdbx_unobs_or_zero_occ_residues.label_comp_id 
_pdbx_unobs_or_zero_occ_residues.label_seq_id 
1  1 Y 1 A MET -13 ? A MET 1  
2  1 Y 1 A GLY -12 ? A GLY 2  
3  1 Y 1 A SER -11 ? A SER 3  
4  1 Y 1 A SER -10 ? A SER 4  
5  1 Y 1 A HIS -9  ? A HIS 5  
6  1 Y 1 A HIS -8  ? A HIS 6  
7  1 Y 1 A HIS -7  ? A HIS 7  
8  1 Y 1 A HIS -6  ? A HIS 8  
9  1 Y 1 A HIS -5  ? A HIS 9  
10 1 Y 1 A HIS -4  ? A HIS 10 
11 1 Y 1 A SER -3  ? A SER 11 
12 1 Y 1 A GLN -2  ? A GLN 12 
13 1 Y 1 A ASP -1  ? A ASP 13 
14 1 Y 1 A PRO 0   ? A PRO 14 
15 1 Y 1 A MET 1   ? A MET 15 
# 
loop_
_chem_comp_atom.comp_id 
_chem_comp_atom.atom_id 
_chem_comp_atom.type_symbol 
_chem_comp_atom.pdbx_aromatic_flag 
_chem_comp_atom.pdbx_stereo_config 
_chem_comp_atom.pdbx_ordinal 
ALA N    N N N 1   
ALA CA   C N S 2   
ALA C    C N N 3   
ALA O    O N N 4   
ALA CB   C N N 5   
ALA OXT  O N N 6   
ALA H    H N N 7   
ALA H2   H N N 8   
ALA HA   H N N 9   
ALA HB1  H N N 10  
ALA HB2  H N N 11  
ALA HB3  H N N 12  
ALA HXT  H N N 13  
ARG N    N N N 14  
ARG CA   C N S 15  
ARG C    C N N 16  
ARG O    O N N 17  
ARG CB   C N N 18  
ARG CG   C N N 19  
ARG CD   C N N 20  
ARG NE   N N N 21  
ARG CZ   C N N 22  
ARG NH1  N N N 23  
ARG NH2  N N N 24  
ARG OXT  O N N 25  
ARG H    H N N 26  
ARG H2   H N N 27  
ARG HA   H N N 28  
ARG HB2  H N N 29  
ARG HB3  H N N 30  
ARG HG2  H N N 31  
ARG HG3  H N N 32  
ARG HD2  H N N 33  
ARG HD3  H N N 34  
ARG HE   H N N 35  
ARG HH11 H N N 36  
ARG HH12 H N N 37  
ARG HH21 H N N 38  
ARG HH22 H N N 39  
ARG HXT  H N N 40  
ASN N    N N N 41  
ASN CA   C N S 42  
ASN C    C N N 43  
ASN O    O N N 44  
ASN CB   C N N 45  
ASN CG   C N N 46  
ASN OD1  O N N 47  
ASN ND2  N N N 48  
ASN OXT  O N N 49  
ASN H    H N N 50  
ASN H2   H N N 51  
ASN HA   H N N 52  
ASN HB2  H N N 53  
ASN HB3  H N N 54  
ASN HD21 H N N 55  
ASN HD22 H N N 56  
ASN HXT  H N N 57  
ASP N    N N N 58  
ASP CA   C N S 59  
ASP C    C N N 60  
ASP O    O N N 61  
ASP CB   C N N 62  
ASP CG   C N N 63  
ASP OD1  O N N 64  
ASP OD2  O N N 65  
ASP OXT  O N N 66  
ASP H    H N N 67  
ASP H2   H N N 68  
ASP HA   H N N 69  
ASP HB2  H N N 70  
ASP HB3  H N N 71  
ASP HD2  H N N 72  
ASP HXT  H N N 73  
CYS N    N N N 74  
CYS CA   C N R 75  
CYS C    C N N 76  
CYS O    O N N 77  
CYS CB   C N N 78  
CYS SG   S N N 79  
CYS OXT  O N N 80  
CYS H    H N N 81  
CYS H2   H N N 82  
CYS HA   H N N 83  
CYS HB2  H N N 84  
CYS HB3  H N N 85  
CYS HG   H N N 86  
CYS HXT  H N N 87  
GLN N    N N N 88  
GLN CA   C N S 89  
GLN C    C N N 90  
GLN O    O N N 91  
GLN CB   C N N 92  
GLN CG   C N N 93  
GLN CD   C N N 94  
GLN OE1  O N N 95  
GLN NE2  N N N 96  
GLN OXT  O N N 97  
GLN H    H N N 98  
GLN H2   H N N 99  
GLN HA   H N N 100 
GLN HB2  H N N 101 
GLN HB3  H N N 102 
GLN HG2  H N N 103 
GLN HG3  H N N 104 
GLN HE21 H N N 105 
GLN HE22 H N N 106 
GLN HXT  H N N 107 
GLU N    N N N 108 
GLU CA   C N S 109 
GLU C    C N N 110 
GLU O    O N N 111 
GLU CB   C N N 112 
GLU CG   C N N 113 
GLU CD   C N N 114 
GLU OE1  O N N 115 
GLU OE2  O N N 116 
GLU OXT  O N N 117 
GLU H    H N N 118 
GLU H2   H N N 119 
GLU HA   H N N 120 
GLU HB2  H N N 121 
GLU HB3  H N N 122 
GLU HG2  H N N 123 
GLU HG3  H N N 124 
GLU HE2  H N N 125 
GLU HXT  H N N 126 
GLY N    N N N 127 
GLY CA   C N N 128 
GLY C    C N N 129 
GLY O    O N N 130 
GLY OXT  O N N 131 
GLY H    H N N 132 
GLY H2   H N N 133 
GLY HA2  H N N 134 
GLY HA3  H N N 135 
GLY HXT  H N N 136 
HIS N    N N N 137 
HIS CA   C N S 138 
HIS C    C N N 139 
HIS O    O N N 140 
HIS CB   C N N 141 
HIS CG   C Y N 142 
HIS ND1  N Y N 143 
HIS CD2  C Y N 144 
HIS CE1  C Y N 145 
HIS NE2  N Y N 146 
HIS OXT  O N N 147 
HIS H    H N N 148 
HIS H2   H N N 149 
HIS HA   H N N 150 
HIS HB2  H N N 151 
HIS HB3  H N N 152 
HIS HD1  H N N 153 
HIS HD2  H N N 154 
HIS HE1  H N N 155 
HIS HE2  H N N 156 
HIS HXT  H N N 157 
HOH O    O N N 158 
HOH H1   H N N 159 
HOH H2   H N N 160 
ILE N    N N N 161 
ILE CA   C N S 162 
ILE C    C N N 163 
ILE O    O N N 164 
ILE CB   C N S 165 
ILE CG1  C N N 166 
ILE CG2  C N N 167 
ILE CD1  C N N 168 
ILE OXT  O N N 169 
ILE H    H N N 170 
ILE H2   H N N 171 
ILE HA   H N N 172 
ILE HB   H N N 173 
ILE HG12 H N N 174 
ILE HG13 H N N 175 
ILE HG21 H N N 176 
ILE HG22 H N N 177 
ILE HG23 H N N 178 
ILE HD11 H N N 179 
ILE HD12 H N N 180 
ILE HD13 H N N 181 
ILE HXT  H N N 182 
LEU N    N N N 183 
LEU CA   C N S 184 
LEU C    C N N 185 
LEU O    O N N 186 
LEU CB   C N N 187 
LEU CG   C N N 188 
LEU CD1  C N N 189 
LEU CD2  C N N 190 
LEU OXT  O N N 191 
LEU H    H N N 192 
LEU H2   H N N 193 
LEU HA   H N N 194 
LEU HB2  H N N 195 
LEU HB3  H N N 196 
LEU HG   H N N 197 
LEU HD11 H N N 198 
LEU HD12 H N N 199 
LEU HD13 H N N 200 
LEU HD21 H N N 201 
LEU HD22 H N N 202 
LEU HD23 H N N 203 
LEU HXT  H N N 204 
LYS N    N N N 205 
LYS CA   C N S 206 
LYS C    C N N 207 
LYS O    O N N 208 
LYS CB   C N N 209 
LYS CG   C N N 210 
LYS CD   C N N 211 
LYS CE   C N N 212 
LYS NZ   N N N 213 
LYS OXT  O N N 214 
LYS H    H N N 215 
LYS H2   H N N 216 
LYS HA   H N N 217 
LYS HB2  H N N 218 
LYS HB3  H N N 219 
LYS HG2  H N N 220 
LYS HG3  H N N 221 
LYS HD2  H N N 222 
LYS HD3  H N N 223 
LYS HE2  H N N 224 
LYS HE3  H N N 225 
LYS HZ1  H N N 226 
LYS HZ2  H N N 227 
LYS HZ3  H N N 228 
LYS HXT  H N N 229 
MET N    N N N 230 
MET CA   C N S 231 
MET C    C N N 232 
MET O    O N N 233 
MET CB   C N N 234 
MET CG   C N N 235 
MET SD   S N N 236 
MET CE   C N N 237 
MET OXT  O N N 238 
MET H    H N N 239 
MET H2   H N N 240 
MET HA   H N N 241 
MET HB2  H N N 242 
MET HB3  H N N 243 
MET HG2  H N N 244 
MET HG3  H N N 245 
MET HE1  H N N 246 
MET HE2  H N N 247 
MET HE3  H N N 248 
MET HXT  H N N 249 
PHE N    N N N 250 
PHE CA   C N S 251 
PHE C    C N N 252 
PHE O    O N N 253 
PHE CB   C N N 254 
PHE CG   C Y N 255 
PHE CD1  C Y N 256 
PHE CD2  C Y N 257 
PHE CE1  C Y N 258 
PHE CE2  C Y N 259 
PHE CZ   C Y N 260 
PHE OXT  O N N 261 
PHE H    H N N 262 
PHE H2   H N N 263 
PHE HA   H N N 264 
PHE HB2  H N N 265 
PHE HB3  H N N 266 
PHE HD1  H N N 267 
PHE HD2  H N N 268 
PHE HE1  H N N 269 
PHE HE2  H N N 270 
PHE HZ   H N N 271 
PHE HXT  H N N 272 
PRO N    N N N 273 
PRO CA   C N S 274 
PRO C    C N N 275 
PRO O    O N N 276 
PRO CB   C N N 277 
PRO CG   C N N 278 
PRO CD   C N N 279 
PRO OXT  O N N 280 
PRO H    H N N 281 
PRO HA   H N N 282 
PRO HB2  H N N 283 
PRO HB3  H N N 284 
PRO HG2  H N N 285 
PRO HG3  H N N 286 
PRO HD2  H N N 287 
PRO HD3  H N N 288 
PRO HXT  H N N 289 
SER N    N N N 290 
SER CA   C N S 291 
SER C    C N N 292 
SER O    O N N 293 
SER CB   C N N 294 
SER OG   O N N 295 
SER OXT  O N N 296 
SER H    H N N 297 
SER H2   H N N 298 
SER HA   H N N 299 
SER HB2  H N N 300 
SER HB3  H N N 301 
SER HG   H N N 302 
SER HXT  H N N 303 
THR N    N N N 304 
THR CA   C N S 305 
THR C    C N N 306 
THR O    O N N 307 
THR CB   C N R 308 
THR OG1  O N N 309 
THR CG2  C N N 310 
THR OXT  O N N 311 
THR H    H N N 312 
THR H2   H N N 313 
THR HA   H N N 314 
THR HB   H N N 315 
THR HG1  H N N 316 
THR HG21 H N N 317 
THR HG22 H N N 318 
THR HG23 H N N 319 
THR HXT  H N N 320 
TRP N    N N N 321 
TRP CA   C N S 322 
TRP C    C N N 323 
TRP O    O N N 324 
TRP CB   C N N 325 
TRP CG   C Y N 326 
TRP CD1  C Y N 327 
TRP CD2  C Y N 328 
TRP NE1  N Y N 329 
TRP CE2  C Y N 330 
TRP CE3  C Y N 331 
TRP CZ2  C Y N 332 
TRP CZ3  C Y N 333 
TRP CH2  C Y N 334 
TRP OXT  O N N 335 
TRP H    H N N 336 
TRP H2   H N N 337 
TRP HA   H N N 338 
TRP HB2  H N N 339 
TRP HB3  H N N 340 
TRP HD1  H N N 341 
TRP HE1  H N N 342 
TRP HE3  H N N 343 
TRP HZ2  H N N 344 
TRP HZ3  H N N 345 
TRP HH2  H N N 346 
TRP HXT  H N N 347 
TYR N    N N N 348 
TYR CA   C N S 349 
TYR C    C N N 350 
TYR O    O N N 351 
TYR CB   C N N 352 
TYR CG   C Y N 353 
TYR CD1  C Y N 354 
TYR CD2  C Y N 355 
TYR CE1  C Y N 356 
TYR CE2  C Y N 357 
TYR CZ   C Y N 358 
TYR OH   O N N 359 
TYR OXT  O N N 360 
TYR H    H N N 361 
TYR H2   H N N 362 
TYR HA   H N N 363 
TYR HB2  H N N 364 
TYR HB3  H N N 365 
TYR HD1  H N N 366 
TYR HD2  H N N 367 
TYR HE1  H N N 368 
TYR HE2  H N N 369 
TYR HH   H N N 370 
TYR HXT  H N N 371 
VAL N    N N N 372 
VAL CA   C N S 373 
VAL C    C N N 374 
VAL O    O N N 375 
VAL CB   C N N 376 
VAL CG1  C N N 377 
VAL CG2  C N N 378 
VAL OXT  O N N 379 
VAL H    H N N 380 
VAL H2   H N N 381 
VAL HA   H N N 382 
VAL HB   H N N 383 
VAL HG11 H N N 384 
VAL HG12 H N N 385 
VAL HG13 H N N 386 
VAL HG21 H N N 387 
VAL HG22 H N N 388 
VAL HG23 H N N 389 
VAL HXT  H N N 390 
# 
loop_
_chem_comp_bond.comp_id 
_chem_comp_bond.atom_id_1 
_chem_comp_bond.atom_id_2 
_chem_comp_bond.value_order 
_chem_comp_bond.pdbx_aromatic_flag 
_chem_comp_bond.pdbx_stereo_config 
_chem_comp_bond.pdbx_ordinal 
ALA N   CA   sing N N 1   
ALA N   H    sing N N 2   
ALA N   H2   sing N N 3   
ALA CA  C    sing N N 4   
ALA CA  CB   sing N N 5   
ALA CA  HA   sing N N 6   
ALA C   O    doub N N 7   
ALA C   OXT  sing N N 8   
ALA CB  HB1  sing N N 9   
ALA CB  HB2  sing N N 10  
ALA CB  HB3  sing N N 11  
ALA OXT HXT  sing N N 12  
ARG N   CA   sing N N 13  
ARG N   H    sing N N 14  
ARG N   H2   sing N N 15  
ARG CA  C    sing N N 16  
ARG CA  CB   sing N N 17  
ARG CA  HA   sing N N 18  
ARG C   O    doub N N 19  
ARG C   OXT  sing N N 20  
ARG CB  CG   sing N N 21  
ARG CB  HB2  sing N N 22  
ARG CB  HB3  sing N N 23  
ARG CG  CD   sing N N 24  
ARG CG  HG2  sing N N 25  
ARG CG  HG3  sing N N 26  
ARG CD  NE   sing N N 27  
ARG CD  HD2  sing N N 28  
ARG CD  HD3  sing N N 29  
ARG NE  CZ   sing N N 30  
ARG NE  HE   sing N N 31  
ARG CZ  NH1  sing N N 32  
ARG CZ  NH2  doub N N 33  
ARG NH1 HH11 sing N N 34  
ARG NH1 HH12 sing N N 35  
ARG NH2 HH21 sing N N 36  
ARG NH2 HH22 sing N N 37  
ARG OXT HXT  sing N N 38  
ASN N   CA   sing N N 39  
ASN N   H    sing N N 40  
ASN N   H2   sing N N 41  
ASN CA  C    sing N N 42  
ASN CA  CB   sing N N 43  
ASN CA  HA   sing N N 44  
ASN C   O    doub N N 45  
ASN C   OXT  sing N N 46  
ASN CB  CG   sing N N 47  
ASN CB  HB2  sing N N 48  
ASN CB  HB3  sing N N 49  
ASN CG  OD1  doub N N 50  
ASN CG  ND2  sing N N 51  
ASN ND2 HD21 sing N N 52  
ASN ND2 HD22 sing N N 53  
ASN OXT HXT  sing N N 54  
ASP N   CA   sing N N 55  
ASP N   H    sing N N 56  
ASP N   H2   sing N N 57  
ASP CA  C    sing N N 58  
ASP CA  CB   sing N N 59  
ASP CA  HA   sing N N 60  
ASP C   O    doub N N 61  
ASP C   OXT  sing N N 62  
ASP CB  CG   sing N N 63  
ASP CB  HB2  sing N N 64  
ASP CB  HB3  sing N N 65  
ASP CG  OD1  doub N N 66  
ASP CG  OD2  sing N N 67  
ASP OD2 HD2  sing N N 68  
ASP OXT HXT  sing N N 69  
CYS N   CA   sing N N 70  
CYS N   H    sing N N 71  
CYS N   H2   sing N N 72  
CYS CA  C    sing N N 73  
CYS CA  CB   sing N N 74  
CYS CA  HA   sing N N 75  
CYS C   O    doub N N 76  
CYS C   OXT  sing N N 77  
CYS CB  SG   sing N N 78  
CYS CB  HB2  sing N N 79  
CYS CB  HB3  sing N N 80  
CYS SG  HG   sing N N 81  
CYS OXT HXT  sing N N 82  
GLN N   CA   sing N N 83  
GLN N   H    sing N N 84  
GLN N   H2   sing N N 85  
GLN CA  C    sing N N 86  
GLN CA  CB   sing N N 87  
GLN CA  HA   sing N N 88  
GLN C   O    doub N N 89  
GLN C   OXT  sing N N 90  
GLN CB  CG   sing N N 91  
GLN CB  HB2  sing N N 92  
GLN CB  HB3  sing N N 93  
GLN CG  CD   sing N N 94  
GLN CG  HG2  sing N N 95  
GLN CG  HG3  sing N N 96  
GLN CD  OE1  doub N N 97  
GLN CD  NE2  sing N N 98  
GLN NE2 HE21 sing N N 99  
GLN NE2 HE22 sing N N 100 
GLN OXT HXT  sing N N 101 
GLU N   CA   sing N N 102 
GLU N   H    sing N N 103 
GLU N   H2   sing N N 104 
GLU CA  C    sing N N 105 
GLU CA  CB   sing N N 106 
GLU CA  HA   sing N N 107 
GLU C   O    doub N N 108 
GLU C   OXT  sing N N 109 
GLU CB  CG   sing N N 110 
GLU CB  HB2  sing N N 111 
GLU CB  HB3  sing N N 112 
GLU CG  CD   sing N N 113 
GLU CG  HG2  sing N N 114 
GLU CG  HG3  sing N N 115 
GLU CD  OE1  doub N N 116 
GLU CD  OE2  sing N N 117 
GLU OE2 HE2  sing N N 118 
GLU OXT HXT  sing N N 119 
GLY N   CA   sing N N 120 
GLY N   H    sing N N 121 
GLY N   H2   sing N N 122 
GLY CA  C    sing N N 123 
GLY CA  HA2  sing N N 124 
GLY CA  HA3  sing N N 125 
GLY C   O    doub N N 126 
GLY C   OXT  sing N N 127 
GLY OXT HXT  sing N N 128 
HIS N   CA   sing N N 129 
HIS N   H    sing N N 130 
HIS N   H2   sing N N 131 
HIS CA  C    sing N N 132 
HIS CA  CB   sing N N 133 
HIS CA  HA   sing N N 134 
HIS C   O    doub N N 135 
HIS C   OXT  sing N N 136 
HIS CB  CG   sing N N 137 
HIS CB  HB2  sing N N 138 
HIS CB  HB3  sing N N 139 
HIS CG  ND1  sing Y N 140 
HIS CG  CD2  doub Y N 141 
HIS ND1 CE1  doub Y N 142 
HIS ND1 HD1  sing N N 143 
HIS CD2 NE2  sing Y N 144 
HIS CD2 HD2  sing N N 145 
HIS CE1 NE2  sing Y N 146 
HIS CE1 HE1  sing N N 147 
HIS NE2 HE2  sing N N 148 
HIS OXT HXT  sing N N 149 
HOH O   H1   sing N N 150 
HOH O   H2   sing N N 151 
ILE N   CA   sing N N 152 
ILE N   H    sing N N 153 
ILE N   H2   sing N N 154 
ILE CA  C    sing N N 155 
ILE CA  CB   sing N N 156 
ILE CA  HA   sing N N 157 
ILE C   O    doub N N 158 
ILE C   OXT  sing N N 159 
ILE CB  CG1  sing N N 160 
ILE CB  CG2  sing N N 161 
ILE CB  HB   sing N N 162 
ILE CG1 CD1  sing N N 163 
ILE CG1 HG12 sing N N 164 
ILE CG1 HG13 sing N N 165 
ILE CG2 HG21 sing N N 166 
ILE CG2 HG22 sing N N 167 
ILE CG2 HG23 sing N N 168 
ILE CD1 HD11 sing N N 169 
ILE CD1 HD12 sing N N 170 
ILE CD1 HD13 sing N N 171 
ILE OXT HXT  sing N N 172 
LEU N   CA   sing N N 173 
LEU N   H    sing N N 174 
LEU N   H2   sing N N 175 
LEU CA  C    sing N N 176 
LEU CA  CB   sing N N 177 
LEU CA  HA   sing N N 178 
LEU C   O    doub N N 179 
LEU C   OXT  sing N N 180 
LEU CB  CG   sing N N 181 
LEU CB  HB2  sing N N 182 
LEU CB  HB3  sing N N 183 
LEU CG  CD1  sing N N 184 
LEU CG  CD2  sing N N 185 
LEU CG  HG   sing N N 186 
LEU CD1 HD11 sing N N 187 
LEU CD1 HD12 sing N N 188 
LEU CD1 HD13 sing N N 189 
LEU CD2 HD21 sing N N 190 
LEU CD2 HD22 sing N N 191 
LEU CD2 HD23 sing N N 192 
LEU OXT HXT  sing N N 193 
LYS N   CA   sing N N 194 
LYS N   H    sing N N 195 
LYS N   H2   sing N N 196 
LYS CA  C    sing N N 197 
LYS CA  CB   sing N N 198 
LYS CA  HA   sing N N 199 
LYS C   O    doub N N 200 
LYS C   OXT  sing N N 201 
LYS CB  CG   sing N N 202 
LYS CB  HB2  sing N N 203 
LYS CB  HB3  sing N N 204 
LYS CG  CD   sing N N 205 
LYS CG  HG2  sing N N 206 
LYS CG  HG3  sing N N 207 
LYS CD  CE   sing N N 208 
LYS CD  HD2  sing N N 209 
LYS CD  HD3  sing N N 210 
LYS CE  NZ   sing N N 211 
LYS CE  HE2  sing N N 212 
LYS CE  HE3  sing N N 213 
LYS NZ  HZ1  sing N N 214 
LYS NZ  HZ2  sing N N 215 
LYS NZ  HZ3  sing N N 216 
LYS OXT HXT  sing N N 217 
MET N   CA   sing N N 218 
MET N   H    sing N N 219 
MET N   H2   sing N N 220 
MET CA  C    sing N N 221 
MET CA  CB   sing N N 222 
MET CA  HA   sing N N 223 
MET C   O    doub N N 224 
MET C   OXT  sing N N 225 
MET CB  CG   sing N N 226 
MET CB  HB2  sing N N 227 
MET CB  HB3  sing N N 228 
MET CG  SD   sing N N 229 
MET CG  HG2  sing N N 230 
MET CG  HG3  sing N N 231 
MET SD  CE   sing N N 232 
MET CE  HE1  sing N N 233 
MET CE  HE2  sing N N 234 
MET CE  HE3  sing N N 235 
MET OXT HXT  sing N N 236 
PHE N   CA   sing N N 237 
PHE N   H    sing N N 238 
PHE N   H2   sing N N 239 
PHE CA  C    sing N N 240 
PHE CA  CB   sing N N 241 
PHE CA  HA   sing N N 242 
PHE C   O    doub N N 243 
PHE C   OXT  sing N N 244 
PHE CB  CG   sing N N 245 
PHE CB  HB2  sing N N 246 
PHE CB  HB3  sing N N 247 
PHE CG  CD1  doub Y N 248 
PHE CG  CD2  sing Y N 249 
PHE CD1 CE1  sing Y N 250 
PHE CD1 HD1  sing N N 251 
PHE CD2 CE2  doub Y N 252 
PHE CD2 HD2  sing N N 253 
PHE CE1 CZ   doub Y N 254 
PHE CE1 HE1  sing N N 255 
PHE CE2 CZ   sing Y N 256 
PHE CE2 HE2  sing N N 257 
PHE CZ  HZ   sing N N 258 
PHE OXT HXT  sing N N 259 
PRO N   CA   sing N N 260 
PRO N   CD   sing N N 261 
PRO N   H    sing N N 262 
PRO CA  C    sing N N 263 
PRO CA  CB   sing N N 264 
PRO CA  HA   sing N N 265 
PRO C   O    doub N N 266 
PRO C   OXT  sing N N 267 
PRO CB  CG   sing N N 268 
PRO CB  HB2  sing N N 269 
PRO CB  HB3  sing N N 270 
PRO CG  CD   sing N N 271 
PRO CG  HG2  sing N N 272 
PRO CG  HG3  sing N N 273 
PRO CD  HD2  sing N N 274 
PRO CD  HD3  sing N N 275 
PRO OXT HXT  sing N N 276 
SER N   CA   sing N N 277 
SER N   H    sing N N 278 
SER N   H2   sing N N 279 
SER CA  C    sing N N 280 
SER CA  CB   sing N N 281 
SER CA  HA   sing N N 282 
SER C   O    doub N N 283 
SER C   OXT  sing N N 284 
SER CB  OG   sing N N 285 
SER CB  HB2  sing N N 286 
SER CB  HB3  sing N N 287 
SER OG  HG   sing N N 288 
SER OXT HXT  sing N N 289 
THR N   CA   sing N N 290 
THR N   H    sing N N 291 
THR N   H2   sing N N 292 
THR CA  C    sing N N 293 
THR CA  CB   sing N N 294 
THR CA  HA   sing N N 295 
THR C   O    doub N N 296 
THR C   OXT  sing N N 297 
THR CB  OG1  sing N N 298 
THR CB  CG2  sing N N 299 
THR CB  HB   sing N N 300 
THR OG1 HG1  sing N N 301 
THR CG2 HG21 sing N N 302 
THR CG2 HG22 sing N N 303 
THR CG2 HG23 sing N N 304 
THR OXT HXT  sing N N 305 
TRP N   CA   sing N N 306 
TRP N   H    sing N N 307 
TRP N   H2   sing N N 308 
TRP CA  C    sing N N 309 
TRP CA  CB   sing N N 310 
TRP CA  HA   sing N N 311 
TRP C   O    doub N N 312 
TRP C   OXT  sing N N 313 
TRP CB  CG   sing N N 314 
TRP CB  HB2  sing N N 315 
TRP CB  HB3  sing N N 316 
TRP CG  CD1  doub Y N 317 
TRP CG  CD2  sing Y N 318 
TRP CD1 NE1  sing Y N 319 
TRP CD1 HD1  sing N N 320 
TRP CD2 CE2  doub Y N 321 
TRP CD2 CE3  sing Y N 322 
TRP NE1 CE2  sing Y N 323 
TRP NE1 HE1  sing N N 324 
TRP CE2 CZ2  sing Y N 325 
TRP CE3 CZ3  doub Y N 326 
TRP CE3 HE3  sing N N 327 
TRP CZ2 CH2  doub Y N 328 
TRP CZ2 HZ2  sing N N 329 
TRP CZ3 CH2  sing Y N 330 
TRP CZ3 HZ3  sing N N 331 
TRP CH2 HH2  sing N N 332 
TRP OXT HXT  sing N N 333 
TYR N   CA   sing N N 334 
TYR N   H    sing N N 335 
TYR N   H2   sing N N 336 
TYR CA  C    sing N N 337 
TYR CA  CB   sing N N 338 
TYR CA  HA   sing N N 339 
TYR C   O    doub N N 340 
TYR C   OXT  sing N N 341 
TYR CB  CG   sing N N 342 
TYR CB  HB2  sing N N 343 
TYR CB  HB3  sing N N 344 
TYR CG  CD1  doub Y N 345 
TYR CG  CD2  sing Y N 346 
TYR CD1 CE1  sing Y N 347 
TYR CD1 HD1  sing N N 348 
TYR CD2 CE2  doub Y N 349 
TYR CD2 HD2  sing N N 350 
TYR CE1 CZ   doub Y N 351 
TYR CE1 HE1  sing N N 352 
TYR CE2 CZ   sing Y N 353 
TYR CE2 HE2  sing N N 354 
TYR CZ  OH   sing N N 355 
TYR OH  HH   sing N N 356 
TYR OXT HXT  sing N N 357 
VAL N   CA   sing N N 358 
VAL N   H    sing N N 359 
VAL N   H2   sing N N 360 
VAL CA  C    sing N N 361 
VAL CA  CB   sing N N 362 
VAL CA  HA   sing N N 363 
VAL C   O    doub N N 364 
VAL C   OXT  sing N N 365 
VAL CB  CG1  sing N N 366 
VAL CB  CG2  sing N N 367 
VAL CB  HB   sing N N 368 
VAL CG1 HG11 sing N N 369 
VAL CG1 HG12 sing N N 370 
VAL CG1 HG13 sing N N 371 
VAL CG2 HG21 sing N N 372 
VAL CG2 HG22 sing N N 373 
VAL CG2 HG23 sing N N 374 
VAL OXT HXT  sing N N 375 
# 
_pdbx_audit_support.funding_organization   'Research Council of Lithuania' 
_pdbx_audit_support.country                Lithuania 
_pdbx_audit_support.grant_number           S-MIP-17-47 
_pdbx_audit_support.ordinal                1 
# 
_pdbx_initial_refinement_model.accession_code   6VQV 
_pdbx_initial_refinement_model.id               1 
_pdbx_initial_refinement_model.entity_id_list   ? 
_pdbx_initial_refinement_model.type             'experimental model' 
_pdbx_initial_refinement_model.source_name      PDB 
_pdbx_initial_refinement_model.details          6VQV_A 
# 
_atom_sites.entry_id                    7BB5 
_atom_sites.Cartn_transf_matrix[1][1]   ? 
_atom_sites.Cartn_transf_matrix[1][2]   ? 
_atom_sites.Cartn_transf_matrix[1][3]   ? 
_atom_sites.Cartn_transf_matrix[2][1]   ? 
_atom_sites.Cartn_transf_matrix[2][2]   ? 
_atom_sites.Cartn_transf_matrix[2][3]   ? 
_atom_sites.Cartn_transf_matrix[3][1]   ? 
_atom_sites.Cartn_transf_matrix[3][2]   ? 
_atom_sites.Cartn_transf_matrix[3][3]   ? 
_atom_sites.Cartn_transf_vector[1]      ? 
_atom_sites.Cartn_transf_vector[2]      ? 
_atom_sites.Cartn_transf_vector[3]      ? 
_atom_sites.fract_transf_matrix[1][1]   -0.00346312 
_atom_sites.fract_transf_matrix[1][2]   0.00997055 
_atom_sites.fract_transf_matrix[1][3]   0.00748415 
_atom_sites.fract_transf_matrix[2][1]   0.01213328 
_atom_sites.fract_transf_matrix[2][2]   0.00091052 
_atom_sites.fract_transf_matrix[2][3]   0.00440139 
_atom_sites.fract_transf_matrix[3][1]   0.00292630 
_atom_sites.fract_transf_matrix[3][2]   0.00837160 
_atom_sites.fract_transf_matrix[3][3]   -0.00979876 
_atom_sites.fract_transf_vector[1]      0.419959 
_atom_sites.fract_transf_vector[2]      0.141074 
_atom_sites.fract_transf_vector[3]      0.018618 
_atom_sites.solution_primary            ? 
_atom_sites.solution_secondary          ? 
_atom_sites.solution_hydrogens          ? 
_atom_sites.special_details             ? 
# 
loop_
_atom_type.symbol 
C 
N 
O 
S 
# 
loop_
_atom_site.group_PDB 
_atom_site.id 
_atom_site.type_symbol 
_atom_site.label_atom_id 
_atom_site.label_alt_id 
_atom_site.label_comp_id 
_atom_site.label_asym_id 
_atom_site.label_entity_id 
_atom_site.label_seq_id 
_atom_site.pdbx_PDB_ins_code 
_atom_site.Cartn_x 
_atom_site.Cartn_y 
_atom_site.Cartn_z 
_atom_site.occupancy 
_atom_site.B_iso_or_equiv 
_atom_site.pdbx_formal_charge 
_atom_site.auth_seq_id 
_atom_site.auth_comp_id 
_atom_site.auth_asym_id 
_atom_site.auth_atom_id 
_atom_site.pdbx_PDB_model_num 
ATOM   1   N N   . THR A 1 16 ? 2.149   18.135  -7.000  1.00 57.26 ? 2   THR A N   1 
ATOM   2   C CA  . THR A 1 16 ? 1.185   17.200  -7.573  1.00 59.77 ? 2   THR A CA  1 
ATOM   3   C C   . THR A 1 16 ? 0.121   16.742  -6.567  1.00 57.02 ? 2   THR A C   1 
ATOM   4   O O   . THR A 1 16 ? 0.302   16.856  -5.348  1.00 59.94 ? 2   THR A O   1 
ATOM   5   C CB  . THR A 1 16 ? 1.898   15.945  -8.141  1.00 58.58 ? 2   THR A CB  1 
ATOM   6   N N   . ASN A 1 17 ? -1.000  16.251  -7.091  1.00 78.88 ? 3   ASN A N   1 
ATOM   7   C CA  . ASN A 1 17 ? -2.063  15.754  -6.236  1.00 66.36 ? 3   ASN A CA  1 
ATOM   8   C C   . ASN A 1 17 ? -1.841  14.280  -5.925  1.00 55.21 ? 3   ASN A C   1 
ATOM   9   O O   . ASN A 1 17 ? -1.358  13.513  -6.765  1.00 54.38 ? 3   ASN A O   1 
ATOM   10  C CB  . ASN A 1 17 ? -3.425  15.962  -6.892  1.00 68.45 ? 3   ASN A CB  1 
ATOM   11  C CG  . ASN A 1 17 ? -3.598  15.137  -8.147  1.00 72.07 ? 3   ASN A CG  1 
ATOM   12  O OD1 . ASN A 1 17 ? -2.764  15.182  -9.044  1.00 77.69 ? 3   ASN A OD1 1 
ATOM   13  N ND2 . ASN A 1 17 ? -4.686  14.373  -8.214  1.00 69.26 ? 3   ASN A ND2 1 
ATOM   14  N N   . VAL A 1 18 ? -2.187  13.892  -4.704  1.00 48.51 ? 4   VAL A N   1 
ATOM   15  C CA  . VAL A 1 18 ? -1.933  12.549  -4.198  1.00 41.47 ? 4   VAL A CA  1 
ATOM   16  C C   . VAL A 1 18 ? -3.252  11.794  -4.176  1.00 38.23 ? 4   VAL A C   1 
ATOM   17  O O   . VAL A 1 18 ? -4.210  12.225  -3.525  1.00 41.02 ? 4   VAL A O   1 
ATOM   18  C CB  . VAL A 1 18 ? -1.297  12.597  -2.800  1.00 38.62 ? 4   VAL A CB  1 
ATOM   19  C CG1 . VAL A 1 18 ? -1.122  11.190  -2.229  1.00 37.05 ? 4   VAL A CG1 1 
ATOM   20  C CG2 . VAL A 1 18 ? 0.031   13.339  -2.859  1.00 38.90 ? 4   VAL A CG2 1 
ATOM   21  N N   . VAL A 1 19 ? -3.312  10.675  -4.893  1.00 34.50 ? 5   VAL A N   1 
ATOM   22  C CA  . VAL A 1 19 ? -4.500  9.834   -4.908  1.00 35.61 ? 5   VAL A CA  1 
ATOM   23  C C   . VAL A 1 19 ? -4.324  8.597   -4.035  1.00 31.40 ? 5   VAL A C   1 
ATOM   24  O O   . VAL A 1 19 ? -5.244  8.209   -3.316  1.00 32.10 ? 5   VAL A O   1 
ATOM   25  C CB  . VAL A 1 19 ? -4.868  9.442   -6.356  1.00 39.37 ? 5   VAL A CB  1 
ATOM   26  C CG1 . VAL A 1 19 ? -6.146  8.612   -6.376  1.00 40.92 ? 5   VAL A CG1 1 
ATOM   27  C CG2 . VAL A 1 19 ? -5.025  10.685  -7.219  1.00 43.96 ? 5   VAL A CG2 1 
ATOM   28  N N   . TYR A 1 20 ? -3.141  7.988   -4.069  1.00 24.47 ? 6   TYR A N   1 
ATOM   29  C CA  . TYR A 1 20 ? -2.897  6.714   -3.414  1.00 20.91 ? 6   TYR A CA  1 
ATOM   30  C C   . TYR A 1 20 ? -1.758  6.821   -2.406  1.00 20.88 ? 6   TYR A C   1 
ATOM   31  O O   . TYR A 1 20 ? -0.844  7.640   -2.547  1.00 21.87 ? 6   TYR A O   1 
ATOM   32  C CB  . TYR A 1 20 ? -2.584  5.627   -4.447  1.00 21.89 ? 6   TYR A CB  1 
ATOM   33  C CG  . TYR A 1 20 ? -3.745  5.354   -5.376  1.00 20.34 ? 6   TYR A CG  1 
ATOM   34  C CD1 . TYR A 1 20 ? -4.835  4.608   -4.949  1.00 20.38 ? 6   TYR A CD1 1 
ATOM   35  C CD2 . TYR A 1 20 ? -3.758  5.849   -6.676  1.00 23.56 ? 6   TYR A CD2 1 
ATOM   36  C CE1 . TYR A 1 20 ? -5.903  4.355   -5.788  1.00 21.27 ? 6   TYR A CE1 1 
ATOM   37  C CE2 . TYR A 1 20 ? -4.825  5.600   -7.525  1.00 25.72 ? 6   TYR A CE2 1 
ATOM   38  C CZ  . TYR A 1 20 ? -5.895  4.855   -7.073  1.00 24.31 ? 6   TYR A CZ  1 
ATOM   39  O OH  . TYR A 1 20 ? -6.959  4.607   -7.908  1.00 25.83 ? 6   TYR A OH  1 
ATOM   40  N N   . TYR A 1 21 ? -1.838  5.978   -1.379  1.00 19.50 ? 7   TYR A N   1 
ATOM   41  C CA  . TYR A 1 21 ? -0.839  5.877   -0.330  1.00 19.41 ? 7   TYR A CA  1 
ATOM   42  C C   . TYR A 1 21 ? -0.480  4.413   -0.146  1.00 24.05 ? 7   TYR A C   1 
ATOM   43  O O   . TYR A 1 21 ? -1.250  3.519   -0.503  1.00 24.27 ? 7   TYR A O   1 
ATOM   44  C CB  . TYR A 1 21 ? -1.343  6.442   1.006   1.00 21.99 ? 7   TYR A CB  1 
ATOM   45  C CG  . TYR A 1 21 ? -1.767  7.890   0.954   1.00 25.64 ? 7   TYR A CG  1 
ATOM   46  C CD1 . TYR A 1 21 ? -3.029  8.251   0.497   1.00 26.25 ? 7   TYR A CD1 1 
ATOM   47  C CD2 . TYR A 1 21 ? -0.907  8.896   1.372   1.00 27.73 ? 7   TYR A CD2 1 
ATOM   48  C CE1 . TYR A 1 21 ? -3.418  9.577   0.452   1.00 29.69 ? 7   TYR A CE1 1 
ATOM   49  C CE2 . TYR A 1 21 ? -1.284  10.219  1.329   1.00 30.83 ? 7   TYR A CE2 1 
ATOM   50  C CZ  . TYR A 1 21 ? -2.539  10.554  0.869   1.00 32.20 ? 7   TYR A CZ  1 
ATOM   51  O OH  . TYR A 1 21 ? -2.916  11.873  0.826   1.00 39.89 ? 7   TYR A OH  1 
ATOM   52  N N   . PHE A 1 22 ? 0.686   4.166   0.443   1.00 22.10 ? 8   PHE A N   1 
ATOM   53  C CA  . PHE A 1 22 ? 1.080   2.794   0.717   1.00 24.09 ? 8   PHE A CA  1 
ATOM   54  C C   . PHE A 1 22 ? 1.836   2.723   2.036   1.00 22.55 ? 8   PHE A C   1 
ATOM   55  O O   . PHE A 1 22 ? 2.311   3.733   2.560   1.00 22.33 ? 8   PHE A O   1 
ATOM   56  C CB  . PHE A 1 22 ? 1.929   2.220   -0.425  1.00 28.54 ? 8   PHE A CB  1 
ATOM   57  C CG  . PHE A 1 22 ? 3.402   2.382   -0.220  1.00 29.28 ? 8   PHE A CG  1 
ATOM   58  C CD1 . PHE A 1 22 ? 3.991   3.632   -0.301  1.00 29.78 ? 8   PHE A CD1 1 
ATOM   59  C CD2 . PHE A 1 22 ? 4.199   1.283   0.053   1.00 31.06 ? 8   PHE A CD2 1 
ATOM   60  C CE1 . PHE A 1 22 ? 5.352   3.783   -0.110  1.00 30.71 ? 8   PHE A CE1 1 
ATOM   61  C CE2 . PHE A 1 22 ? 5.560   1.426   0.246   1.00 29.41 ? 8   PHE A CE2 1 
ATOM   62  C CZ  . PHE A 1 22 ? 6.138   2.678   0.166   1.00 28.93 ? 8   PHE A CZ  1 
ATOM   63  N N   . THR A 1 23 ? 1.928   1.506   2.574   1.00 24.78 ? 9   THR A N   1 
ATOM   64  C CA  . THR A 1 23 ? 2.809   1.208   3.695   1.00 24.95 ? 9   THR A CA  1 
ATOM   65  C C   . THR A 1 23 ? 3.506   -0.123  3.446   1.00 23.04 ? 9   THR A C   1 
ATOM   66  O O   . THR A 1 23 ? 2.980   -1.004  2.758   1.00 21.08 ? 9   THR A O   1 
ATOM   67  C CB  . THR A 1 23 ? 2.068   1.143   5.045   1.00 27.87 ? 9   THR A CB  1 
ATOM   68  O OG1 . THR A 1 23 ? 1.063   0.123   5.002   1.00 30.67 ? 9   THR A OG1 1 
ATOM   69  C CG2 . THR A 1 23 ? 1.432   2.487   5.399   1.00 26.52 ? 9   THR A CG2 1 
ATOM   70  N N   . GLU A 1 24 ? 4.703   -0.254  4.012   1.00 22.07 ? 10  GLU A N   1 
ATOM   71  C CA  . GLU A 1 24 ? 5.442   -1.513  4.045   1.00 22.54 ? 10  GLU A CA  1 
ATOM   72  C C   . GLU A 1 24 ? 5.578   -1.922  5.506   1.00 25.10 ? 10  GLU A C   1 
ATOM   73  O O   . GLU A 1 24 ? 6.255   -1.239  6.282   1.00 27.83 ? 10  GLU A O   1 
ATOM   74  C CB  . GLU A 1 24 ? 6.816   -1.374  3.379   1.00 22.31 ? 10  GLU A CB  1 
ATOM   75  C CG  . GLU A 1 24 ? 7.636   -2.660  3.409   1.00 29.43 ? 10  GLU A CG  1 
ATOM   76  C CD  . GLU A 1 24 ? 9.037   -2.521  2.812   1.00 31.67 ? 10  GLU A CD  1 
ATOM   77  O OE1 . GLU A 1 24 ? 9.406   -1.412  2.368   1.00 32.06 ? 10  GLU A OE1 1 
ATOM   78  O OE2 . GLU A 1 24 ? 9.772   -3.534  2.790   1.00 32.34 ? 10  GLU A OE2 1 
ATOM   79  N N   . THR A 1 25 ? 4.934   -3.025  5.882   1.00 25.44 ? 11  THR A N   1 
ATOM   80  C CA  . THR A 1 25 ? 4.920   -3.493  7.262   1.00 30.18 ? 11  THR A CA  1 
ATOM   81  C C   . THR A 1 25 ? 5.363   -4.951  7.324   1.00 29.82 ? 11  THR A C   1 
ATOM   82  O O   . THR A 1 25 ? 5.455   -5.640  6.305   1.00 28.86 ? 11  THR A O   1 
ATOM   83  C CB  . THR A 1 25 ? 3.527   -3.341  7.890   1.00 33.61 ? 11  THR A CB  1 
ATOM   84  O OG1 . THR A 1 25 ? 2.568   -4.062  7.105   1.00 32.26 ? 11  THR A OG1 1 
ATOM   85  C CG2 . THR A 1 25 ? 3.127   -1.870  7.957   1.00 30.38 ? 11  THR A CG2 1 
ATOM   86  N N   . ASN A 1 26 ? 5.627   -5.425  8.546   1.00 32.92 ? 12  ASN A N   1 
ATOM   87  C CA  . ASN A 1 26 ? 6.106   -6.795  8.713   1.00 35.22 ? 12  ASN A CA  1 
ATOM   88  C C   . ASN A 1 26 ? 5.012   -7.823  8.432   1.00 37.79 ? 12  ASN A C   1 
ATOM   89  O O   . ASN A 1 26 ? 5.318   -8.962  8.058   1.00 39.87 ? 12  ASN A O   1 
ATOM   90  C CB  . ASN A 1 26 ? 6.681   -6.988  10.120  1.00 35.61 ? 12  ASN A CB  1 
ATOM   91  C CG  . ASN A 1 26 ? 8.169   -6.662  10.195  1.00 37.69 ? 12  ASN A CG  1 
ATOM   92  O OD1 . ASN A 1 26 ? 8.757   -6.168  9.233   1.00 30.67 ? 12  ASN A OD1 1 
ATOM   93  N ND2 . ASN A 1 26 ? 8.781   -6.942  11.341  1.00 40.29 ? 12  ASN A ND2 1 
ATOM   94  N N   . ASN A 1 27 ? 3.746   -7.452  8.603   1.00 34.66 ? 13  ASN A N   1 
ATOM   95  C CA  . ASN A 1 27 ? 2.640   -8.328  8.240   1.00 37.81 ? 13  ASN A CA  1 
ATOM   96  C C   . ASN A 1 27 ? 1.394   -7.476  8.037   1.00 38.05 ? 13  ASN A C   1 
ATOM   97  O O   . ASN A 1 27 ? 1.387   -6.273  8.306   1.00 36.54 ? 13  ASN A O   1 
ATOM   98  C CB  . ASN A 1 27 ? 2.400   -9.414  9.296   1.00 44.98 ? 13  ASN A CB  1 
ATOM   99  C CG  . ASN A 1 27 ? 1.931   -8.847  10.618  1.00 51.10 ? 13  ASN A CG  1 
ATOM   100 O OD1 . ASN A 1 27 ? 0.746   -8.575  10.803  1.00 52.97 ? 13  ASN A OD1 1 
ATOM   101 N ND2 . ASN A 1 27 ? 2.860   -8.672  11.551  1.00 52.68 ? 13  ASN A ND2 1 
ATOM   102 N N   . ILE A 1 28 ? 0.328   -8.128  7.566   1.00 40.30 ? 14  ILE A N   1 
ATOM   103 C CA  . ILE A 1 28 ? -0.876  -7.405  7.174   1.00 40.14 ? 14  ILE A CA  1 
ATOM   104 C C   . ILE A 1 28 ? -1.626  -6.838  8.376   1.00 39.12 ? 14  ILE A C   1 
ATOM   105 O O   . ILE A 1 28 ? -2.457  -5.936  8.212   1.00 37.78 ? 14  ILE A O   1 
ATOM   106 C CB  . ILE A 1 28 ? -1.785  -8.321  6.332   1.00 43.23 ? 14  ILE A CB  1 
ATOM   107 C CG1 . ILE A 1 28 ? -2.750  -7.489  5.482   1.00 45.92 ? 14  ILE A CG1 1 
ATOM   108 C CG2 . ILE A 1 28 ? -2.543  -9.300  7.225   1.00 45.21 ? 14  ILE A CG2 1 
ATOM   109 C CD1 . ILE A 1 28 ? -3.543  -8.306  4.478   1.00 49.78 ? 14  ILE A CD1 1 
ATOM   110 N N   . ASN A 1 29 ? -1.351  -7.326  9.584   1.00 40.94 ? 15  ASN A N   1 
ATOM   111 C CA  . ASN A 1 29 ? -2.019  -6.833  10.782  1.00 47.73 ? 15  ASN A CA  1 
ATOM   112 C C   . ASN A 1 29 ? -1.271  -5.692  11.461  1.00 50.63 ? 15  ASN A C   1 
ATOM   113 O O   . ASN A 1 29 ? -1.798  -5.108  12.414  1.00 55.75 ? 15  ASN A O   1 
ATOM   114 C CB  . ASN A 1 29 ? -2.225  -7.982  11.776  1.00 51.93 ? 15  ASN A CB  1 
ATOM   115 C CG  . ASN A 1 29 ? -3.064  -9.104  11.198  1.00 57.16 ? 15  ASN A CG  1 
ATOM   116 O OD1 . ASN A 1 29 ? -4.167  -8.876  10.703  1.00 58.90 ? 15  ASN A OD1 1 
ATOM   117 N ND2 . ASN A 1 29 ? -2.538  -10.321 11.242  1.00 61.98 ? 15  ASN A ND2 1 
ATOM   118 N N   . ALA A 1 30 ? -0.070  -5.361  11.000  1.00 47.64 ? 16  ALA A N   1 
ATOM   119 C CA  . ALA A 1 30 ? 0.668   -4.218  11.515  1.00 45.59 ? 16  ALA A CA  1 
ATOM   120 C C   . ALA A 1 30 ? 0.350   -2.976  10.693  1.00 43.21 ? 16  ALA A C   1 
ATOM   121 O O   . ALA A 1 30 ? 0.113   -3.050  9.484   1.00 41.95 ? 16  ALA A O   1 
ATOM   122 C CB  . ALA A 1 30 ? 2.173   -4.491  11.493  1.00 44.96 ? 16  ALA A CB  1 
ATOM   123 N N   . TYR A 1 31 ? 0.348   -1.826  11.359  1.00 42.23 ? 17  TYR A N   1 
ATOM   124 C CA  . TYR A 1 31 ? -0.013  -0.563  10.736  1.00 38.49 ? 17  TYR A CA  1 
ATOM   125 C C   . TYR A 1 31 ? 1.163   0.400   10.778  1.00 38.70 ? 17  TYR A C   1 
ATOM   126 O O   . TYR A 1 31 ? 2.014   0.330   11.669  1.00 42.30 ? 17  TYR A O   1 
ATOM   127 C CB  . TYR A 1 31 ? -1.227  0.063   11.428  1.00 39.85 ? 17  TYR A CB  1 
ATOM   128 C CG  . TYR A 1 31 ? -2.434  -0.843  11.434  1.00 41.55 ? 17  TYR A CG  1 
ATOM   129 C CD1 . TYR A 1 31 ? -3.281  -0.906  10.339  1.00 39.92 ? 17  TYR A CD1 1 
ATOM   130 C CD2 . TYR A 1 31 ? -2.718  -1.648  12.530  1.00 47.07 ? 17  TYR A CD2 1 
ATOM   131 C CE1 . TYR A 1 31 ? -4.380  -1.735  10.335  1.00 44.12 ? 17  TYR A CE1 1 
ATOM   132 C CE2 . TYR A 1 31 ? -3.816  -2.481  12.535  1.00 49.79 ? 17  TYR A CE2 1 
ATOM   133 C CZ  . TYR A 1 31 ? -4.644  -2.521  11.436  1.00 50.07 ? 17  TYR A CZ  1 
ATOM   134 O OH  . TYR A 1 31 ? -5.741  -3.350  11.434  1.00 56.74 ? 17  TYR A OH  1 
ATOM   135 N N   . ALA A 1 32 ? 1.206   1.303   9.802   1.00 33.04 ? 18  ALA A N   1 
ATOM   136 C CA  . ALA A 1 32 ? 2.250   2.315   9.756   1.00 30.94 ? 18  ALA A CA  1 
ATOM   137 C C   . ALA A 1 32 ? 1.689   3.577   9.121   1.00 30.68 ? 18  ALA A C   1 
ATOM   138 O O   . ALA A 1 32 ? 0.613   3.568   8.516   1.00 26.95 ? 18  ALA A O   1 
ATOM   139 C CB  . ALA A 1 32 ? 3.482   1.823   8.985   1.00 26.58 ? 18  ALA A CB  1 
ATOM   140 N N   . THR A 1 33 ? 2.432   4.670   9.276   1.00 34.69 ? 19  THR A N   1 
ATOM   141 C CA  . THR A 1 33 ? 2.039   5.935   8.672   1.00 37.87 ? 19  THR A CA  1 
ATOM   142 C C   . THR A 1 33 ? 2.069   5.818   7.153   1.00 34.38 ? 19  THR A C   1 
ATOM   143 O O   . THR A 1 33 ? 3.019   5.280   6.575   1.00 31.97 ? 19  THR A O   1 
ATOM   144 C CB  . THR A 1 33 ? 2.966   7.057   9.140   1.00 40.76 ? 19  THR A CB  1 
ATOM   145 O OG1 . THR A 1 33 ? 3.102   6.997   10.566  1.00 45.31 ? 19  THR A OG1 1 
ATOM   146 C CG2 . THR A 1 33 ? 2.400   8.420   8.749   1.00 38.74 ? 19  THR A CG2 1 
ATOM   147 N N   . ALA A 1 34 ? 1.019   6.315   6.507   1.00 32.65 ? 20  ALA A N   1 
ATOM   148 C CA  . ALA A 1 34 ? 0.915   6.203   5.060   1.00 29.07 ? 20  ALA A CA  1 
ATOM   149 C C   . ALA A 1 34 ? 1.953   7.078   4.374   1.00 28.73 ? 20  ALA A C   1 
ATOM   150 O O   . ALA A 1 34 ? 2.265   8.179   4.834   1.00 30.18 ? 20  ALA A O   1 
ATOM   151 C CB  . ALA A 1 34 ? -0.481  6.600   4.594   1.00 27.17 ? 20  ALA A CB  1 
ATOM   152 N N   . GLU A 1 35 ? 2.487   6.582   3.262   1.00 27.92 ? 21  GLU A N   1 
ATOM   153 C CA  . GLU A 1 35 ? 3.404   7.339   2.423   1.00 29.00 ? 21  GLU A CA  1 
ATOM   154 C C   . GLU A 1 35 ? 2.740   7.591   1.081   1.00 24.49 ? 21  GLU A C   1 
ATOM   155 O O   . GLU A 1 35 ? 2.158   6.673   0.492   1.00 24.79 ? 21  GLU A O   1 
ATOM   156 C CB  . GLU A 1 35 ? 4.731   6.602   2.235   1.00 31.63 ? 21  GLU A CB  1 
ATOM   157 C CG  . GLU A 1 35 ? 5.513   6.430   3.519   1.00 43.27 ? 21  GLU A CG  1 
ATOM   158 C CD  . GLU A 1 35 ? 6.766   5.601   3.332   1.00 51.70 ? 21  GLU A CD  1 
ATOM   159 O OE1 . GLU A 1 35 ? 7.372   5.669   2.240   1.00 53.74 ? 21  GLU A OE1 1 
ATOM   160 O OE2 . GLU A 1 35 ? 7.143   4.877   4.279   1.00 55.62 ? 21  GLU A OE2 1 
ATOM   161 N N   . ALA A 1 36 ? 2.826   8.827   0.606   1.00 25.63 ? 22  ALA A N   1 
ATOM   162 C CA  . ALA A 1 36 ? 2.196   9.194   -0.654  1.00 27.35 ? 22  ALA A CA  1 
ATOM   163 C C   . ALA A 1 36 ? 2.899   8.528   -1.831  1.00 28.95 ? 22  ALA A C   1 
ATOM   164 O O   . ALA A 1 36 ? 4.126   8.398   -1.855  1.00 30.30 ? 22  ALA A O   1 
ATOM   165 C CB  . ALA A 1 36 ? 2.210   10.712  -0.828  1.00 26.87 ? 22  ALA A CB  1 
ATOM   166 N N   . LEU A 1 37 ? 2.108   8.093   -2.801  1.00 30.82 ? 23  LEU A N   1 
ATOM   167 C CA  . LEU A 1 37 ? 2.599   7.629   -4.089  1.00 32.44 ? 23  LEU A CA  1 
ATOM   168 C C   . LEU A 1 37 ? 2.406   8.723   -5.136  1.00 32.56 ? 23  LEU A C   1 
ATOM   169 O O   . LEU A 1 37 ? 1.560   9.608   -4.991  1.00 30.85 ? 23  LEU A O   1 
ATOM   170 C CB  . LEU A 1 37 ? 1.871   6.351   -4.525  1.00 26.59 ? 23  LEU A CB  1 
ATOM   171 C CG  . LEU A 1 37 ? 2.082   5.098   -3.669  1.00 23.55 ? 23  LEU A CG  1 
ATOM   172 C CD1 . LEU A 1 37 ? 1.111   3.995   -4.061  1.00 18.36 ? 23  LEU A CD1 1 
ATOM   173 C CD2 . LEU A 1 37 ? 3.515   4.609   -3.796  1.00 24.37 ? 23  LEU A CD2 1 
ATOM   174 N N   . LYS A 1 38 ? 3.218   8.662   -6.192  1.00 33.40 ? 24  LYS A N   1 
ATOM   175 C CA  . LYS A 1 38 ? 3.050   9.556   -7.332  1.00 35.98 ? 24  LYS A CA  1 
ATOM   176 C C   . LYS A 1 38 ? 2.054   9.025   -8.352  1.00 32.12 ? 24  LYS A C   1 
ATOM   177 O O   . LYS A 1 38 ? 1.608   9.787   -9.217  1.00 33.54 ? 24  LYS A O   1 
ATOM   178 C CB  . LYS A 1 38 ? 4.391   9.803   -8.033  1.00 36.26 ? 24  LYS A CB  1 
ATOM   179 C CG  . LYS A 1 38 ? 5.485   10.369  -7.141  1.00 39.16 ? 24  LYS A CG  1 
ATOM   180 C CD  . LYS A 1 38 ? 6.748   10.644  -7.944  1.00 41.93 ? 24  LYS A CD  1 
ATOM   181 C CE  . LYS A 1 38 ? 7.964   10.770  -7.043  1.00 43.06 ? 24  LYS A CE  1 
ATOM   182 N NZ  . LYS A 1 38 ? 7.742   11.780  -5.978  1.00 44.53 ? 24  LYS A NZ  1 
ATOM   183 N N   . ALA A 1 39 ? 1.697   7.749   -8.272  1.00 27.93 ? 25  ALA A N   1 
ATOM   184 C CA  . ALA A 1 39 ? 0.807   7.152   -9.254  1.00 28.13 ? 25  ALA A CA  1 
ATOM   185 C C   . ALA A 1 39 ? -0.576  7.795   -9.213  1.00 27.11 ? 25  ALA A C   1 
ATOM   186 O O   . ALA A 1 39 ? -1.051  8.242   -8.165  1.00 26.51 ? 25  ALA A O   1 
ATOM   187 C CB  . ALA A 1 39 ? 0.684   5.655   -9.006  1.00 28.50 ? 25  ALA A CB  1 
ATOM   188 N N   . GLN A 1 40 ? -1.225  7.832   -10.379 1.00 29.66 ? 26  GLN A N   1 
ATOM   189 C CA  . GLN A 1 40 ? -2.575  8.362   -10.512 1.00 35.14 ? 26  GLN A CA  1 
ATOM   190 C C   . GLN A 1 40 ? -3.613  7.291   -10.822 1.00 36.20 ? 26  GLN A C   1 
ATOM   191 O O   . GLN A 1 40 ? -4.812  7.590   -10.792 1.00 38.96 ? 26  GLN A O   1 
ATOM   192 C CB  . GLN A 1 40 ? -2.623  9.437   -11.609 1.00 39.05 ? 26  GLN A CB  1 
ATOM   193 C CG  . GLN A 1 40 ? -1.629  10.575  -11.420 1.00 40.75 ? 26  GLN A CG  1 
ATOM   194 C CD  . GLN A 1 40 ? -1.959  11.453  -10.227 1.00 43.03 ? 26  GLN A CD  1 
ATOM   195 O OE1 . GLN A 1 40 ? -3.035  12.045  -10.155 1.00 46.99 ? 26  GLN A OE1 1 
ATOM   196 N NE2 . GLN A 1 40 ? -1.030  11.538  -9.281  1.00 38.58 ? 26  GLN A NE2 1 
ATOM   197 N N   . THR A 1 41 ? -3.191  6.071   -11.137 1.00 32.45 ? 27  THR A N   1 
ATOM   198 C CA  . THR A 1 41 ? -4.096  4.949   -11.331 1.00 33.09 ? 27  THR A CA  1 
ATOM   199 C C   . THR A 1 41 ? -3.679  3.811   -10.411 1.00 29.94 ? 27  THR A C   1 
ATOM   200 O O   . THR A 1 41 ? -2.539  3.752   -9.940  1.00 29.36 ? 27  THR A O   1 
ATOM   201 C CB  . THR A 1 41 ? -4.113  4.463   -12.793 1.00 35.15 ? 27  THR A CB  1 
ATOM   202 O OG1 . THR A 1 41 ? -2.852  3.867   -13.122 1.00 33.60 ? 27  THR A OG1 1 
ATOM   203 C CG2 . THR A 1 41 ? -4.389  5.619   -13.749 1.00 36.56 ? 27  THR A CG2 1 
ATOM   204 N N   . LEU A 1 42 ? -4.619  2.900   -10.153 1.00 27.66 ? 28  LEU A N   1 
ATOM   205 C CA  . LEU A 1 42 ? -4.327  1.788   -9.258  1.00 24.35 ? 28  LEU A CA  1 
ATOM   206 C C   . LEU A 1 42 ? -3.234  0.891   -9.825  1.00 22.85 ? 28  LEU A C   1 
ATOM   207 O O   . LEU A 1 42 ? -2.329  0.474   -9.093  1.00 26.86 ? 28  LEU A O   1 
ATOM   208 C CB  . LEU A 1 42 ? -5.594  0.980   -8.984  1.00 25.30 ? 28  LEU A CB  1 
ATOM   209 C CG  . LEU A 1 42 ? -5.425  -0.173  -7.989  1.00 23.77 ? 28  LEU A CG  1 
ATOM   210 C CD1 . LEU A 1 42 ? -4.837  0.330   -6.680  1.00 21.43 ? 28  LEU A CD1 1 
ATOM   211 C CD2 . LEU A 1 42 ? -6.754  -0.884  -7.751  1.00 24.93 ? 28  LEU A CD2 1 
ATOM   212 N N   . ALA A 1 43 ? -3.297  0.588   -11.124 1.00 22.50 ? 29  ALA A N   1 
ATOM   213 C CA  . ALA A 1 43 ? -2.274  -0.254  -11.739 1.00 25.15 ? 29  ALA A CA  1 
ATOM   214 C C   . ALA A 1 43 ? -0.889  0.375   -11.617 1.00 25.36 ? 29  ALA A C   1 
ATOM   215 O O   . ALA A 1 43 ? 0.099   -0.326  -11.374 1.00 26.43 ? 29  ALA A O   1 
ATOM   216 C CB  . ALA A 1 43 ? -2.620  -0.519  -13.203 1.00 25.39 ? 29  ALA A CB  1 
ATOM   217 N N   . ASP A 1 44 ? -0.794  1.695   -11.783 1.00 26.29 ? 30  ASP A N   1 
ATOM   218 C CA  . ASP A 1 44 ? 0.487   2.360   -11.569 1.00 25.59 ? 30  ASP A CA  1 
ATOM   219 C C   . ASP A 1 44 ? 0.871   2.346   -10.096 1.00 23.29 ? 30  ASP A C   1 
ATOM   220 O O   . ASP A 1 44 ? 2.055   2.223   -9.759  1.00 25.03 ? 30  ASP A O   1 
ATOM   221 C CB  . ASP A 1 44 ? 0.433   3.793   -12.094 1.00 32.04 ? 30  ASP A CB  1 
ATOM   222 C CG  . ASP A 1 44 ? 0.271   3.858   -13.600 1.00 38.48 ? 30  ASP A CG  1 
ATOM   223 O OD1 . ASP A 1 44 ? 0.763   2.944   -14.298 1.00 40.23 ? 30  ASP A OD1 1 
ATOM   224 O OD2 . ASP A 1 44 ? -0.347  4.830   -14.084 1.00 40.93 ? 30  ASP A OD2 1 
ATOM   225 N N   . ALA A 1 45 ? -0.117  2.471   -9.205  1.00 22.15 ? 31  ALA A N   1 
ATOM   226 C CA  . ALA A 1 45 ? 0.165   2.477   -7.774  1.00 22.36 ? 31  ALA A CA  1 
ATOM   227 C C   . ALA A 1 45 ? 0.731   1.141   -7.320  1.00 21.09 ? 31  ALA A C   1 
ATOM   228 O O   . ALA A 1 45 ? 1.660   1.097   -6.506  1.00 21.42 ? 31  ALA A O   1 
ATOM   229 C CB  . ALA A 1 45 ? -1.103  2.825   -6.990  1.00 20.86 ? 31  ALA A CB  1 
ATOM   230 N N   . LYS A 1 46 ? 0.190   0.041   -7.847  1.00 22.73 ? 32  LYS A N   1 
ATOM   231 C CA  . LYS A 1 46 ? 0.714   -1.280  -7.511  1.00 23.89 ? 32  LYS A CA  1 
ATOM   232 C C   . LYS A 1 46 ? 2.152   -1.440  -7.983  1.00 26.74 ? 32  LYS A C   1 
ATOM   233 O O   . LYS A 1 46 ? 2.996   -1.977  -7.254  1.00 32.11 ? 32  LYS A O   1 
ATOM   234 C CB  . LYS A 1 46 ? -0.172  -2.370  -8.115  1.00 21.67 ? 32  LYS A CB  1 
ATOM   235 C CG  . LYS A 1 46 ? -1.537  -2.494  -7.457  1.00 24.22 ? 32  LYS A CG  1 
ATOM   236 C CD  . LYS A 1 46 ? -2.437  -3.473  -8.205  1.00 27.18 ? 32  LYS A CD  1 
ATOM   237 C CE  . LYS A 1 46 ? -3.764  -3.657  -7.475  1.00 25.65 ? 32  LYS A CE  1 
ATOM   238 N NZ  . LYS A 1 46 ? -4.769  -4.402  -8.282  1.00 27.50 ? 32  LYS A NZ  1 
ATOM   239 N N   . ARG A 1 47 ? 2.452   -0.990  -9.203  1.00 26.70 ? 33  ARG A N   1 
ATOM   240 C CA  . ARG A 1 47 ? 3.814   -1.101  -9.714  1.00 23.44 ? 33  ARG A CA  1 
ATOM   241 C C   . ARG A 1 47 ? 4.775   -0.250  -8.891  1.00 21.15 ? 33  ARG A C   1 
ATOM   242 O O   . ARG A 1 47 ? 5.862   -0.707  -8.519  1.00 22.51 ? 33  ARG A O   1 
ATOM   243 C CB  . ARG A 1 47 ? 3.867   -0.695  -11.188 1.00 26.73 ? 33  ARG A CB  1 
ATOM   244 C CG  . ARG A 1 47 ? 5.253   -0.858  -11.811 1.00 28.39 ? 33  ARG A CG  1 
ATOM   245 C CD  . ARG A 1 47 ? 5.343   -0.309  -13.234 1.00 26.36 ? 33  ARG A CD  1 
ATOM   246 N NE  . ARG A 1 47 ? 5.037   1.117   -13.301 1.00 23.96 ? 33  ARG A NE  1 
ATOM   247 C CZ  . ARG A 1 47 ? 3.884   1.610   -13.743 1.00 26.16 ? 33  ARG A CZ  1 
ATOM   248 N NH1 . ARG A 1 47 ? 2.931   0.790   -14.163 1.00 24.66 ? 33  ARG A NH1 1 
ATOM   249 N NH2 . ARG A 1 47 ? 3.685   2.921   -13.766 1.00 28.31 ? 33  ARG A NH2 1 
ATOM   250 N N   . GLU A 1 48 ? 4.382   0.989   -8.587  1.00 20.14 ? 34  GLU A N   1 
ATOM   251 C CA  . GLU A 1 48 ? 5.253   1.878   -7.823  1.00 21.94 ? 34  GLU A CA  1 
ATOM   252 C C   . GLU A 1 48 ? 5.446   1.377   -6.396  1.00 23.02 ? 34  GLU A C   1 
ATOM   253 O O   . GLU A 1 48 ? 6.554   1.451   -5.853  1.00 24.24 ? 34  GLU A O   1 
ATOM   254 C CB  . GLU A 1 48 ? 4.684   3.299   -7.823  1.00 24.52 ? 34  GLU A CB  1 
ATOM   255 C CG  . GLU A 1 48 ? 5.501   4.308   -7.022  1.00 28.65 ? 34  GLU A CG  1 
ATOM   256 C CD  . GLU A 1 48 ? 4.822   5.668   -6.913  1.00 33.88 ? 34  GLU A CD  1 
ATOM   257 O OE1 . GLU A 1 48 ? 3.691   5.814   -7.422  1.00 34.82 ? 34  GLU A OE1 1 
ATOM   258 O OE2 . GLU A 1 48 ? 5.420   6.591   -6.317  1.00 34.45 ? 34  GLU A OE2 1 
ATOM   259 N N   . ALA A 1 49 ? 4.385   0.861   -5.772  1.00 22.85 ? 35  ALA A N   1 
ATOM   260 C CA  . ALA A 1 49 ? 4.508   0.374   -4.401  1.00 21.02 ? 35  ALA A CA  1 
ATOM   261 C C   . ALA A 1 49 ? 5.436   -0.833  -4.323  1.00 18.50 ? 35  ALA A C   1 
ATOM   262 O O   . ALA A 1 49 ? 6.215   -0.960  -3.374  1.00 17.40 ? 35  ALA A O   1 
ATOM   263 C CB  . ALA A 1 49 ? 3.130   0.034   -3.833  1.00 22.25 ? 35  ALA A CB  1 
ATOM   264 N N   A SER A 1 50 ? 5.359   -1.734  -5.306  0.66 17.92 ? 36  SER A N   1 
ATOM   265 N N   B SER A 1 50 ? 5.367   -1.728  -5.312  0.34 17.86 ? 36  SER A N   1 
ATOM   266 C CA  A SER A 1 50 ? 6.273   -2.873  -5.330  0.66 18.58 ? 36  SER A CA  1 
ATOM   267 C CA  B SER A 1 50 ? 6.267   -2.875  -5.321  0.34 18.72 ? 36  SER A CA  1 
ATOM   268 C C   A SER A 1 50 ? 7.712   -2.416  -5.520  0.66 19.44 ? 36  SER A C   1 
ATOM   269 C C   B SER A 1 50 ? 7.709   -2.456  -5.574  0.34 19.47 ? 36  SER A C   1 
ATOM   270 O O   A SER A 1 50 ? 8.639   -3.006  -4.955  0.66 19.28 ? 36  SER A O   1 
ATOM   271 O O   B SER A 1 50 ? 8.637   -3.118  -5.098  0.34 20.53 ? 36  SER A O   1 
ATOM   272 C CB  A SER A 1 50 ? 5.879   -3.852  -6.436  0.66 20.17 ? 36  SER A CB  1 
ATOM   273 C CB  B SER A 1 50 ? 5.814   -3.896  -6.367  0.34 22.36 ? 36  SER A CB  1 
ATOM   274 O OG  A SER A 1 50 ? 4.624   -4.449  -6.171  0.66 24.00 ? 36  SER A OG  1 
ATOM   275 O OG  B SER A 1 50 ? 5.755   -3.321  -7.661  0.34 23.56 ? 36  SER A OG  1 
ATOM   276 N N   . ARG A 1 51 ? 7.917   -1.363  -6.310  1.00 21.29 ? 37  ARG A N   1 
ATOM   277 C CA  . ARG A 1 51 ? 9.264   -0.864  -6.554  1.00 21.97 ? 37  ARG A CA  1 
ATOM   278 C C   . ARG A 1 51 ? 9.799   -0.022  -5.404  1.00 21.87 ? 37  ARG A C   1 
ATOM   279 O O   . ARG A 1 51 ? 11.016  0.122   -5.282  1.00 27.69 ? 37  ARG A O   1 
ATOM   280 C CB  . ARG A 1 51 ? 9.299   -0.063  -7.858  1.00 23.87 ? 37  ARG A CB  1 
ATOM   281 C CG  . ARG A 1 51 ? 9.305   -0.944  -9.104  1.00 29.96 ? 37  ARG A CG  1 
ATOM   282 C CD  . ARG A 1 51 ? 9.232   -0.133  -10.391 1.00 28.79 ? 37  ARG A CD  1 
ATOM   283 N NE  . ARG A 1 51 ? 10.248  0.916   -10.452 1.00 24.13 ? 37  ARG A NE  1 
ATOM   284 C CZ  . ARG A 1 51 ? 11.520  0.714   -10.782 1.00 24.53 ? 37  ARG A CZ  1 
ATOM   285 N NH1 . ARG A 1 51 ? 11.952  -0.506  -11.080 1.00 25.82 ? 37  ARG A NH1 1 
ATOM   286 N NH2 . ARG A 1 51 ? 12.362  1.735   -10.811 1.00 27.93 ? 37  ARG A NH2 1 
ATOM   287 N N   . ARG A 1 52 ? 8.930   0.532   -4.560  1.00 20.74 ? 38  ARG A N   1 
ATOM   288 C CA  . ARG A 1 52 ? 9.385   1.246   -3.375  1.00 27.14 ? 38  ARG A CA  1 
ATOM   289 C C   . ARG A 1 52 ? 9.576   0.335   -2.171  1.00 28.26 ? 38  ARG A C   1 
ATOM   290 O O   . ARG A 1 52 ? 10.129  0.780   -1.160  1.00 30.70 ? 38  ARG A O   1 
ATOM   291 C CB  . ARG A 1 52 ? 8.408   2.373   -3.029  1.00 31.26 ? 38  ARG A CB  1 
ATOM   292 C CG  . ARG A 1 52 ? 8.468   3.515   -4.033  1.00 36.59 ? 38  ARG A CG  1 
ATOM   293 C CD  . ARG A 1 52 ? 7.411   4.567   -3.784  1.00 36.28 ? 38  ARG A CD  1 
ATOM   294 N NE  . ARG A 1 52 ? 7.708   5.401   -2.625  1.00 36.50 ? 38  ARG A NE  1 
ATOM   295 C CZ  . ARG A 1 52 ? 7.165   6.595   -2.419  1.00 38.35 ? 38  ARG A CZ  1 
ATOM   296 N NH1 . ARG A 1 52 ? 6.309   7.094   -3.301  1.00 38.46 ? 38  ARG A NH1 1 
ATOM   297 N NH2 . ARG A 1 52 ? 7.484   7.295   -1.338  1.00 40.29 ? 38  ARG A NH2 1 
ATOM   298 N N   . GLN A 1 53 ? 9.142   -0.919  -2.258  1.00 25.12 ? 39  GLN A N   1 
ATOM   299 C CA  . GLN A 1 53 ? 9.365   -1.868  -1.177  1.00 25.41 ? 39  GLN A CA  1 
ATOM   300 C C   . GLN A 1 53 ? 10.860  -2.078  -0.967  1.00 25.05 ? 39  GLN A C   1 
ATOM   301 O O   . GLN A 1 53 ? 11.603  -2.321  -1.921  1.00 24.88 ? 39  GLN A O   1 
ATOM   302 C CB  . GLN A 1 53 ? 8.676   -3.189  -1.503  1.00 26.59 ? 39  GLN A CB  1 
ATOM   303 C CG  . GLN A 1 53 ? 8.867   -4.273  -0.466  1.00 32.79 ? 39  GLN A CG  1 
ATOM   304 C CD  . GLN A 1 53 ? 8.126   -5.539  -0.840  1.00 33.87 ? 39  GLN A CD  1 
ATOM   305 O OE1 . GLN A 1 53 ? 7.857   -5.784  -2.014  1.00 33.65 ? 39  GLN A OE1 1 
ATOM   306 N NE2 . GLN A 1 53 ? 7.782   -6.342  0.158   1.00 32.13 ? 39  GLN A NE2 1 
ATOM   307 N N   . CYS A 1 54 ? 11.302  -1.966  0.286   1.00 24.52 ? 40  CYS A N   1 
ATOM   308 C CA  . CYS A 1 54 ? 12.722  -2.062  0.605   1.00 27.47 ? 40  CYS A CA  1 
ATOM   309 C C   . CYS A 1 54 ? 13.176  -3.490  0.876   1.00 26.25 ? 40  CYS A C   1 
ATOM   310 O O   . CYS A 1 54 ? 14.266  -3.886  0.451   1.00 23.48 ? 40  CYS A O   1 
ATOM   311 C CB  . CYS A 1 54 ? 13.051  -1.205  1.834   1.00 41.14 ? 40  CYS A CB  1 
ATOM   312 S SG  . CYS A 1 54 ? 13.036  0.584   1.596   1.00 42.85 ? 40  CYS A SG  1 
ATOM   313 N N   . PHE A 1 55 ? 12.364  -4.265  1.590   1.00 22.70 ? 41  PHE A N   1 
ATOM   314 C CA  . PHE A 1 55 ? 12.818  -5.485  2.235   1.00 24.22 ? 41  PHE A CA  1 
ATOM   315 C C   . PHE A 1 55 ? 12.111  -6.710  1.673   1.00 24.53 ? 41  PHE A C   1 
ATOM   316 O O   . PHE A 1 55 ? 10.980  -6.631  1.182   1.00 23.60 ? 41  PHE A O   1 
ATOM   317 C CB  . PHE A 1 55 ? 12.576  -5.429  3.748   1.00 25.05 ? 41  PHE A CB  1 
ATOM   318 C CG  . PHE A 1 55 ? 13.316  -4.324  4.447   1.00 25.34 ? 41  PHE A CG  1 
ATOM   319 C CD1 . PHE A 1 55 ? 14.700  -4.329  4.511   1.00 26.48 ? 41  PHE A CD1 1 
ATOM   320 C CD2 . PHE A 1 55 ? 12.622  -3.294  5.068   1.00 27.04 ? 41  PHE A CD2 1 
ATOM   321 C CE1 . PHE A 1 55 ? 15.382  -3.317  5.172   1.00 33.52 ? 41  PHE A CE1 1 
ATOM   322 C CE2 . PHE A 1 55 ? 13.295  -2.278  5.729   1.00 25.54 ? 41  PHE A CE2 1 
ATOM   323 C CZ  . PHE A 1 55 ? 14.675  -2.288  5.782   1.00 31.83 ? 41  PHE A CZ  1 
ATOM   324 N N   . GLN A 1 56 ? 12.799  -7.845  1.764   1.00 26.19 ? 42  GLN A N   1 
ATOM   325 C CA  . GLN A 1 56 ? 12.174  -9.140  1.535   1.00 27.25 ? 42  GLN A CA  1 
ATOM   326 C C   . GLN A 1 56 ? 11.255  -9.496  2.697   1.00 29.61 ? 42  GLN A C   1 
ATOM   327 O O   . GLN A 1 56 ? 11.542  -9.185  3.856   1.00 30.82 ? 42  GLN A O   1 
ATOM   328 C CB  . GLN A 1 56 ? 13.244  -10.221 1.378   1.00 29.35 ? 42  GLN A CB  1 
ATOM   329 C CG  . GLN A 1 56 ? 14.205  -9.994  0.230   1.00 30.40 ? 42  GLN A CG  1 
ATOM   330 C CD  . GLN A 1 56 ? 13.589  -10.345 -1.103  1.00 28.95 ? 42  GLN A CD  1 
ATOM   331 O OE1 . GLN A 1 56 ? 12.650  -11.135 -1.174  1.00 33.55 ? 42  GLN A OE1 1 
ATOM   332 N NE2 . GLN A 1 56 ? 14.113  -9.759  -2.170  1.00 28.46 ? 42  GLN A NE2 1 
ATOM   333 N N   . GLY A 1 57 ? 10.140  -10.154 2.383   1.00 28.42 ? 43  GLY A N   1 
ATOM   334 C CA  . GLY A 1 57 ? 9.269   -10.708 3.398   1.00 29.59 ? 43  GLY A CA  1 
ATOM   335 C C   . GLY A 1 57 ? 8.265   -9.751  4.003   1.00 33.55 ? 43  GLY A C   1 
ATOM   336 O O   . GLY A 1 57 ? 7.550   -10.143 4.933   1.00 33.70 ? 43  GLY A O   1 
ATOM   337 N N   . THR A 1 58 ? 8.181   -8.519  3.517   1.00 26.36 ? 44  THR A N   1 
ATOM   338 C CA  . THR A 1 58 ? 7.244   -7.561  4.079   1.00 26.90 ? 44  THR A CA  1 
ATOM   339 C C   . THR A 1 58 ? 5.931   -7.570  3.302   1.00 28.05 ? 44  THR A C   1 
ATOM   340 O O   . THR A 1 58 ? 5.822   -8.121  2.203   1.00 29.26 ? 44  THR A O   1 
ATOM   341 C CB  . THR A 1 58 ? 7.841   -6.153  4.086   1.00 27.19 ? 44  THR A CB  1 
ATOM   342 O OG1 . THR A 1 58 ? 8.279   -5.808  2.766   1.00 22.79 ? 44  THR A OG1 1 
ATOM   343 C CG2 . THR A 1 58 ? 9.013   -6.065  5.060   1.00 25.21 ? 44  THR A CG2 1 
ATOM   344 N N   . THR A 1 59 ? 4.922   -6.946  3.900   1.00 26.57 ? 45  THR A N   1 
ATOM   345 C CA  . THR A 1 59 ? 3.594   -6.832  3.321   1.00 24.38 ? 45  THR A CA  1 
ATOM   346 C C   . THR A 1 59 ? 3.370   -5.403  2.847   1.00 23.48 ? 45  THR A C   1 
ATOM   347 O O   . THR A 1 59 ? 3.761   -4.446  3.523   1.00 24.90 ? 45  THR A O   1 
ATOM   348 C CB  . THR A 1 59 ? 2.522   -7.231  4.344   1.00 30.29 ? 45  THR A CB  1 
ATOM   349 O OG1 . THR A 1 59 ? 2.681   -8.615  4.686   1.00 33.68 ? 45  THR A OG1 1 
ATOM   350 C CG2 . THR A 1 59 ? 1.115   -7.005  3.789   1.00 25.97 ? 45  THR A CG2 1 
ATOM   351 N N   . LEU A 1 60 ? 2.761   -5.263  1.674   1.00 21.90 ? 46  LEU A N   1 
ATOM   352 C CA  . LEU A 1 60 ? 2.424   -3.965  1.112   1.00 20.32 ? 46  LEU A CA  1 
ATOM   353 C C   . LEU A 1 60 ? 0.918   -3.752  1.179   1.00 21.93 ? 46  LEU A C   1 
ATOM   354 O O   . LEU A 1 60 ? 0.141   -4.665  0.891   1.00 25.86 ? 46  LEU A O   1 
ATOM   355 C CB  . LEU A 1 60 ? 2.892   -3.850  -0.341  1.00 19.39 ? 46  LEU A CB  1 
ATOM   356 C CG  . LEU A 1 60 ? 4.389   -4.011  -0.600  1.00 20.68 ? 46  LEU A CG  1 
ATOM   357 C CD1 . LEU A 1 60 ? 4.664   -3.995  -2.095  1.00 19.81 ? 46  LEU A CD1 1 
ATOM   358 C CD2 . LEU A 1 60 ? 5.166   -2.914  0.099   1.00 18.85 ? 46  LEU A CD2 1 
ATOM   359 N N   . LYS A 1 61 ? 0.514   -2.547  1.564   1.00 21.07 ? 47  LYS A N   1 
ATOM   360 C CA  . LYS A 1 61 ? -0.880  -2.135  1.528   1.00 20.77 ? 47  LYS A CA  1 
ATOM   361 C C   . LYS A 1 61 ? -0.987  -0.842  0.741   1.00 21.84 ? 47  LYS A C   1 
ATOM   362 O O   . LYS A 1 61 ? -0.108  0.018   0.835   1.00 20.67 ? 47  LYS A O   1 
ATOM   363 C CB  . LYS A 1 61 ? -1.448  -1.912  2.929   1.00 22.11 ? 47  LYS A CB  1 
ATOM   364 C CG  . LYS A 1 61 ? -1.303  -3.077  3.877   1.00 29.59 ? 47  LYS A CG  1 
ATOM   365 C CD  . LYS A 1 61 ? -1.766  -2.660  5.261   1.00 33.33 ? 47  LYS A CD  1 
ATOM   366 C CE  . LYS A 1 61 ? -1.446  -3.710  6.300   1.00 36.16 ? 47  LYS A CE  1 
ATOM   367 N NZ  . LYS A 1 61 ? -1.828  -3.261  7.669   1.00 40.84 ? 47  LYS A NZ  1 
ATOM   368 N N   . ILE A 1 62 ? -2.064  -0.704  -0.027  1.00 20.91 ? 48  ILE A N   1 
ATOM   369 C CA  . ILE A 1 62 ? -2.363  0.524   -0.750  1.00 20.91 ? 48  ILE A CA  1 
ATOM   370 C C   . ILE A 1 62 ? -3.753  0.994   -0.343  1.00 22.02 ? 48  ILE A C   1 
ATOM   371 O O   . ILE A 1 62 ? -4.652  0.179   -0.112  1.00 22.71 ? 48  ILE A O   1 
ATOM   372 C CB  . ILE A 1 62 ? -2.269  0.330   -2.280  1.00 24.27 ? 48  ILE A CB  1 
ATOM   373 C CG1 . ILE A 1 62 ? -0.823  0.046   -2.695  1.00 21.01 ? 48  ILE A CG1 1 
ATOM   374 C CG2 . ILE A 1 62 ? -2.795  1.555   -3.019  1.00 22.46 ? 48  ILE A CG2 1 
ATOM   375 C CD1 . ILE A 1 62 ? -0.638  -0.082  -4.194  1.00 20.13 ? 48  ILE A CD1 1 
ATOM   376 N N   . GLY A 1 63 ? -3.918  2.312   -0.232  1.00 21.37 ? 49  GLY A N   1 
ATOM   377 C CA  . GLY A 1 63 ? -5.209  2.897   0.064   1.00 23.11 ? 49  GLY A CA  1 
ATOM   378 C C   . GLY A 1 63 ? -5.285  4.304   -0.484  1.00 25.51 ? 49  GLY A C   1 
ATOM   379 O O   . GLY A 1 63 ? -4.306  4.851   -0.996  1.00 28.20 ? 49  GLY A O   1 
ATOM   380 N N   . THR A 1 64 ? -6.479  4.883   -0.387  1.00 23.93 ? 50  THR A N   1 
ATOM   381 C CA  . THR A 1 64 ? -6.714  6.269   -0.751  1.00 25.38 ? 50  THR A CA  1 
ATOM   382 C C   . THR A 1 64 ? -6.644  7.138   0.503   1.00 27.51 ? 50  THR A C   1 
ATOM   383 O O   . THR A 1 64 ? -6.269  6.680   1.587   1.00 26.61 ? 50  THR A O   1 
ATOM   384 C CB  . THR A 1 64 ? -8.065  6.424   -1.452  1.00 26.16 ? 50  THR A CB  1 
ATOM   385 O OG1 . THR A 1 64 ? -9.119  6.137   -0.525  1.00 26.64 ? 50  THR A OG1 1 
ATOM   386 C CG2 . THR A 1 64 ? -8.170  5.483   -2.643  1.00 25.72 ? 50  THR A CG2 1 
ATOM   387 N N   . ILE A 1 65 ? -7.018  8.413   0.363   1.00 28.96 ? 51  ILE A N   1 
ATOM   388 C CA  . ILE A 1 65 ? -7.059  9.303   1.518   1.00 28.89 ? 51  ILE A CA  1 
ATOM   389 C C   . ILE A 1 65 ? -8.093  8.820   2.525   1.00 30.88 ? 51  ILE A C   1 
ATOM   390 O O   . ILE A 1 65 ? -7.949  9.042   3.734   1.00 32.32 ? 51  ILE A O   1 
ATOM   391 C CB  . ILE A 1 65 ? -7.334  10.753  1.065   1.00 32.75 ? 51  ILE A CB  1 
ATOM   392 C CG1 . ILE A 1 65 ? -7.259  11.717  2.252   1.00 37.82 ? 51  ILE A CG1 1 
ATOM   393 C CG2 . ILE A 1 65 ? -8.696  10.863  0.377   1.00 29.46 ? 51  ILE A CG2 1 
ATOM   394 C CD1 . ILE A 1 65 ? -5.921  11.727  2.955   1.00 38.37 ? 51  ILE A CD1 1 
ATOM   395 N N   . TYR A 1 66 ? -9.139  8.139   2.053   1.00 28.92 ? 52  TYR A N   1 
ATOM   396 C CA  . TYR A 1 66 ? -10.193 7.636   2.924   1.00 33.99 ? 52  TYR A CA  1 
ATOM   397 C C   . TYR A 1 66 ? -9.814  6.334   3.612   1.00 30.36 ? 52  TYR A C   1 
ATOM   398 O O   . TYR A 1 66 ? -10.572 5.855   4.463   1.00 35.69 ? 52  TYR A O   1 
ATOM   399 C CB  . TYR A 1 66 ? -11.482 7.455   2.118   1.00 35.90 ? 52  TYR A CB  1 
ATOM   400 C CG  . TYR A 1 66 ? -11.848 8.694   1.336   1.00 32.25 ? 52  TYR A CG  1 
ATOM   401 C CD1 . TYR A 1 66 ? -12.192 9.870   1.992   1.00 34.23 ? 52  TYR A CD1 1 
ATOM   402 C CD2 . TYR A 1 66 ? -11.831 8.696   -0.051  1.00 31.20 ? 52  TYR A CD2 1 
ATOM   403 C CE1 . TYR A 1 66 ? -12.518 11.011  1.289   1.00 35.14 ? 52  TYR A CE1 1 
ATOM   404 C CE2 . TYR A 1 66 ? -12.161 9.835   -0.767  1.00 32.12 ? 52  TYR A CE2 1 
ATOM   405 C CZ  . TYR A 1 66 ? -12.501 10.990  -0.090  1.00 34.07 ? 52  TYR A CZ  1 
ATOM   406 O OH  . TYR A 1 66 ? -12.829 12.129  -0.788  1.00 35.34 ? 52  TYR A OH  1 
ATOM   407 N N   . SER A 1 67 ? -8.663  5.763   3.267   1.00 28.32 ? 53  SER A N   1 
ATOM   408 C CA  . SER A 1 67 ? -8.117  4.585   3.919   1.00 29.52 ? 53  SER A CA  1 
ATOM   409 C C   . SER A 1 67 ? -7.321  4.918   5.172   1.00 31.26 ? 53  SER A C   1 
ATOM   410 O O   . SER A 1 67 ? -6.865  3.999   5.861   1.00 31.70 ? 53  SER A O   1 
ATOM   411 C CB  . SER A 1 67 ? -7.211  3.827   2.942   1.00 28.04 ? 53  SER A CB  1 
ATOM   412 O OG  . SER A 1 67 ? -7.900  3.505   1.745   1.00 30.82 ? 53  SER A OG  1 
ATOM   413 N N   . LEU A 1 68 ? -7.128  6.198   5.470   1.00 31.02 ? 54  LEU A N   1 
ATOM   414 C CA  . LEU A 1 68 ? -6.292  6.630   6.578   1.00 31.32 ? 54  LEU A CA  1 
ATOM   415 C C   . LEU A 1 68 ? -7.156  7.062   7.754   1.00 33.08 ? 54  LEU A C   1 
ATOM   416 O O   . LEU A 1 68 ? -8.252  7.600   7.574   1.00 34.37 ? 54  LEU A O   1 
ATOM   417 C CB  . LEU A 1 68 ? -5.386  7.791   6.163   1.00 29.37 ? 54  LEU A CB  1 
ATOM   418 C CG  . LEU A 1 68 ? -4.626  7.679   4.842   1.00 33.37 ? 54  LEU A CG  1 
ATOM   419 C CD1 . LEU A 1 68 ? -3.619  8.810   4.705   1.00 29.15 ? 54  LEU A CD1 1 
ATOM   420 C CD2 . LEU A 1 68 ? -3.949  6.331   4.727   1.00 37.09 ? 54  LEU A CD2 1 
ATOM   421 N N   . ASN A 1 69 ? -6.653  6.828   8.964   1.00 34.44 ? 55  ASN A N   1 
ATOM   422 C CA  . ASN A 1 69 ? -7.313  7.369   10.139  1.00 40.69 ? 55  ASN A CA  1 
ATOM   423 C C   . ASN A 1 69 ? -6.788  8.780   10.400  1.00 44.72 ? 55  ASN A C   1 
ATOM   424 O O   . ASN A 1 69 ? -5.951  9.306   9.662   1.00 41.20 ? 55  ASN A O   1 
ATOM   425 C CB  . ASN A 1 69 ? -7.141  6.445   11.350  1.00 40.84 ? 55  ASN A CB  1 
ATOM   426 C CG  . ASN A 1 69 ? -5.707  6.381   11.868  1.00 44.57 ? 55  ASN A CG  1 
ATOM   427 O OD1 . ASN A 1 69 ? -4.797  7.015   11.335  1.00 47.41 ? 55  ASN A OD1 1 
ATOM   428 N ND2 . ASN A 1 69 ? -5.508  5.607   12.929  1.00 45.62 ? 55  ASN A ND2 1 
ATOM   429 N N   . SER A 1 70 ? -7.285  9.403   11.470  1.00 49.84 ? 56  SER A N   1 
ATOM   430 C CA  . SER A 1 70 ? -6.950  10.796  11.746  1.00 55.28 ? 56  SER A CA  1 
ATOM   431 C C   . SER A 1 70 ? -5.479  10.995  12.088  1.00 57.21 ? 56  SER A C   1 
ATOM   432 O O   . SER A 1 70 ? -4.997  12.132  12.041  1.00 60.95 ? 56  SER A O   1 
ATOM   433 C CB  . SER A 1 70 ? -7.830  11.328  12.879  1.00 59.24 ? 56  SER A CB  1 
ATOM   434 O OG  . SER A 1 70 ? -7.751  10.491  14.019  1.00 62.19 ? 56  SER A OG  1 
ATOM   435 N N   . ASP A 1 71 ? -4.756  9.929   12.427  1.00 53.55 ? 57  ASP A N   1 
ATOM   436 C CA  . ASP A 1 71 ? -3.329  10.014  12.706  1.00 52.19 ? 57  ASP A CA  1 
ATOM   437 C C   . ASP A 1 71 ? -2.465  9.756   11.479  1.00 48.96 ? 57  ASP A C   1 
ATOM   438 O O   . ASP A 1 71 ? -1.234  9.797   11.585  1.00 51.83 ? 57  ASP A O   1 
ATOM   439 C CB  . ASP A 1 71 ? -2.946  9.028   13.814  1.00 54.94 ? 57  ASP A CB  1 
ATOM   440 C CG  . ASP A 1 71 ? -3.552  9.391   15.153  1.00 63.86 ? 57  ASP A CG  1 
ATOM   441 O OD1 . ASP A 1 71 ? -3.766  10.596  15.403  1.00 68.00 ? 57  ASP A OD1 1 
ATOM   442 O OD2 . ASP A 1 71 ? -3.811  8.473   15.958  1.00 67.88 ? 57  ASP A OD2 1 
ATOM   443 N N   . GLY A 1 72 ? -3.071  9.488   10.326  1.00 42.04 ? 58  GLY A N   1 
ATOM   444 C CA  . GLY A 1 72 ? -2.325  9.191   9.124   1.00 35.32 ? 58  GLY A CA  1 
ATOM   445 C C   . GLY A 1 72 ? -1.972  7.735   8.928   1.00 35.55 ? 58  GLY A C   1 
ATOM   446 O O   . GLY A 1 72 ? -1.255  7.415   7.972   1.00 33.95 ? 58  GLY A O   1 
ATOM   447 N N   . LEU A 1 73 ? -2.446  6.844   9.797   1.00 39.08 ? 59  LEU A N   1 
ATOM   448 C CA  . LEU A 1 73 ? -2.164  5.421   9.662   1.00 37.54 ? 59  LEU A CA  1 
ATOM   449 C C   . LEU A 1 73 ? -3.024  4.805   8.565   1.00 34.51 ? 59  LEU A C   1 
ATOM   450 O O   . LEU A 1 73 ? -4.211  5.115   8.440   1.00 33.86 ? 59  LEU A O   1 
ATOM   451 C CB  . LEU A 1 73 ? -2.420  4.693   10.981  1.00 40.56 ? 59  LEU A CB  1 
ATOM   452 C CG  . LEU A 1 73 ? -1.528  5.012   12.181  1.00 45.66 ? 59  LEU A CG  1 
ATOM   453 C CD1 . LEU A 1 73 ? -1.776  4.001   13.291  1.00 47.10 ? 59  LEU A CD1 1 
ATOM   454 C CD2 . LEU A 1 73 ? -0.061  5.026   11.782  1.00 45.99 ? 59  LEU A CD2 1 
ATOM   455 N N   . LEU A 1 74 ? -2.421  3.916   7.779   1.00 32.36 ? 60  LEU A N   1 
ATOM   456 C CA  . LEU A 1 74 ? -3.144  3.200   6.729   1.00 29.44 ? 60  LEU A CA  1 
ATOM   457 C C   . LEU A 1 74 ? -3.822  1.991   7.361   1.00 32.11 ? 60  LEU A C   1 
ATOM   458 O O   . LEU A 1 74 ? -3.205  0.939   7.541   1.00 31.55 ? 60  LEU A O   1 
ATOM   459 C CB  . LEU A 1 74 ? -2.195  2.785   5.611   1.00 26.07 ? 60  LEU A CB  1 
ATOM   460 C CG  . LEU A 1 74 ? -2.699  2.804   4.163   1.00 28.60 ? 60  LEU A CG  1 
ATOM   461 C CD1 . LEU A 1 74 ? -1.579  2.388   3.206   1.00 26.46 ? 60  LEU A CD1 1 
ATOM   462 C CD2 . LEU A 1 74 ? -3.928  1.924   3.963   1.00 27.82 ? 60  LEU A CD2 1 
ATOM   463 N N   . VAL A 1 75 ? -5.101  2.139   7.698   1.00 34.57 ? 61  VAL A N   1 
ATOM   464 C CA  . VAL A 1 75 ? -5.844  1.083   8.373   1.00 38.88 ? 61  VAL A CA  1 
ATOM   465 C C   . VAL A 1 75 ? -6.847  0.387   7.461   1.00 39.04 ? 61  VAL A C   1 
ATOM   466 O O   . VAL A 1 75 ? -7.197  -0.774  7.730   1.00 43.32 ? 61  VAL A O   1 
ATOM   467 C CB  . VAL A 1 75 ? -6.563  1.623   9.630   1.00 45.32 ? 61  VAL A CB  1 
ATOM   468 C CG1 . VAL A 1 75 ? -5.561  2.236   10.599  1.00 46.41 ? 61  VAL A CG1 1 
ATOM   469 C CG2 . VAL A 1 75 ? -7.627  2.636   9.240   1.00 44.87 ? 61  VAL A CG2 1 
ATOM   470 N N   . ASP A 1 76 ? -7.318  1.041   6.401   1.00 34.73 ? 62  ASP A N   1 
ATOM   471 C CA  . ASP A 1 76 ? -8.380  0.484   5.573   1.00 38.69 ? 62  ASP A CA  1 
ATOM   472 C C   . ASP A 1 76 ? -7.929  0.335   4.129   1.00 38.09 ? 62  ASP A C   1 
ATOM   473 O O   . ASP A 1 76 ? -8.468  1.001   3.238   1.00 40.67 ? 62  ASP A O   1 
ATOM   474 C CB  . ASP A 1 76 ? -9.630  1.368   5.638   1.00 46.34 ? 62  ASP A CB  1 
ATOM   475 C CG  . ASP A 1 76 ? -10.780 0.695   6.350   1.00 58.21 ? 62  ASP A CG  1 
ATOM   476 O OD1 . ASP A 1 76 ? -10.643 -0.498  6.686   1.00 63.57 ? 62  ASP A OD1 1 
ATOM   477 O OD2 . ASP A 1 76 ? -11.817 1.352   6.574   1.00 64.23 ? 62  ASP A OD2 1 
ATOM   478 N N   . GLU A 1 77 ? -6.961  -0.544  3.883   1.00 33.95 ? 63  GLU A N   1 
ATOM   479 C CA  . GLU A 1 77 ? -6.365  -0.629  2.559   1.00 29.06 ? 63  GLU A CA  1 
ATOM   480 C C   . GLU A 1 77 ? -7.392  -1.105  1.538   1.00 27.98 ? 63  GLU A C   1 
ATOM   481 O O   . GLU A 1 77 ? -8.330  -1.840  1.857   1.00 28.58 ? 63  GLU A O   1 
ATOM   482 C CB  . GLU A 1 77 ? -5.148  -1.560  2.577   1.00 28.36 ? 63  GLU A CB  1 
ATOM   483 C CG  . GLU A 1 77 ? -5.475  -3.048  2.594   1.00 37.14 ? 63  GLU A CG  1 
ATOM   484 C CD  . GLU A 1 77 ? -5.809  -3.577  3.981   1.00 49.06 ? 63  GLU A CD  1 
ATOM   485 O OE1 . GLU A 1 77 ? -5.912  -2.773  4.932   1.00 53.00 ? 63  GLU A OE1 1 
ATOM   486 O OE2 . GLU A 1 77 ? -5.962  -4.810  4.119   1.00 53.09 ? 63  GLU A OE2 1 
ATOM   487 N N   . ILE A 1 78 ? -7.229  -0.640  0.299   1.00 26.37 ? 64  ILE A N   1 
ATOM   488 C CA  . ILE A 1 78 ? -8.062  -1.121  -0.795  1.00 27.56 ? 64  ILE A CA  1 
ATOM   489 C C   . ILE A 1 78 ? -7.460  -2.347  -1.469  1.00 31.63 ? 64  ILE A C   1 
ATOM   490 O O   . ILE A 1 78 ? -8.178  -3.070  -2.173  1.00 30.50 ? 64  ILE A O   1 
ATOM   491 C CB  . ILE A 1 78 ? -8.301  -0.014  -1.839  1.00 26.12 ? 64  ILE A CB  1 
ATOM   492 C CG1 . ILE A 1 78 ? -7.003  0.327   -2.575  1.00 25.35 ? 64  ILE A CG1 1 
ATOM   493 C CG2 . ILE A 1 78 ? -8.882  1.230   -1.173  1.00 25.05 ? 64  ILE A CG2 1 
ATOM   494 C CD1 . ILE A 1 78 ? -7.164  1.418   -3.625  1.00 27.84 ? 64  ILE A CD1 1 
ATOM   495 N N   . THR A 1 79 ? -6.165  -2.600  -1.275  1.00 23.81 ? 65  THR A N   1 
ATOM   496 C CA  . THR A 1 79 ? -5.514  -3.779  -1.826  1.00 26.27 ? 65  THR A CA  1 
ATOM   497 C C   . THR A 1 79 ? -4.212  -4.007  -1.071  1.00 25.56 ? 65  THR A C   1 
ATOM   498 O O   . THR A 1 79 ? -3.643  -3.084  -0.481  1.00 27.97 ? 65  THR A O   1 
ATOM   499 C CB  . THR A 1 79 ? -5.266  -3.637  -3.337  1.00 27.91 ? 65  THR A CB  1 
ATOM   500 O OG1 . THR A 1 79 ? -4.829  -4.890  -3.874  1.00 32.11 ? 65  THR A OG1 1 
ATOM   501 C CG2 . THR A 1 79 ? -4.218  -2.572  -3.629  1.00 22.51 ? 65  THR A CG2 1 
ATOM   502 N N   . SER A 1 80 ? -3.757  -5.258  -1.076  1.00 28.47 ? 66  SER A N   1 
ATOM   503 C CA  . SER A 1 80 ? -2.550  -5.626  -0.350  1.00 26.89 ? 66  SER A CA  1 
ATOM   504 C C   . SER A 1 80 ? -1.815  -6.716  -1.114  1.00 28.59 ? 66  SER A C   1 
ATOM   505 O O   . SER A 1 80 ? -2.373  -7.370  -2.000  1.00 31.59 ? 66  SER A O   1 
ATOM   506 C CB  . SER A 1 80 ? -2.866  -6.094  1.074   1.00 26.75 ? 66  SER A CB  1 
ATOM   507 O OG  . SER A 1 80 ? -3.542  -7.337  1.049   1.00 32.70 ? 66  SER A OG  1 
ATOM   508 N N   . LYS A 1 81 ? -0.550  -6.915  -0.745  1.00 25.42 ? 67  LYS A N   1 
ATOM   509 C CA  . LYS A 1 81 ? 0.316   -7.861  -1.443  1.00 26.66 ? 67  LYS A CA  1 
ATOM   510 C C   . LYS A 1 81 ? 1.281   -8.468  -0.435  1.00 29.89 ? 67  LYS A C   1 
ATOM   511 O O   . LYS A 1 81 ? 2.159   -7.771  0.082   1.00 31.06 ? 67  LYS A O   1 
ATOM   512 C CB  . LYS A 1 81 ? 1.068   -7.171  -2.576  1.00 31.01 ? 67  LYS A CB  1 
ATOM   513 C CG  . LYS A 1 81 ? 2.133   -8.016  -3.257  1.00 36.92 ? 67  LYS A CG  1 
ATOM   514 C CD  . LYS A 1 81 ? 2.753   -7.240  -4.413  1.00 40.98 ? 67  LYS A CD  1 
ATOM   515 C CE  . LYS A 1 81 ? 4.087   -7.820  -4.846  1.00 45.16 ? 67  LYS A CE  1 
ATOM   516 N NZ  . LYS A 1 81 ? 3.959   -9.218  -5.338  1.00 49.59 ? 67  LYS A NZ  1 
ATOM   517 N N   . GLU A 1 82 ? 1.112   -9.754  -0.148  1.00 35.55 ? 68  GLU A N   1 
ATOM   518 C CA  . GLU A 1 82 ? 2.122   -10.473 0.613   1.00 44.25 ? 68  GLU A CA  1 
ATOM   519 C C   . GLU A 1 82 ? 3.345   -10.721 -0.264  1.00 49.50 ? 68  GLU A C   1 
ATOM   520 O O   . GLU A 1 82 ? 3.250   -10.791 -1.493  1.00 50.26 ? 68  GLU A O   1 
ATOM   521 C CB  . GLU A 1 82 ? 1.563   -11.796 1.135   1.00 47.16 ? 68  GLU A CB  1 
ATOM   522 C CG  . GLU A 1 82 ? 0.186   -11.697 1.785   1.00 53.30 ? 68  GLU A CG  1 
ATOM   523 C CD  . GLU A 1 82 ? 0.227   -11.176 3.215   1.00 60.12 ? 68  GLU A CD  1 
ATOM   524 O OE1 . GLU A 1 82 ? 1.170   -10.436 3.564   1.00 61.74 ? 68  GLU A OE1 1 
ATOM   525 O OE2 . GLU A 1 82 ? -0.691  -11.515 3.994   1.00 63.75 ? 68  GLU A OE2 1 
ATOM   526 N N   . ASP A 1 83 ? 4.502   -10.846 0.381   1.00 53.20 ? 69  ASP A N   1 
ATOM   527 C CA  . ASP A 1 83 ? 5.755   -10.995 -0.350  1.00 54.93 ? 69  ASP A CA  1 
ATOM   528 C C   . ASP A 1 83 ? 5.729   -12.252 -1.212  1.00 53.88 ? 69  ASP A C   1 
ATOM   529 O O   . ASP A 1 83 ? 5.413   -13.346 -0.733  1.00 54.14 ? 69  ASP A O   1 
ATOM   530 C CB  . ASP A 1 83 ? 6.929   -11.043 0.628   1.00 60.00 ? 69  ASP A CB  1 
ATOM   531 C CG  . ASP A 1 83 ? 8.277   -10.975 -0.068  1.00 60.31 ? 69  ASP A CG  1 
ATOM   532 O OD1 . ASP A 1 83 ? 8.546   -9.965  -0.754  1.00 57.32 ? 69  ASP A OD1 1 
ATOM   533 O OD2 . ASP A 1 83 ? 9.072   -11.926 0.082   1.00 60.48 ? 69  ASP A OD2 1 
ATOM   534 N N   . GLY A 1 84 ? 6.054   -12.088 -2.495  1.00 54.01 ? 70  GLY A N   1 
ATOM   535 C CA  . GLY A 1 84 ? 6.051   -13.185 -3.437  1.00 55.30 ? 70  GLY A CA  1 
ATOM   536 C C   . GLY A 1 84 ? 4.698   -13.543 -4.012  1.00 54.17 ? 70  GLY A C   1 
ATOM   537 O O   . GLY A 1 84 ? 4.625   -14.432 -4.870  1.00 60.67 ? 70  GLY A O   1 
ATOM   538 N N   A LYS A 1 85 ? 3.629   -12.886 -3.575  0.51 47.97 ? 71  LYS A N   1 
ATOM   539 N N   B LYS A 1 85 ? 3.628   -12.889 -3.573  0.49 47.97 ? 71  LYS A N   1 
ATOM   540 C CA  A LYS A 1 85 ? 2.283   -13.150 -4.062  0.51 46.54 ? 71  LYS A CA  1 
ATOM   541 C CA  B LYS A 1 85 ? 2.280   -13.162 -4.046  0.49 46.57 ? 71  LYS A CA  1 
ATOM   542 C C   A LYS A 1 85 ? 1.781   -11.964 -4.874  0.51 43.51 ? 71  LYS A C   1 
ATOM   543 C C   B LYS A 1 85 ? 1.746   -11.959 -4.814  0.49 43.51 ? 71  LYS A C   1 
ATOM   544 O O   A LYS A 1 85 ? 2.429   -10.919 -4.967  0.51 41.46 ? 71  LYS A O   1 
ATOM   545 O O   B LYS A 1 85 ? 2.355   -10.886 -4.843  0.49 41.41 ? 71  LYS A O   1 
ATOM   546 C CB  A LYS A 1 85 ? 1.332   -13.446 -2.896  0.51 46.70 ? 71  LYS A CB  1 
ATOM   547 C CB  B LYS A 1 85 ? 1.361   -13.518 -2.870  0.49 46.85 ? 71  LYS A CB  1 
ATOM   548 C CG  A LYS A 1 85 ? 1.809   -14.543 -1.949  0.51 49.73 ? 71  LYS A CG  1 
ATOM   549 C CG  B LYS A 1 85 ? 1.779   -14.791 -2.144  0.49 50.29 ? 71  LYS A CG  1 
ATOM   550 C CD  A LYS A 1 85 ? 1.151   -15.891 -2.241  0.51 52.89 ? 71  LYS A CD  1 
ATOM   551 C CD  B LYS A 1 85 ? 1.246   -14.853 -0.717  0.49 51.44 ? 71  LYS A CD  1 
ATOM   552 C CE  A LYS A 1 85 ? 1.774   -16.586 -3.442  0.51 54.47 ? 71  LYS A CE  1 
ATOM   553 C CE  B LYS A 1 85 ? -0.258  -15.065 -0.672  0.49 52.00 ? 71  LYS A CE  1 
ATOM   554 N NZ  A LYS A 1 85 ? 1.131   -17.902 -3.718  0.51 59.96 ? 71  LYS A NZ  1 
ATOM   555 N NZ  B LYS A 1 85 ? -0.746  -15.206 0.730   0.49 52.10 ? 71  LYS A NZ  1 
ATOM   556 N N   A LYS A 1 86 ? 0.605   -12.138 -5.465  0.51 43.34 ? 72  LYS A N   1 
ATOM   557 N N   B LYS A 1 86 ? 0.597   -12.152 -5.450  0.49 43.37 ? 72  LYS A N   1 
ATOM   558 C CA  A LYS A 1 86 ? -0.019  -11.095 -6.261  0.51 41.06 ? 72  LYS A CA  1 
ATOM   559 C CA  B LYS A 1 86 ? -0.025  -11.099 -6.234  0.49 41.07 ? 72  LYS A CA  1 
ATOM   560 C C   A LYS A 1 86 ? -0.894  -10.205 -5.379  0.51 37.78 ? 72  LYS A C   1 
ATOM   561 C C   B LYS A 1 86 ? -0.867  -10.185 -5.349  0.49 37.71 ? 72  LYS A C   1 
ATOM   562 O O   A LYS A 1 86 ? -1.289  -10.578 -4.272  0.51 37.33 ? 72  LYS A O   1 
ATOM   563 O O   B LYS A 1 86 ? -1.221  -10.524 -4.217  0.49 37.11 ? 72  LYS A O   1 
ATOM   564 C CB  A LYS A 1 86 ? -0.842  -11.710 -7.397  0.51 44.04 ? 72  LYS A CB  1 
ATOM   565 C CB  B LYS A 1 86 ? -0.890  -11.693 -7.347  0.49 43.97 ? 72  LYS A CB  1 
ATOM   566 C CG  A LYS A 1 86 ? -1.415  -10.709 -8.393  0.51 43.55 ? 72  LYS A CG  1 
ATOM   567 C CG  B LYS A 1 86 ? -0.130  -11.995 -8.631  0.49 44.34 ? 72  LYS A CG  1 
ATOM   568 C CD  A LYS A 1 86 ? -0.343  -9.765  -8.923  0.51 41.05 ? 72  LYS A CD  1 
ATOM   569 C CD  B LYS A 1 86 ? -1.034  -12.611 -9.686  0.49 43.75 ? 72  LYS A CD  1 
ATOM   570 C CE  A LYS A 1 86 ? -0.960  -8.464  -9.409  0.51 38.45 ? 72  LYS A CE  1 
ATOM   571 C CE  B LYS A 1 86 ? -0.807  -14.110 -9.804  0.49 47.31 ? 72  LYS A CE  1 
ATOM   572 N NZ  A LYS A 1 86 ? -0.368  -8.014  -10.700 0.51 40.41 ? 72  LYS A NZ  1 
ATOM   573 N NZ  B LYS A 1 86 ? -1.040  -14.819 -8.515  0.49 49.40 ? 72  LYS A NZ  1 
ATOM   574 N N   . TRP A 1 87 ? -1.173  -9.004  -5.883  1.00 34.55 ? 73  TRP A N   1 
ATOM   575 C CA  . TRP A 1 87 ? -2.059  -8.077  -5.196  1.00 32.36 ? 73  TRP A CA  1 
ATOM   576 C C   . TRP A 1 87 ? -3.449  -8.680  -5.044  1.00 36.17 ? 73  TRP A C   1 
ATOM   577 O O   . TRP A 1 87 ? -3.991  -9.267  -5.986  1.00 42.86 ? 73  TRP A O   1 
ATOM   578 C CB  . TRP A 1 87 ? -2.142  -6.762  -5.970  1.00 29.27 ? 73  TRP A CB  1 
ATOM   579 C CG  . TRP A 1 87 ? -0.884  -5.961  -5.912  1.00 29.33 ? 73  TRP A CG  1 
ATOM   580 C CD1 . TRP A 1 87 ? 0.140   -5.968  -6.816  1.00 27.92 ? 73  TRP A CD1 1 
ATOM   581 C CD2 . TRP A 1 87 ? -0.508  -5.037  -4.885  1.00 26.49 ? 73  TRP A CD2 1 
ATOM   582 N NE1 . TRP A 1 87 ? 1.127   -5.098  -6.416  1.00 29.51 ? 73  TRP A NE1 1 
ATOM   583 C CE2 . TRP A 1 87 ? 0.753   -4.514  -5.233  1.00 27.78 ? 73  TRP A CE2 1 
ATOM   584 C CE3 . TRP A 1 87 ? -1.120  -4.598  -3.705  1.00 22.42 ? 73  TRP A CE3 1 
ATOM   585 C CZ2 . TRP A 1 87 ? 1.416   -3.576  -4.443  1.00 24.21 ? 73  TRP A CZ2 1 
ATOM   586 C CZ3 . TRP A 1 87 ? -0.460  -3.670  -2.922  1.00 21.21 ? 73  TRP A CZ3 1 
ATOM   587 C CH2 . TRP A 1 87 ? 0.796   -3.169  -3.294  1.00 22.83 ? 73  TRP A CH2 1 
ATOM   588 N N   . VAL A 1 88 ? -4.019  -8.544  -3.851  1.00 32.52 ? 74  VAL A N   1 
ATOM   589 C CA  . VAL A 1 88 ? -5.368  -9.011  -3.556  1.00 35.89 ? 74  VAL A CA  1 
ATOM   590 C C   . VAL A 1 88 ? -6.204  -7.787  -3.209  1.00 39.22 ? 74  VAL A C   1 
ATOM   591 O O   . VAL A 1 88 ? -5.988  -7.153  -2.166  1.00 40.30 ? 74  VAL A O   1 
ATOM   592 C CB  . VAL A 1 88 ? -5.393  -10.037 -2.416  1.00 37.91 ? 74  VAL A CB  1 
ATOM   593 C CG1 . VAL A 1 88 ? -6.824  -10.479 -2.136  1.00 34.33 ? 74  VAL A CG1 1 
ATOM   594 C CG2 . VAL A 1 88 ? -4.513  -11.237 -2.757  1.00 37.80 ? 74  VAL A CG2 1 
ATOM   595 N N   . ASP A 1 89 ? -7.153  -7.448  -4.076  1.00 39.30 ? 75  ASP A N   1 
ATOM   596 C CA  . ASP A 1 89 ? -8.030  -6.317  -3.825  1.00 37.98 ? 75  ASP A CA  1 
ATOM   597 C C   . ASP A 1 89 ? -9.077  -6.675  -2.774  1.00 39.38 ? 75  ASP A C   1 
ATOM   598 O O   . ASP A 1 89 ? -9.444  -7.839  -2.603  1.00 39.76 ? 75  ASP A O   1 
ATOM   599 C CB  . ASP A 1 89 ? -8.716  -5.869  -5.117  1.00 37.73 ? 75  ASP A CB  1 
ATOM   600 C CG  . ASP A 1 89 ? -7.726  -5.436  -6.190  1.00 38.47 ? 75  ASP A CG  1 
ATOM   601 O OD1 . ASP A 1 89 ? -6.549  -5.174  -5.857  1.00 36.90 ? 75  ASP A OD1 1 
ATOM   602 O OD2 . ASP A 1 89 ? -8.130  -5.349  -7.368  1.00 40.21 ? 75  ASP A OD2 1 
ATOM   603 N N   . ARG A 1 90 ? -9.551  -5.649  -2.061  1.00 41.73 ? 76  ARG A N   1 
ATOM   604 C CA  . ARG A 1 90 ? -10.579 -5.864  -1.045  1.00 46.60 ? 76  ARG A CA  1 
ATOM   605 C C   . ARG A 1 90 ? -11.845 -6.450  -1.657  1.00 46.93 ? 76  ARG A C   1 
ATOM   606 O O   . ARG A 1 90 ? -12.453 -7.363  -1.087  1.00 47.79 ? 76  ARG A O   1 
ATOM   607 C CB  . ARG A 1 90 ? -10.890 -4.550  -0.329  1.00 47.67 ? 76  ARG A CB  1 
ATOM   608 C CG  . ARG A 1 90 ? -12.005 -4.645  0.702   1.00 51.49 ? 76  ARG A CG  1 
ATOM   609 C CD  . ARG A 1 90 ? -11.482 -5.026  2.076   1.00 58.43 ? 76  ARG A CD  1 
ATOM   610 N NE  . ARG A 1 90 ? -10.587 -4.005  2.616   1.00 61.71 ? 76  ARG A NE  1 
ATOM   611 C CZ  . ARG A 1 90 ? -9.985  -4.087  3.798   1.00 62.80 ? 76  ARG A CZ  1 
ATOM   612 N NH1 . ARG A 1 90 ? -10.183 -5.145  4.574   1.00 65.50 ? 76  ARG A NH1 1 
ATOM   613 N NH2 . ARG A 1 90 ? -9.186  -3.110  4.205   1.00 59.49 ? 76  ARG A NH2 1 
ATOM   614 N N   . TYR A 1 91 ? -12.255 -5.941  -2.814  1.00 47.02 ? 77  TYR A N   1 
ATOM   615 C CA  . TYR A 1 91 ? -13.400 -6.493  -3.527  1.00 50.98 ? 77  TYR A CA  1 
ATOM   616 C C   . TYR A 1 91 ? -13.026 -6.798  -4.974  1.00 51.44 ? 77  TYR A C   1 
ATOM   617 O O   . TYR A 1 91 ? -12.298 -6.041  -5.616  1.00 50.40 ? 77  TYR A O   1 
ATOM   618 C CB  . TYR A 1 91 ? -14.590 -5.529  -3.470  1.00 53.22 ? 77  TYR A CB  1 
ATOM   619 C CG  . TYR A 1 91 ? -14.960 -5.121  -2.062  1.00 51.77 ? 77  TYR A CG  1 
ATOM   620 C CD1 . TYR A 1 91 ? -15.547 -6.027  -1.190  1.00 52.52 ? 77  TYR A CD1 1 
ATOM   621 C CD2 . TYR A 1 91 ? -14.712 -3.833  -1.602  1.00 49.00 ? 77  TYR A CD2 1 
ATOM   622 C CE1 . TYR A 1 91 ? -15.879 -5.665  0.101   1.00 55.52 ? 77  TYR A CE1 1 
ATOM   623 C CE2 . TYR A 1 91 ? -15.047 -3.457  -0.314  1.00 49.99 ? 77  TYR A CE2 1 
ATOM   624 C CZ  . TYR A 1 91 ? -15.627 -4.379  0.535   1.00 55.04 ? 77  TYR A CZ  1 
ATOM   625 O OH  . TYR A 1 91 ? -15.959 -4.018  1.820   1.00 58.02 ? 77  TYR A OH  1 
ATOM   626 O OXT . TYR A 1 91 ? -13.437 -7.813  -5.532  1.00 56.02 ? 77  TYR A OXT 1 
HETATM 627 O O   . HOH B 2 .  ? 5.188   -10.224 5.032   1.00 44.14 ? 101 HOH A O   1 
HETATM 628 O O   . HOH B 2 .  ? -6.903  9.634   -2.076  1.00 26.99 ? 102 HOH A O   1 
HETATM 629 O O   . HOH B 2 .  ? 4.265   -14.323 1.279   1.00 41.58 ? 103 HOH A O   1 
HETATM 630 O O   . HOH B 2 .  ? -0.852  9.208   -5.835  1.00 25.80 ? 104 HOH A O   1 
HETATM 631 O O   . HOH B 2 .  ? -1.090  -10.878 -1.705  1.00 40.61 ? 105 HOH A O   1 
HETATM 632 O O   . HOH B 2 .  ? 4.727   -7.884  -0.387  1.00 23.43 ? 106 HOH A O   1 
HETATM 633 O O   . HOH B 2 .  ? 9.177   4.959   -0.504  1.00 41.01 ? 107 HOH A O   1 
HETATM 634 O O   . HOH B 2 .  ? 6.384   9.541   -0.446  1.00 41.12 ? 108 HOH A O   1 
HETATM 635 O O   . HOH B 2 .  ? 8.072   6.845   -6.643  1.00 46.27 ? 109 HOH A O   1 
HETATM 636 O O   . HOH B 2 .  ? -0.624  0.107   7.387   1.00 29.55 ? 110 HOH A O   1 
HETATM 637 O O   . HOH B 2 .  ? -2.686  -9.840  0.415   1.00 36.56 ? 111 HOH A O   1 
HETATM 638 O O   . HOH B 2 .  ? 0.680   -10.723 6.808   1.00 47.50 ? 112 HOH A O   1 
HETATM 639 O O   . HOH B 2 .  ? 9.058   1.162   1.348   1.00 34.18 ? 113 HOH A O   1 
HETATM 640 O O   . HOH B 2 .  ? 1.893   -2.503  4.805   1.00 25.48 ? 114 HOH A O   1 
HETATM 641 O O   . HOH B 2 .  ? 5.706   1.933   5.373   1.00 29.15 ? 115 HOH A O   1 
HETATM 642 O O   . HOH B 2 .  ? 0.129   7.233   -12.801 1.00 36.54 ? 116 HOH A O   1 
HETATM 643 O O   . HOH B 2 .  ? -10.756 -5.796  -8.148  1.00 41.95 ? 117 HOH A O   1 
HETATM 644 O O   . HOH B 2 .  ? 11.068  -3.137  -10.989 1.00 42.57 ? 118 HOH A O   1 
HETATM 645 O O   . HOH B 2 .  ? 7.181   2.910   -12.736 1.00 31.82 ? 119 HOH A O   1 
HETATM 646 O O   . HOH B 2 .  ? 5.735   -3.532  10.681  1.00 25.36 ? 120 HOH A O   1 
HETATM 647 O O   . HOH B 2 .  ? -5.139  -2.839  -10.653 1.00 29.93 ? 121 HOH A O   1 
HETATM 648 O O   . HOH B 2 .  ? -7.376  6.474   -10.122 1.00 48.15 ? 122 HOH A O   1 
HETATM 649 O O   . HOH B 2 .  ? -10.912 -3.013  -3.186  1.00 43.39 ? 123 HOH A O   1 
HETATM 650 O O   . HOH B 2 .  ? -10.820 2.950   1.738   1.00 37.63 ? 124 HOH A O   1 
HETATM 651 O O   . HOH B 2 .  ? 2.973   -5.223  -8.759  1.00 42.39 ? 125 HOH A O   1 
HETATM 652 O O   . HOH B 2 .  ? -7.282  3.189   -11.496 1.00 36.23 ? 126 HOH A O   1 
HETATM 653 O O   . HOH B 2 .  ? -11.673 4.592   -0.823  0.50 28.15 ? 127 HOH A O   1 
HETATM 654 O O   . HOH B 2 .  ? 8.833   3.357   -9.360  1.00 40.05 ? 128 HOH A O   1 
HETATM 655 O O   . HOH B 2 .  ? 5.094   4.472   10.774  1.00 50.76 ? 129 HOH A O   1 
HETATM 656 O O   . HOH B 2 .  ? 10.456  0.074   4.870   1.00 37.78 ? 130 HOH A O   1 
HETATM 657 O O   . HOH B 2 .  ? -7.806  -9.099  -6.614  1.00 40.94 ? 131 HOH A O   1 
HETATM 658 O O   . HOH B 2 .  ? 7.996   -10.279 8.918   1.00 47.69 ? 132 HOH A O   1 
HETATM 659 O O   . HOH B 2 .  ? 9.345   -1.938  6.762   1.00 49.16 ? 133 HOH A O   1 
HETATM 660 O O   . HOH B 2 .  ? 0.497   -2.001  14.622  1.00 50.22 ? 134 HOH A O   1 
HETATM 661 O O   . HOH B 2 .  ? -6.847  -6.973  1.513   1.00 60.94 ? 135 HOH A O   1 
HETATM 662 O O   . HOH B 2 .  ? -0.153  0.513   -16.511 1.00 67.63 ? 136 HOH A O   1 
HETATM 663 O O   . HOH B 2 .  ? -11.502 -0.479  1.416   1.00 51.33 ? 137 HOH A O   1 
HETATM 664 O O   . HOH B 2 .  ? 9.085   -4.857  -8.590  1.00 32.66 ? 138 HOH A O   1 
HETATM 665 O O   . HOH B 2 .  ? 2.309   8.301   -13.223 1.00 45.69 ? 139 HOH A O   1 
HETATM 666 O O   . HOH B 2 .  ? -1.418  12.229  5.277   1.00 49.04 ? 140 HOH A O   1 
# 
loop_
_atom_site_anisotrop.id 
_atom_site_anisotrop.type_symbol 
_atom_site_anisotrop.pdbx_label_atom_id 
_atom_site_anisotrop.pdbx_label_alt_id 
_atom_site_anisotrop.pdbx_label_comp_id 
_atom_site_anisotrop.pdbx_label_asym_id 
_atom_site_anisotrop.pdbx_label_seq_id 
_atom_site_anisotrop.pdbx_PDB_ins_code 
_atom_site_anisotrop.U[1][1] 
_atom_site_anisotrop.U[2][2] 
_atom_site_anisotrop.U[3][3] 
_atom_site_anisotrop.U[1][2] 
_atom_site_anisotrop.U[1][3] 
_atom_site_anisotrop.U[2][3] 
_atom_site_anisotrop.pdbx_auth_seq_id 
_atom_site_anisotrop.pdbx_auth_comp_id 
_atom_site_anisotrop.pdbx_auth_asym_id 
_atom_site_anisotrop.pdbx_auth_atom_id 
6   N N   . ASN A 17 ? 0.9865 0.8667 1.1437 0.0422  -0.1541 0.0918  3  ASN A N   
7   C CA  . ASN A 17 ? 0.8224 0.7209 0.9781 0.0596  -0.1508 0.0617  3  ASN A CA  
8   C C   . ASN A 17 ? 0.6753 0.6106 0.8118 0.0529  -0.1309 0.0523  3  ASN A C   
9   O O   . ASN A 17 ? 0.6641 0.6169 0.7852 0.0412  -0.1211 0.0685  3  ASN A O   
10  C CB  . ASN A 17 ? 0.8458 0.7510 1.0040 0.0767  -0.1588 0.0645  3  ASN A CB  
11  C CG  . ASN A 17 ? 0.8893 0.8219 1.0273 0.0705  -0.1517 0.0842  3  ASN A CG  
12  O OD1 . ASN A 17 ? 0.9656 0.8943 1.0918 0.0569  -0.1499 0.1101  3  ASN A OD1 
13  N ND2 . ASN A 17 ? 0.8443 0.8081 0.9792 0.0806  -0.1477 0.0709  3  ASN A ND2 
14  N N   . VAL A 18 ? 0.5862 0.5335 0.7237 0.0616  -0.1251 0.0260  4  VAL A N   
15  C CA  . VAL A 18 ? 0.4923 0.4686 0.6148 0.0557  -0.1073 0.0182  4  VAL A CA  
16  C C   . VAL A 18 ? 0.4421 0.4467 0.5640 0.0659  -0.0996 0.0089  4  VAL A C   
17  O O   . VAL A 18 ? 0.4721 0.4812 0.6055 0.0816  -0.1029 -0.0074 4  VAL A O   
18  C CB  . VAL A 18 ? 0.4574 0.4305 0.5795 0.0570  -0.1055 -0.0004 4  VAL A CB  
19  C CG1 . VAL A 18 ? 0.4332 0.4351 0.5395 0.0533  -0.0877 -0.0050 4  VAL A CG1 
20  C CG2 . VAL A 18 ? 0.4668 0.4144 0.5967 0.0445  -0.1153 0.0080  4  VAL A CG2 
21  N N   . VAL A 19 ? 0.3912 0.4166 0.5029 0.0572  -0.0897 0.0176  5  VAL A N   
22  C CA  . VAL A 19 ? 0.3941 0.4479 0.5110 0.0624  -0.0827 0.0093  5  VAL A CA  
23  C C   . VAL A 19 ? 0.3365 0.4084 0.4479 0.0565  -0.0657 0.0018  5  VAL A C   
24  O O   . VAL A 19 ? 0.3353 0.4280 0.4565 0.0629  -0.0580 -0.0088 5  VAL A O   
25  C CB  . VAL A 19 ? 0.4398 0.5037 0.5525 0.0583  -0.0872 0.0212  5  VAL A CB  
26  C CG1 . VAL A 19 ? 0.4450 0.5390 0.5708 0.0619  -0.0832 0.0103  5  VAL A CG1 
27  C CG2 . VAL A 19 ? 0.5031 0.5488 0.6183 0.0652  -0.1044 0.0340  5  VAL A CG2 
28  N N   . TYR A 20 ? 0.2554 0.3214 0.3529 0.0449  -0.0592 0.0089  6  TYR A N   
29  C CA  . TYR A 20 ? 0.2078 0.2871 0.2995 0.0392  -0.0447 0.0064  6  TYR A CA  
30  C C   . TYR A 20 ? 0.2139 0.2838 0.2955 0.0383  -0.0418 0.0049  6  TYR A C   
31  O O   . TYR A 20 ? 0.2328 0.2857 0.3123 0.0359  -0.0506 0.0082  6  TYR A O   
32  C CB  . TYR A 20 ? 0.2204 0.3049 0.3064 0.0289  -0.0406 0.0139  6  TYR A CB  
33  C CG  . TYR A 20 ? 0.1928 0.2912 0.2888 0.0298  -0.0450 0.0116  6  TYR A CG  
34  C CD1 . TYR A 20 ? 0.1815 0.2987 0.2941 0.0299  -0.0385 0.0040  6  TYR A CD1 
35  C CD2 . TYR A 20 ? 0.2365 0.3320 0.3267 0.0303  -0.0562 0.0183  6  TYR A CD2 
36  C CE1 . TYR A 20 ? 0.1829 0.3160 0.3096 0.0299  -0.0450 -0.0002 6  TYR A CE1 
37  C CE2 . TYR A 20 ? 0.2559 0.3673 0.3541 0.0326  -0.0633 0.0144  6  TYR A CE2 
38  C CZ  . TYR A 20 ? 0.2250 0.3552 0.3435 0.0322  -0.0587 0.0035  6  TYR A CZ  
39  O OH  . TYR A 20 ? 0.2336 0.3826 0.3652 0.0337  -0.0681 -0.0024 6  TYR A OH  
40  N N   . TYR A 21 ? 0.1936 0.2764 0.2708 0.0397  -0.0302 0.0011  7  TYR A N   
41  C CA  . TYR A 21 ? 0.1975 0.2775 0.2623 0.0408  -0.0277 -0.0007 7  TYR A CA  
42  C C   . TYR A 21 ? 0.2557 0.3439 0.3142 0.0345  -0.0153 0.0079  7  TYR A C   
43  O O   . TYR A 21 ? 0.2530 0.3500 0.3192 0.0306  -0.0073 0.0118  7  TYR A O   
44  C CB  . TYR A 21 ? 0.2284 0.3175 0.2896 0.0544  -0.0270 -0.0141 7  TYR A CB  
45  C CG  . TYR A 21 ? 0.2754 0.3531 0.3459 0.0640  -0.0407 -0.0266 7  TYR A CG  
46  C CD1 . TYR A 21 ? 0.2758 0.3606 0.3610 0.0708  -0.0420 -0.0302 7  TYR A CD1 
47  C CD2 . TYR A 21 ? 0.3086 0.3677 0.3772 0.0669  -0.0544 -0.0358 7  TYR A CD2 
48  C CE1 . TYR A 21 ? 0.3204 0.3915 0.4163 0.0822  -0.0561 -0.0416 7  TYR A CE1 
49  C CE2 . TYR A 21 ? 0.3494 0.3919 0.4301 0.0762  -0.0690 -0.0479 7  TYR A CE2 
50  C CZ  . TYR A 21 ? 0.3609 0.4081 0.4544 0.0849  -0.0696 -0.0502 7  TYR A CZ  
51  O OH  . TYR A 21 ? 0.4602 0.4875 0.5679 0.0966  -0.0855 -0.0622 7  TYR A OH  
52  N N   . PHE A 22 ? 0.2359 0.3205 0.2834 0.0341  -0.0152 0.0104  8  PHE A N   
53  C CA  . PHE A 22 ? 0.2614 0.3503 0.3036 0.0310  -0.0050 0.0197  8  PHE A CA  
54  C C   . PHE A 22 ? 0.2453 0.3390 0.2723 0.0382  -0.0048 0.0196  8  PHE A C   
55  O O   . PHE A 22 ? 0.2447 0.3373 0.2665 0.0436  -0.0148 0.0100  8  PHE A O   
56  C CB  . PHE A 22 ? 0.3194 0.4002 0.3649 0.0230  -0.0063 0.0256  8  PHE A CB  
57  C CG  . PHE A 22 ? 0.3312 0.4096 0.3717 0.0231  -0.0114 0.0274  8  PHE A CG  
58  C CD1 . PHE A 22 ? 0.3378 0.4125 0.3813 0.0218  -0.0222 0.0234  8  PHE A CD1 
59  C CD2 . PHE A 22 ? 0.3543 0.4342 0.3914 0.0242  -0.0065 0.0335  8  PHE A CD2 
60  C CE1 . PHE A 22 ? 0.3480 0.4252 0.3935 0.0198  -0.0275 0.0249  8  PHE A CE1 
61  C CE2 . PHE A 22 ? 0.3325 0.4158 0.3690 0.0254  -0.0121 0.0345  8  PHE A CE2 
62  C CZ  . PHE A 22 ? 0.3243 0.4087 0.3662 0.0223  -0.0223 0.0299  8  PHE A CZ  
63  N N   . THR A 23 ? 0.2740 0.3726 0.2951 0.0387  0.0053  0.0305  9  THR A N   
64  C CA  . THR A 23 ? 0.2799 0.3838 0.2843 0.0463  0.0044  0.0347  9  THR A CA  
65  C C   . THR A 23 ? 0.2574 0.3538 0.2642 0.0432  0.0090  0.0485  9  THR A C   
66  O O   . THR A 23 ? 0.2310 0.3196 0.2504 0.0362  0.0165  0.0550  9  THR A O   
67  C CB  . THR A 23 ? 0.3164 0.4381 0.3046 0.0564  0.0129  0.0367  9  THR A CB  
68  O OG1 . THR A 23 ? 0.3475 0.4736 0.3443 0.0512  0.0283  0.0509  9  THR A OG1 
69  C CG2 . THR A 23 ? 0.2973 0.4276 0.2826 0.0642  0.0071  0.0182  9  THR A CG2 
70  N N   . GLU A 24 ? 0.2475 0.3461 0.2447 0.0492  0.0026  0.0508  10 GLU A N   
71  C CA  . GLU A 24 ? 0.2552 0.3479 0.2534 0.0514  0.0054  0.0640  10 GLU A CA  
72  C C   . GLU A 24 ? 0.2913 0.3940 0.2684 0.0628  0.0073  0.0753  10 GLU A C   
73  O O   . GLU A 24 ? 0.3264 0.4420 0.2891 0.0713  -0.0030 0.0681  10 GLU A O   
74  C CB  . GLU A 24 ? 0.2492 0.3412 0.2571 0.0509  -0.0041 0.0587  10 GLU A CB  
75  C CG  . GLU A 24 ? 0.3399 0.4268 0.3514 0.0570  -0.0026 0.0696  10 GLU A CG  
76  C CD  . GLU A 24 ? 0.3615 0.4565 0.3854 0.0587  -0.0107 0.0637  10 GLU A CD  
77  O OE1 . GLU A 24 ? 0.3609 0.4655 0.3918 0.0524  -0.0170 0.0537  10 GLU A OE1 
78  O OE2 . GLU A 24 ? 0.3689 0.4613 0.3986 0.0666  -0.0105 0.0702  10 GLU A OE2 
79  N N   . THR A 25 ? 0.2977 0.3956 0.2733 0.0628  0.0195  0.0938  11 THR A N   
80  C CA  . THR A 25 ? 0.3616 0.4711 0.3138 0.0736  0.0242  0.1108  11 THR A CA  
81  C C   . THR A 25 ? 0.3608 0.4532 0.3190 0.0753  0.0278  0.1336  11 THR A C   
82  O O   . THR A 25 ? 0.3479 0.4188 0.3300 0.0678  0.0284  0.1333  11 THR A O   
83  C CB  . THR A 25 ? 0.4025 0.5274 0.3469 0.0723  0.0387  0.1170  11 THR A CB  
84  O OG1 . THR A 25 ? 0.3811 0.4927 0.3520 0.0582  0.0500  0.1252  11 THR A OG1 
85  C CG2 . THR A 25 ? 0.3585 0.4995 0.2965 0.0753  0.0331  0.0924  11 THR A CG2 
86  N N   . ASN A 26 ? 0.4047 0.5064 0.3398 0.0873  0.0292  0.1533  12 ASN A N   
87  C CA  . ASN A 26 ? 0.4386 0.5208 0.3788 0.0917  0.0305  0.1781  12 ASN A CA  
88  C C   . ASN A 26 ? 0.4710 0.5328 0.4320 0.0787  0.0461  0.1978  12 ASN A C   
89  O O   . ASN A 26 ? 0.5004 0.5339 0.4806 0.0775  0.0453  0.2108  12 ASN A O   
90  C CB  . ASN A 26 ? 0.4490 0.5482 0.3559 0.1093  0.0263  0.1969  12 ASN A CB  
91  C CG  . ASN A 26 ? 0.4744 0.5815 0.3759 0.1226  0.0062  0.1838  12 ASN A CG  
92  O OD1 . ASN A 26 ? 0.3797 0.4832 0.3023 0.1174  -0.0026 0.1608  12 ASN A OD1 
93  N ND2 . ASN A 26 ? 0.5117 0.6334 0.3858 0.1399  -0.0011 0.1999  12 ASN A ND2 
94  N N   . ASN A 27 ? 0.4263 0.5025 0.3880 0.0691  0.0594  0.1991  13 ASN A N   
95  C CA  . ASN A 27 ? 0.4618 0.5230 0.4519 0.0531  0.0731  0.2146  13 ASN A CA  
96  C C   . ASN A 27 ? 0.4547 0.5391 0.4520 0.0432  0.0824  0.2008  13 ASN A C   
97  O O   . ASN A 27 ? 0.4339 0.5433 0.4113 0.0511  0.0790  0.1821  13 ASN A O   
98  C CB  . ASN A 27 ? 0.5562 0.6134 0.5396 0.0547  0.0850  0.2550  13 ASN A CB  
99  C CG  . ASN A 27 ? 0.6319 0.7290 0.5807 0.0632  0.0959  0.2666  13 ASN A CG  
100 O OD1 . ASN A 27 ? 0.6459 0.7646 0.6021 0.0541  0.1102  0.2671  13 ASN A OD1 
101 N ND2 . ASN A 27 ? 0.6594 0.7682 0.5741 0.0812  0.0861  0.2674  13 ASN A ND2 
102 N N   . ILE A 28 ? 0.4751 0.5510 0.5050 0.0264  0.0929  0.2094  14 ILE A N   
103 C CA  . ILE A 28 ? 0.4606 0.5586 0.5061 0.0168  0.0996  0.1943  14 ILE A CA  
104 C C   . ILE A 28 ? 0.4409 0.5799 0.4656 0.0234  0.1150  0.2051  14 ILE A C   
105 O O   . ILE A 28 ? 0.4138 0.5777 0.4439 0.0228  0.1182  0.1875  14 ILE A O   
106 C CB  . ILE A 28 ? 0.4904 0.5708 0.5813 -0.0036 0.1042  0.1990  14 ILE A CB  
107 C CG1 . ILE A 28 ? 0.5119 0.6101 0.6226 -0.0115 0.1023  0.1737  14 ILE A CG1 
108 C CG2 . ILE A 28 ? 0.5089 0.5953 0.6138 -0.0134 0.1226  0.2357  14 ILE A CG2 
109 C CD1 . ILE A 28 ? 0.5511 0.6329 0.7073 -0.0308 0.1007  0.1702  14 ILE A CD1 
110 N N   . ASN A 29 ? 0.4690 0.6182 0.4682 0.0322  0.1240  0.2333  15 ASN A N   
111 C CA  . ASN A 29 ? 0.5491 0.7406 0.5237 0.0414  0.1379  0.2402  15 ASN A CA  
112 C C   . ASN A 29 ? 0.5937 0.8071 0.5229 0.0641  0.1283  0.2210  15 ASN A C   
113 O O   . ASN A 29 ? 0.6542 0.9017 0.5625 0.0747  0.1348  0.2148  15 ASN A O   
114 C CB  . ASN A 29 ? 0.6040 0.7927 0.5765 0.0383  0.1467  0.2710  15 ASN A CB  
115 C CG  . ASN A 29 ? 0.6615 0.8290 0.6814 0.0147  0.1548  0.2878  15 ASN A CG  
116 O OD1 . ASN A 29 ? 0.6685 0.8510 0.7183 0.0017  0.1628  0.2795  15 ASN A OD1 
117 N ND2 . ASN A 29 ? 0.7310 0.8632 0.7607 0.0097  0.1506  0.3093  15 ASN A ND2 
118 N N   . ALA A 30 ? 0.5664 0.7571 0.4865 0.0708  0.1077  0.2032  16 ALA A N   
119 C CA  . ALA A 30 ? 0.5463 0.7531 0.4328 0.0890  0.0932  0.1784  16 ALA A CA  
120 C C   . ALA A 30 ? 0.5109 0.7180 0.4128 0.0862  0.0840  0.1423  16 ALA A C   
121 O O   . ALA A 30 ? 0.4912 0.6766 0.4260 0.0719  0.0809  0.1344  16 ALA A O   
122 C CB  . ALA A 30 ? 0.5492 0.7349 0.4241 0.0964  0.0746  0.1784  16 ALA A CB  
123 N N   . TYR A 31 ? 0.4987 0.7300 0.3759 0.1015  0.0781  0.1200  17 TYR A N   
124 C CA  . TYR A 31 ? 0.4470 0.6777 0.3379 0.1016  0.0688  0.0874  17 TYR A CA  
125 C C   . TYR A 31 ? 0.4576 0.6781 0.3348 0.1107  0.0449  0.0622  17 TYR A C   
126 O O   . TYR A 31 ? 0.5095 0.7393 0.3584 0.1227  0.0371  0.0639  17 TYR A O   
127 C CB  . TYR A 31 ? 0.4547 0.7220 0.3373 0.1121  0.0823  0.0785  17 TYR A CB  
128 C CG  . TYR A 31 ? 0.4640 0.7484 0.3663 0.1012  0.1072  0.1045  17 TYR A CG  
129 C CD1 . TYR A 31 ? 0.4327 0.7078 0.3763 0.0854  0.1106  0.1015  17 TYR A CD1 
130 C CD2 . TYR A 31 ? 0.5318 0.8435 0.4132 0.1058  0.1264  0.1337  17 TYR A CD2 
131 C CE1 . TYR A 31 ? 0.4716 0.7645 0.4402 0.0732  0.1314  0.1240  17 TYR A CE1 
132 C CE2 . TYR A 31 ? 0.5539 0.8745 0.4636 0.0910  0.1449  0.1563  17 TYR A CE2 
133 C CZ  . TYR A 31 ? 0.5441 0.8612 0.4969 0.0752  0.1505  0.1530  17 TYR A CZ  
134 O OH  . TYR A 31 ? 0.6152 0.9406 0.6001 0.0587  0.1658  0.1727  17 TYR A OH  
135 N N   . ALA A 32 ? 0.3843 0.5869 0.2840 0.1042  0.0324  0.0401  18 ALA A N   
136 C CA  . ALA A 32 ? 0.3626 0.5544 0.2585 0.1088  0.0098  0.0168  18 ALA A CA  
137 C C   . ALA A 32 ? 0.3560 0.5389 0.2707 0.1076  0.0015  -0.0074 18 ALA A C   
138 O O   . ALA A 32 ? 0.3026 0.4859 0.2354 0.1021  0.0120  -0.0048 18 ALA A O   
139 C CB  . ALA A 32 ? 0.3103 0.4794 0.2202 0.0979  -0.0003 0.0253  18 ALA A CB  
140 N N   . THR A 33 ? 0.4101 0.5848 0.3232 0.1128  -0.0190 -0.0308 19 THR A N   
141 C CA  . THR A 33 ? 0.4488 0.6080 0.3822 0.1119  -0.0302 -0.0522 19 THR A CA  
142 C C   . THR A 33 ? 0.4028 0.5378 0.3658 0.0933  -0.0302 -0.0400 19 THR A C   
143 O O   . THR A 33 ? 0.3735 0.4978 0.3435 0.0819  -0.0328 -0.0273 19 THR A O   
144 C CB  . THR A 33 ? 0.4891 0.6396 0.4200 0.1183  -0.0545 -0.0779 19 THR A CB  
145 O OG1 . THR A 33 ? 0.5493 0.7258 0.4465 0.1368  -0.0562 -0.0893 19 THR A OG1 
146 C CG2 . THR A 33 ? 0.4629 0.5956 0.4135 0.1214  -0.0665 -0.1010 19 THR A CG2 
147 N N   . ALA A 34 ? 0.3769 0.5072 0.3565 0.0925  -0.0272 -0.0446 20 ALA A N   
148 C CA  . ALA A 34 ? 0.3298 0.4420 0.3327 0.0774  -0.0272 -0.0331 20 ALA A CA  
149 C C   . ALA A 34 ? 0.3292 0.4173 0.3450 0.0691  -0.0452 -0.0377 20 ALA A C   
150 O O   . ALA A 34 ? 0.3498 0.4290 0.3677 0.0752  -0.0604 -0.0555 20 ALA A O   
151 C CB  . ALA A 34 ? 0.2997 0.4158 0.3170 0.0810  -0.0225 -0.0375 20 ALA A CB  
152 N N   . GLU A 35 ? 0.3184 0.3974 0.3449 0.0549  -0.0432 -0.0219 21 GLU A N   
153 C CA  . GLU A 35 ? 0.3328 0.3941 0.3749 0.0442  -0.0560 -0.0199 21 GLU A CA  
154 C C   . GLU A 35 ? 0.2747 0.3258 0.3299 0.0375  -0.0546 -0.0108 21 GLU A C   
155 O O   . GLU A 35 ? 0.2765 0.3359 0.3293 0.0349  -0.0431 -0.0015 21 GLU A O   
156 C CB  . GLU A 35 ? 0.3644 0.4309 0.4066 0.0356  -0.0546 -0.0089 21 GLU A CB  
157 C CG  . GLU A 35 ? 0.5121 0.5898 0.5421 0.0431  -0.0600 -0.0171 21 GLU A CG  
158 C CD  . GLU A 35 ? 0.6150 0.7014 0.6481 0.0373  -0.0585 -0.0058 21 GLU A CD  
159 O OE1 . GLU A 35 ? 0.6364 0.7190 0.6864 0.0257  -0.0584 0.0032  21 GLU A OE1 
160 O OE2 . GLU A 35 ? 0.6654 0.7647 0.6831 0.0459  -0.0570 -0.0052 21 GLU A OE2 
161 N N   . ALA A 36 ? 0.2906 0.3233 0.3601 0.0347  -0.0681 -0.0133 22 ALA A N   
162 C CA  . ALA A 36 ? 0.3122 0.3355 0.3914 0.0306  -0.0692 -0.0027 22 ALA A CA  
163 C C   . ALA A 36 ? 0.3310 0.3596 0.4093 0.0176  -0.0625 0.0161  22 ALA A C   
164 O O   . ALA A 36 ? 0.3463 0.3776 0.4273 0.0093  -0.0627 0.0218  22 ALA A O   
165 C CB  . ALA A 36 ? 0.3090 0.3071 0.4048 0.0311  -0.0865 -0.0064 22 ALA A CB  
166 N N   . LEU A 37 ? 0.3538 0.3880 0.4294 0.0174  -0.0569 0.0236  23 LEU A N   
167 C CA  . LEU A 37 ? 0.3733 0.4139 0.4453 0.0085  -0.0523 0.0385  23 LEU A CA  
168 C C   . LEU A 37 ? 0.3767 0.4055 0.4549 0.0054  -0.0617 0.0511  23 LEU A C   
169 O O   . LEU A 37 ? 0.3571 0.3724 0.4428 0.0125  -0.0715 0.0472  23 LEU A O   
170 C CB  . LEU A 37 ? 0.2970 0.3524 0.3607 0.0106  -0.0422 0.0364  23 LEU A CB  
171 C CG  . LEU A 37 ? 0.2572 0.3215 0.3160 0.0121  -0.0317 0.0302  23 LEU A CG  
172 C CD1 . LEU A 37 ? 0.1887 0.2617 0.2473 0.0129  -0.0250 0.0271  23 LEU A CD1 
173 C CD2 . LEU A 37 ? 0.2672 0.3357 0.3231 0.0071  -0.0280 0.0359  23 LEU A CD2 
174 N N   . LYS A 38 ? 0.3862 0.4218 0.4611 -0.0035 -0.0584 0.0677  24 LYS A N   
175 C CA  . LYS A 38 ? 0.4210 0.4494 0.4967 -0.0065 -0.0651 0.0860  24 LYS A CA  
176 C C   . LYS A 38 ? 0.3728 0.4142 0.4335 -0.0001 -0.0637 0.0879  24 LYS A C   
177 O O   . LYS A 38 ? 0.3934 0.4291 0.4520 0.0018  -0.0718 0.1022  24 LYS A O   
178 C CB  . LYS A 38 ? 0.4211 0.4571 0.4996 -0.0195 -0.0606 0.1063  24 LYS A CB  
179 C CG  . LYS A 38 ? 0.4539 0.4806 0.5535 -0.0287 -0.0644 0.1051  24 LYS A CG  
180 C CD  . LYS A 38 ? 0.4813 0.5219 0.5899 -0.0434 -0.0585 0.1283  24 LYS A CD  
181 C CE  . LYS A 38 ? 0.4871 0.5308 0.6183 -0.0527 -0.0602 0.1227  24 LYS A CE  
182 N NZ  . LYS A 38 ? 0.5096 0.5225 0.6600 -0.0527 -0.0777 0.1099  24 LYS A NZ  
183 N N   . ALA A 39 ? 0.3172 0.3752 0.3689 0.0035  -0.0552 0.0742  25 ALA A N   
184 C CA  . ALA A 39 ? 0.3186 0.3910 0.3591 0.0086  -0.0560 0.0719  25 ALA A CA  
185 C C   . ALA A 39 ? 0.3049 0.3709 0.3539 0.0174  -0.0676 0.0680  25 ALA A C   
186 O O   . ALA A 39 ? 0.2963 0.3512 0.3597 0.0220  -0.0707 0.0587  25 ALA A O   
187 C CB  . ALA A 39 ? 0.3200 0.4054 0.3573 0.0091  -0.0467 0.0555  25 ALA A CB  
188 N N   . GLN A 40 ? 0.3370 0.4139 0.3762 0.0218  -0.0746 0.0738  26 GLN A N   
189 C CA  . GLN A 40 ? 0.4032 0.4800 0.4520 0.0320  -0.0873 0.0703  26 GLN A CA  
190 C C   . GLN A 40 ? 0.4081 0.5081 0.4590 0.0355  -0.0881 0.0535  26 GLN A C   
191 O O   . GLN A 40 ? 0.4362 0.5426 0.5016 0.0441  -0.0977 0.0471  26 GLN A O   
192 C CB  . GLN A 40 ? 0.4578 0.5286 0.4972 0.0361  -0.0996 0.0929  26 GLN A CB  
193 C CG  . GLN A 40 ? 0.4865 0.5316 0.5302 0.0298  -0.1008 0.1132  26 GLN A CG  
194 C CD  . GLN A 40 ? 0.5158 0.5349 0.5843 0.0348  -0.1080 0.1038  26 GLN A CD  
195 O OE1 . GLN A 40 ? 0.5643 0.5768 0.6445 0.0476  -0.1201 0.0993  26 GLN A OE1 
196 N NE2 . GLN A 40 ? 0.4608 0.4674 0.5378 0.0267  -0.1017 0.0987  26 GLN A NE2 
197 N N   . THR A 41 ? 0.3597 0.4728 0.4006 0.0294  -0.0794 0.0451  27 THR A N   
198 C CA  . THR A 41 ? 0.3590 0.4899 0.4082 0.0296  -0.0809 0.0267  27 THR A CA  
199 C C   . THR A 41 ? 0.3173 0.4445 0.3756 0.0219  -0.0669 0.0155  27 THR A C   
200 O O   . THR A 41 ? 0.3163 0.4323 0.3668 0.0180  -0.0571 0.0215  27 THR A O   
201 C CB  . THR A 41 ? 0.3861 0.5349 0.4144 0.0320  -0.0884 0.0242  27 THR A CB  
202 O OG1 . THR A 41 ? 0.3730 0.5219 0.3818 0.0275  -0.0775 0.0258  27 THR A OG1 
203 C CG2 . THR A 41 ? 0.4077 0.5604 0.4209 0.0406  -0.1019 0.0416  27 THR A CG2 
204 N N   . LEU A 42 ? 0.2785 0.4160 0.3564 0.0194  -0.0667 0.0008  28 LEU A N   
205 C CA  . LEU A 42 ? 0.2349 0.3665 0.3238 0.0119  -0.0540 -0.0057 28 LEU A CA  
206 C C   . LEU A 42 ? 0.2231 0.3495 0.2954 0.0090  -0.0495 -0.0091 28 LEU A C   
207 O O   . LEU A 42 ? 0.2787 0.3933 0.3487 0.0065  -0.0387 -0.0055 28 LEU A O   
208 C CB  . LEU A 42 ? 0.2327 0.3773 0.3511 0.0071  -0.0549 -0.0177 28 LEU A CB  
209 C CG  . LEU A 42 ? 0.2111 0.3478 0.3444 -0.0017 -0.0414 -0.0191 28 LEU A CG  
210 C CD1 . LEU A 42 ? 0.1867 0.3139 0.3136 0.0009  -0.0293 -0.0073 28 LEU A CD1 
211 C CD2 . LEU A 42 ? 0.2086 0.3610 0.3777 -0.0092 -0.0417 -0.0270 28 LEU A CD2 
212 N N   . ALA A 43 ? 0.2194 0.3567 0.2789 0.0116  -0.0584 -0.0172 29 ALA A N   
213 C CA  . ALA A 43 ? 0.2587 0.3952 0.3017 0.0126  -0.0541 -0.0241 29 ALA A CA  
214 C C   . ALA A 43 ? 0.2691 0.4013 0.2933 0.0143  -0.0447 -0.0080 29 ALA A C   
215 O O   . ALA A 43 ? 0.2850 0.4122 0.3069 0.0140  -0.0355 -0.0107 29 ALA A O   
216 C CB  . ALA A 43 ? 0.2610 0.4158 0.2881 0.0183  -0.0664 -0.0373 29 ALA A CB  
217 N N   . ASP A 44 ? 0.2833 0.4173 0.2983 0.0160  -0.0478 0.0092  30 ASP A N   
218 C CA  . ASP A 44 ? 0.2788 0.4086 0.2848 0.0142  -0.0397 0.0258  30 ASP A CA  
219 C C   . ASP A 44 ? 0.2495 0.3632 0.2721 0.0101  -0.0326 0.0272  30 ASP A C   
220 O O   . ASP A 44 ? 0.2726 0.3852 0.2932 0.0082  -0.0247 0.0320  30 ASP A O   
221 C CB  . ASP A 44 ? 0.3631 0.4938 0.3605 0.0151  -0.0465 0.0456  30 ASP A CB  
222 C CG  . ASP A 44 ? 0.4457 0.5968 0.4194 0.0207  -0.0524 0.0495  30 ASP A CG  
223 O OD1 . ASP A 44 ? 0.4675 0.6349 0.4260 0.0237  -0.0474 0.0389  30 ASP A OD1 
224 O OD2 . ASP A 44 ? 0.4784 0.6295 0.4471 0.0240  -0.0629 0.0626  30 ASP A OD2 
225 N N   . ALA A 45 ? 0.2325 0.3382 0.2709 0.0098  -0.0354 0.0228  31 ALA A N   
226 C CA  . ALA A 45 ? 0.2353 0.3301 0.2841 0.0083  -0.0290 0.0237  31 ALA A CA  
227 C C   . ALA A 45 ? 0.2192 0.3118 0.2702 0.0067  -0.0199 0.0178  31 ALA A C   
228 O O   . ALA A 45 ? 0.2255 0.3128 0.2755 0.0067  -0.0146 0.0224  31 ALA A O   
229 C CB  . ALA A 45 ? 0.2116 0.3058 0.2751 0.0106  -0.0318 0.0194  31 ALA A CB  
230 N N   . LYS A 46 ? 0.2374 0.3329 0.2933 0.0059  -0.0202 0.0069  32 LYS A N   
231 C CA  . LYS A 46 ? 0.2530 0.3407 0.3138 0.0054  -0.0135 0.0015  32 LYS A CA  
232 C C   . LYS A 46 ? 0.2924 0.3834 0.3403 0.0097  -0.0099 0.0028  32 LYS A C   
233 O O   . LYS A 46 ? 0.3617 0.4458 0.4125 0.0116  -0.0041 0.0056  32 LYS A O   
234 C CB  . LYS A 46 ? 0.2210 0.3081 0.2943 0.0027  -0.0177 -0.0131 32 LYS A CB  
235 C CG  . LYS A 46 ? 0.2456 0.3333 0.3413 -0.0035 -0.0182 -0.0132 32 LYS A CG  
236 C CD  . LYS A 46 ? 0.2765 0.3659 0.3904 -0.0086 -0.0257 -0.0293 32 LYS A CD  
237 C CE  . LYS A 46 ? 0.2452 0.3405 0.3890 -0.0172 -0.0240 -0.0269 32 LYS A CE  
238 N NZ  . LYS A 46 ? 0.2586 0.3602 0.4261 -0.0241 -0.0349 -0.0438 32 LYS A NZ  
239 N N   . ARG A 47 ? 0.2922 0.3970 0.3255 0.0121  -0.0131 0.0020  33 ARG A N   
240 C CA  . ARG A 47 ? 0.2506 0.3668 0.2734 0.0165  -0.0072 0.0041  33 ARG A CA  
241 C C   . ARG A 47 ? 0.2201 0.3367 0.2467 0.0135  -0.0031 0.0196  33 ARG A C   
242 O O   . ARG A 47 ? 0.2349 0.3549 0.2655 0.0165  0.0026  0.0201  33 ARG A O   
243 C CB  . ARG A 47 ? 0.2915 0.4287 0.2953 0.0198  -0.0094 0.0037  33 ARG A CB  
244 C CG  . ARG A 47 ? 0.3092 0.4670 0.3028 0.0253  -0.0003 0.0058  33 ARG A CG  
245 C CD  . ARG A 47 ? 0.2823 0.4667 0.2525 0.0287  -0.0001 0.0112  33 ARG A CD  
246 N NE  . ARG A 47 ? 0.2531 0.4369 0.2202 0.0210  -0.0041 0.0341  33 ARG A NE  
247 C CZ  . ARG A 47 ? 0.2848 0.4649 0.2443 0.0210  -0.0149 0.0359  33 ARG A CZ  
248 N NH1 . ARG A 47 ? 0.2673 0.4475 0.2223 0.0266  -0.0230 0.0149  33 ARG A NH1 
249 N NH2 . ARG A 47 ? 0.3136 0.4890 0.2729 0.0158  -0.0195 0.0578  33 ARG A NH2 
250 N N   . GLU A 48 ? 0.2083 0.3207 0.2360 0.0084  -0.0080 0.0306  34 GLU A N   
251 C CA  . GLU A 48 ? 0.2295 0.3402 0.2640 0.0044  -0.0078 0.0419  34 GLU A CA  
252 C C   . GLU A 48 ? 0.2438 0.3441 0.2869 0.0064  -0.0063 0.0378  34 GLU A C   
253 O O   . GLU A 48 ? 0.2557 0.3610 0.3040 0.0064  -0.0048 0.0415  34 GLU A O   
254 C CB  . GLU A 48 ? 0.2641 0.3670 0.3004 0.0001  -0.0160 0.0513  34 GLU A CB  
255 C CG  . GLU A 48 ? 0.3146 0.4114 0.3624 -0.0051 -0.0194 0.0596  34 GLU A CG  
256 C CD  . GLU A 48 ? 0.3842 0.4655 0.4374 -0.0073 -0.0300 0.0652  34 GLU A CD  
257 O OE1 . GLU A 48 ? 0.3991 0.4769 0.4470 -0.0035 -0.0340 0.0639  34 GLU A OE1 
258 O OE2 . GLU A 48 ? 0.3903 0.4628 0.4558 -0.0122 -0.0360 0.0693  34 GLU A OE2 
259 N N   . ALA A 49 ? 0.2444 0.3340 0.2897 0.0082  -0.0066 0.0315  35 ALA A N   
260 C CA  . ALA A 49 ? 0.2225 0.3049 0.2715 0.0110  -0.0039 0.0314  35 ALA A CA  
261 C C   . ALA A 49 ? 0.1898 0.2728 0.2403 0.0156  0.0012  0.0305  35 ALA A C   
262 O O   . ALA A 49 ? 0.1754 0.2588 0.2267 0.0193  0.0014  0.0346  35 ALA A O   
263 C CB  . ALA A 49 ? 0.2388 0.3149 0.2918 0.0108  -0.0024 0.0285  35 ALA A CB  
264 N N   A SER A 50 ? 0.1821 0.2655 0.2332 0.0173  0.0035  0.0233  36 SER A N   
265 N N   B SER A 50 ? 0.1814 0.2648 0.2324 0.0174  0.0035  0.0233  36 SER A N   
266 C CA  A SER A 50 ? 0.1896 0.2719 0.2446 0.0247  0.0072  0.0197  36 SER A CA  
267 C CA  B SER A 50 ? 0.1913 0.2735 0.2464 0.0247  0.0072  0.0197  36 SER A CA  
268 C C   A SER A 50 ? 0.1942 0.2952 0.2492 0.0280  0.0084  0.0235  36 SER A C   
269 C C   B SER A 50 ? 0.1945 0.2956 0.2494 0.0282  0.0086  0.0231  36 SER A C   
270 O O   A SER A 50 ? 0.1896 0.2924 0.2507 0.0352  0.0097  0.0249  36 SER A O   
271 O O   B SER A 50 ? 0.2053 0.3084 0.2665 0.0359  0.0101  0.0235  36 SER A O   
272 C CB  A SER A 50 ? 0.2104 0.2890 0.2668 0.0275  0.0073  0.0058  36 SER A CB  
273 C CB  B SER A 50 ? 0.2384 0.3156 0.2954 0.0273  0.0072  0.0060  36 SER A CB  
274 O OG  A SER A 50 ? 0.2617 0.3236 0.3266 0.0227  0.0054  0.0022  36 SER A OG  
275 O OG  B SER A 50 ? 0.2515 0.3454 0.2983 0.0265  0.0057  0.0003  36 SER A OG  
276 N N   . ARG A 51 ? 0.2139 0.3305 0.2646 0.0226  0.0080  0.0273  37 ARG A N   
277 C CA  . ARG A 51 ? 0.2130 0.3522 0.2695 0.0224  0.0106  0.0336  37 ARG A CA  
278 C C   . ARG A 51 ? 0.2087 0.3476 0.2748 0.0176  0.0049  0.0419  37 ARG A C   
279 O O   . ARG A 51 ? 0.2721 0.4298 0.3503 0.0180  0.0057  0.0455  37 ARG A O   
280 C CB  . ARG A 51 ? 0.2335 0.3906 0.2830 0.0170  0.0133  0.0392  37 ARG A CB  
281 C CG  . ARG A 51 ? 0.3097 0.4806 0.3482 0.0257  0.0194  0.0281  37 ARG A CG  
282 C CD  . ARG A 51 ? 0.2925 0.4841 0.3173 0.0217  0.0223  0.0366  37 ARG A CD  
283 N NE  . ARG A 51 ? 0.2232 0.4356 0.2581 0.0131  0.0267  0.0557  37 ARG A NE  
284 C CZ  . ARG A 51 ? 0.2148 0.4585 0.2587 0.0163  0.0366  0.0587  37 ARG A CZ  
285 N NH1 . ARG A 51 ? 0.2278 0.4841 0.2690 0.0310  0.0428  0.0418  37 ARG A NH1 
286 N NH2 . ARG A 51 ? 0.2464 0.5093 0.3055 0.0048  0.0400  0.0783  37 ARG A NH2 
287 N N   . ARG A 52 ? 0.2014 0.3226 0.2640 0.0140  -0.0013 0.0427  38 ARG A N   
288 C CA  . ARG A 52 ? 0.2806 0.4009 0.3495 0.0123  -0.0089 0.0449  38 ARG A CA  
289 C C   . ARG A 52 ? 0.2973 0.4133 0.3629 0.0219  -0.0096 0.0427  38 ARG A C   
290 O O   . ARG A 52 ? 0.3259 0.4463 0.3941 0.0233  -0.0172 0.0426  38 ARG A O   
291 C CB  . ARG A 52 ? 0.3387 0.4448 0.4041 0.0070  -0.0158 0.0443  38 ARG A CB  
292 C CG  . ARG A 52 ? 0.4033 0.5118 0.4753 -0.0027 -0.0186 0.0513  38 ARG A CG  
293 C CD  . ARG A 52 ? 0.4058 0.4966 0.4763 -0.0048 -0.0267 0.0496  38 ARG A CD  
294 N NE  . ARG A 52 ? 0.4083 0.4918 0.4866 -0.0050 -0.0373 0.0438  38 ARG A NE  
295 C CZ  . ARG A 52 ? 0.4352 0.5029 0.5191 -0.0069 -0.0476 0.0407  38 ARG A CZ  
296 N NH1 . ARG A 52 ? 0.4401 0.4985 0.5229 -0.0085 -0.0480 0.0465  38 ARG A NH1 
297 N NH2 . ARG A 52 ? 0.4596 0.5209 0.5504 -0.0054 -0.0589 0.0304  38 ARG A NH2 
298 N N   . GLN A 53 ? 0.2624 0.3692 0.3230 0.0285  -0.0034 0.0414  39 GLN A N   
299 C CA  . GLN A 53 ? 0.2690 0.3697 0.3270 0.0380  -0.0035 0.0446  39 GLN A CA  
300 C C   . GLN A 53 ? 0.2553 0.3733 0.3233 0.0452  -0.0072 0.0459  39 GLN A C   
301 O O   . GLN A 53 ? 0.2450 0.3765 0.3238 0.0466  -0.0036 0.0428  39 GLN A O   
302 C CB  . GLN A 53 ? 0.2895 0.3732 0.3475 0.0416  0.0031  0.0442  39 GLN A CB  
303 C CG  . GLN A 53 ? 0.3722 0.4449 0.4290 0.0512  0.0035  0.0528  39 GLN A CG  
304 C CD  . GLN A 53 ? 0.3910 0.4414 0.4545 0.0516  0.0086  0.0529  39 GLN A CD  
305 O OE1 . GLN A 53 ? 0.3871 0.4343 0.4571 0.0486  0.0102  0.0415  39 GLN A OE1 
306 N NE2 . GLN A 53 ? 0.3745 0.4098 0.4367 0.0551  0.0106  0.0661  39 GLN A NE2 
307 N N   . CYS A 54 ? 0.2484 0.3706 0.3128 0.0509  -0.0146 0.0494  40 CYS A N   
308 C CA  . CYS A 54 ? 0.2745 0.4177 0.3517 0.0579  -0.0213 0.0499  40 CYS A CA  
309 C C   . CYS A 54 ? 0.2602 0.3986 0.3388 0.0735  -0.0195 0.0548  40 CYS A C   
310 O O   . CYS A 54 ? 0.2134 0.3696 0.3091 0.0809  -0.0200 0.0525  40 CYS A O   
311 C CB  . CYS A 54 ? 0.4458 0.5987 0.5185 0.0583  -0.0343 0.0485  40 CYS A CB  
312 S SG  . CYS A 54 ? 0.4619 0.6213 0.5447 0.0417  -0.0425 0.0402  40 CYS A SG  
313 N N   . PHE A 55 ? 0.2275 0.3436 0.2914 0.0789  -0.0172 0.0630  41 PHE A N   
314 C CA  . PHE A 55 ? 0.2495 0.3574 0.3134 0.0945  -0.0193 0.0730  41 PHE A CA  
315 C C   . PHE A 55 ? 0.2618 0.3405 0.3298 0.0962  -0.0107 0.0758  41 PHE A C   
316 O O   . PHE A 55 ? 0.2559 0.3199 0.3207 0.0848  -0.0037 0.0729  41 PHE A O   
317 C CB  . PHE A 55 ? 0.2674 0.3743 0.3102 0.1004  -0.0252 0.0855  41 PHE A CB  
318 C CG  . PHE A 55 ? 0.2632 0.3975 0.3021 0.1012  -0.0380 0.0789  41 PHE A CG  
319 C CD1 . PHE A 55 ? 0.2642 0.4222 0.3197 0.1097  -0.0486 0.0755  41 PHE A CD1 
320 C CD2 . PHE A 55 ? 0.2893 0.4269 0.3112 0.0942  -0.0408 0.0741  41 PHE A CD2 
321 C CE1 . PHE A 55 ? 0.3443 0.5279 0.4013 0.1087  -0.0632 0.0673  41 PHE A CE1 
322 C CE2 . PHE A 55 ? 0.2634 0.4231 0.2840 0.0950  -0.0555 0.0639  41 PHE A CE2 
323 C CZ  . PHE A 55 ? 0.3294 0.5116 0.3684 0.1011  -0.0674 0.0606  41 PHE A CZ  
324 N N   . GLN A 56 ? 0.2823 0.3521 0.3607 0.1115  -0.0131 0.0806  42 GLN A N   
325 C CA  . GLN A 56 ? 0.3052 0.3401 0.3901 0.1148  -0.0086 0.0855  42 GLN A CA  
326 C C   . GLN A 56 ? 0.3465 0.3614 0.4170 0.1116  -0.0064 0.1078  42 GLN A C   
327 O O   . GLN A 56 ? 0.3631 0.3910 0.4170 0.1177  -0.0110 0.1216  42 GLN A O   
328 C CB  . GLN A 56 ? 0.3278 0.3570 0.4304 0.1348  -0.0137 0.0844  42 GLN A CB  
329 C CG  . GLN A 56 ? 0.3269 0.3825 0.4455 0.1407  -0.0132 0.0629  42 GLN A CG  
330 C CD  . GLN A 56 ? 0.3109 0.3529 0.4361 0.1352  -0.0061 0.0445  42 GLN A CD  
331 O OE1 . GLN A 56 ? 0.3806 0.3867 0.5076 0.1315  -0.0048 0.0459  42 GLN A OE1 
332 N NE2 . GLN A 56 ? 0.2931 0.3658 0.4226 0.1343  -0.0018 0.0276  42 GLN A NE2 
333 N N   . GLY A 57 ? 0.3386 0.3252 0.4159 0.1020  0.0007  0.1112  43 GLY A N   
334 C CA  . GLY A 57 ? 0.3621 0.3301 0.4323 0.0982  0.0057  0.1362  43 GLY A CA  
335 C C   . GLY A 57 ? 0.4127 0.3980 0.4642 0.0857  0.0127  0.1418  43 GLY A C   
336 O O   . GLY A 57 ? 0.4195 0.3980 0.4629 0.0831  0.0195  0.1647  43 GLY A O   
337 N N   . THR A 58 ? 0.3160 0.3240 0.3615 0.0787  0.0118  0.1228  44 THR A N   
338 C CA  . THR A 58 ? 0.3227 0.3469 0.3525 0.0701  0.0171  0.1244  44 THR A CA  
339 C C   . THR A 58 ? 0.3354 0.3506 0.3795 0.0545  0.0250  0.1177  44 THR A C   
340 O O   . THR A 58 ? 0.3495 0.3488 0.4132 0.0496  0.0242  0.1068  44 THR A O   
341 C CB  . THR A 58 ? 0.3215 0.3720 0.3398 0.0717  0.0093  0.1083  44 THR A CB  
342 O OG1 . THR A 58 ? 0.2601 0.3120 0.2939 0.0669  0.0060  0.0902  44 THR A OG1 
343 C CG2 . THR A 58 ? 0.2960 0.3612 0.3007 0.0863  -0.0007 0.1144  44 THR A CG2 
344 N N   . THR A 59 ? 0.3153 0.3442 0.3499 0.0484  0.0318  0.1222  45 THR A N   
345 C CA  . THR A 59 ? 0.2829 0.3111 0.3324 0.0346  0.0387  0.1165  45 THR A CA  
346 C C   . THR A 59 ? 0.2674 0.3142 0.3106 0.0324  0.0343  0.0970  45 THR A C   
347 O O   . THR A 59 ? 0.2862 0.3492 0.3106 0.0395  0.0305  0.0938  45 THR A O   
348 C CB  . THR A 59 ? 0.3560 0.3899 0.4050 0.0300  0.0516  0.1380  45 THR A CB  
349 O OG1 . THR A 59 ? 0.4030 0.4138 0.4629 0.0298  0.0552  0.1601  45 THR A OG1 
350 C CG2 . THR A 59 ? 0.2920 0.3332 0.3615 0.0158  0.0580  0.1307  45 THR A CG2 
351 N N   . LEU A 60 ? 0.2432 0.2861 0.3025 0.0232  0.0330  0.0834  46 LEU A N   
352 C CA  . LEU A 60 ? 0.2198 0.2764 0.2759 0.0209  0.0282  0.0684  46 LEU A CA  
353 C C   . LEU A 60 ? 0.2334 0.2995 0.3003 0.0137  0.0345  0.0681  46 LEU A C   
354 O O   . LEU A 60 ? 0.2787 0.3382 0.3654 0.0053  0.0393  0.0722  46 LEU A O   
355 C CB  . LEU A 60 ? 0.2075 0.2587 0.2704 0.0184  0.0209  0.0543  46 LEU A CB  
356 C CG  . LEU A 60 ? 0.2264 0.2756 0.2839 0.0255  0.0162  0.0526  46 LEU A CG  
357 C CD1 . LEU A 60 ? 0.2132 0.2631 0.2763 0.0234  0.0126  0.0397  46 LEU A CD1 
358 C CD2 . LEU A 60 ? 0.2031 0.2657 0.2476 0.0304  0.0112  0.0535  46 LEU A CD2 
359 N N   . LYS A 61 ? 0.2200 0.3025 0.2779 0.0176  0.0332  0.0620  47 LYS A N   
360 C CA  . LYS A 61 ? 0.2071 0.3043 0.2777 0.0138  0.0377  0.0581  47 LYS A CA  
361 C C   . LYS A 61 ? 0.2200 0.3203 0.2896 0.0161  0.0268  0.0426  47 LYS A C   
362 O O   . LYS A 61 ? 0.2110 0.3076 0.2666 0.0221  0.0189  0.0376  47 LYS A O   
363 C CB  . LYS A 61 ? 0.2205 0.3382 0.2814 0.0204  0.0483  0.0663  47 LYS A CB  
364 C CG  . LYS A 61 ? 0.3168 0.4338 0.3736 0.0197  0.0599  0.0878  47 LYS A CG  
365 C CD  . LYS A 61 ? 0.3611 0.5054 0.4000 0.0295  0.0706  0.0949  47 LYS A CD  
366 C CE  . LYS A 61 ? 0.4009 0.5458 0.4272 0.0314  0.0813  0.1208  47 LYS A CE  
367 N NZ  . LYS A 61 ? 0.4576 0.6352 0.4589 0.0439  0.0921  0.1271  47 LYS A NZ  
368 N N   . ILE A 62 ? 0.1999 0.3068 0.2876 0.0111  0.0253  0.0363  48 ILE A N   
369 C CA  . ILE A 62 ? 0.1988 0.3086 0.2872 0.0147  0.0146  0.0252  48 ILE A CA  
370 C C   . ILE A 62 ? 0.2010 0.3317 0.3039 0.0183  0.0184  0.0211  48 ILE A C   
371 O O   . ILE A 62 ? 0.1990 0.3436 0.3203 0.0123  0.0280  0.0259  48 ILE A O   
372 C CB  . ILE A 62 ? 0.2422 0.3438 0.3362 0.0086  0.0056  0.0204  48 ILE A CB  
373 C CG1 . ILE A 62 ? 0.2104 0.2978 0.2902 0.0080  0.0031  0.0229  48 ILE A CG1 
374 C CG2 . ILE A 62 ? 0.2171 0.3232 0.3130 0.0127  -0.0053 0.0138  48 ILE A CG2 
375 C CD1 . ILE A 62 ? 0.2003 0.2853 0.2795 0.0050  -0.0042 0.0174  48 ILE A CD1 
376 N N   . GLY A 63 ? 0.1933 0.3271 0.2916 0.0283  0.0108  0.0123  49 GLY A N   
377 C CA  . GLY A 63 ? 0.2029 0.3584 0.3168 0.0356  0.0127  0.0051  49 GLY A CA  
378 C C   . GLY A 63 ? 0.2363 0.3830 0.3501 0.0451  -0.0027 -0.0050 49 GLY A C   
379 O O   . GLY A 63 ? 0.2821 0.4060 0.3833 0.0439  -0.0134 -0.0040 49 GLY A O   
380 N N   . THR A 64 ? 0.2041 0.3700 0.3352 0.0544  -0.0037 -0.0132 50 THR A N   
381 C CA  . THR A 64 ? 0.2244 0.3807 0.3591 0.0668  -0.0189 -0.0227 50 THR A CA  
382 C C   . THR A 64 ? 0.2534 0.4121 0.3798 0.0827  -0.0177 -0.0353 50 THR A C   
383 O O   . THR A 64 ? 0.2437 0.4118 0.3555 0.0837  -0.0059 -0.0353 50 THR A O   
384 C CB  . THR A 64 ? 0.2186 0.3954 0.3799 0.0710  -0.0238 -0.0266 50 THR A CB  
385 O OG1 . THR A 64 ? 0.2069 0.4196 0.3857 0.0774  -0.0096 -0.0325 50 THR A OG1 
386 C CG2 . THR A 64 ? 0.2103 0.3884 0.3786 0.0561  -0.0267 -0.0186 50 THR A CG2 
387 N N   . ILE A 65 ? 0.2720 0.4216 0.4068 0.0971  -0.0315 -0.0471 51 ILE A N   
388 C CA  . ILE A 65 ? 0.2723 0.4239 0.4013 0.1155  -0.0330 -0.0653 51 ILE A CA  
389 C C   . ILE A 65 ? 0.2806 0.4768 0.4157 0.1256  -0.0141 -0.0724 51 ILE A C   
390 O O   . ILE A 65 ? 0.3000 0.5085 0.4195 0.1382  -0.0074 -0.0846 51 ILE A O   
391 C CB  . ILE A 65 ? 0.3243 0.4530 0.4671 0.1299  -0.0535 -0.0768 51 ILE A CB  
392 C CG1 . ILE A 65 ? 0.3917 0.5165 0.5287 0.1502  -0.0585 -0.1012 51 ILE A CG1 
393 C CG2 . ILE A 65 ? 0.2668 0.4166 0.4361 0.1379  -0.0556 -0.0771 51 ILE A CG2 
394 C CD1 . ILE A 65 ? 0.4129 0.5188 0.5263 0.1441  -0.0610 -0.1044 51 ILE A CD1 
395 N N   . TYR A 66 ? 0.2387 0.4632 0.3969 0.1200  -0.0050 -0.0647 52 TYR A N   
396 C CA  . TYR A 66 ? 0.2826 0.5554 0.4536 0.1265  0.0153  -0.0672 52 TYR A CA  
397 C C   . TYR A 66 ? 0.2366 0.5234 0.3936 0.1118  0.0356  -0.0502 52 TYR A C   
398 O O   . TYR A 66 ? 0.2877 0.6162 0.4522 0.1153  0.0556  -0.0470 52 TYR A O   
399 C CB  . TYR A 66 ? 0.2850 0.5849 0.4942 0.1247  0.0149  -0.0656 52 TYR A CB  
400 C CG  . TYR A 66 ? 0.2397 0.5232 0.4626 0.1400  -0.0074 -0.0782 52 TYR A CG  
401 C CD1 . TYR A 66 ? 0.2627 0.5501 0.4878 0.1661  -0.0129 -0.0990 52 TYR A CD1 
402 C CD2 . TYR A 66 ? 0.2301 0.4933 0.4622 0.1302  -0.0241 -0.0693 52 TYR A CD2 
403 C CE1 . TYR A 66 ? 0.2760 0.5431 0.5160 0.1813  -0.0348 -0.1084 52 TYR A CE1 
404 C CE2 . TYR A 66 ? 0.2434 0.4904 0.4865 0.1452  -0.0452 -0.0761 52 TYR A CE2 
405 C CZ  . TYR A 66 ? 0.2664 0.5130 0.5152 0.1703  -0.0507 -0.0945 52 TYR A CZ  
406 O OH  . TYR A 66 ? 0.2857 0.5103 0.5469 0.1855  -0.0728 -0.0989 52 TYR A OH  
407 N N   . SER A 67 ? 0.2276 0.4824 0.3660 0.0965  0.0313  -0.0378 53 SER A N   
408 C CA  . SER A 67 ? 0.2465 0.5058 0.3692 0.0850  0.0468  -0.0208 53 SER A CA  
409 C C   . SER A 67 ? 0.2800 0.5391 0.3684 0.0977  0.0498  -0.0263 53 SER A C   
410 O O   . SER A 67 ? 0.2892 0.5544 0.3610 0.0918  0.0623  -0.0107 53 SER A O   
411 C CB  . SER A 67 ? 0.2399 0.4658 0.3596 0.0660  0.0391  -0.0080 53 SER A CB  
412 O OG  . SER A 67 ? 0.2657 0.4923 0.4129 0.0555  0.0337  -0.0061 53 SER A OG  
413 N N   . LEU A 68 ? 0.2833 0.5338 0.3617 0.1154  0.0365  -0.0483 54 LEU A N   
414 C CA  . LEU A 68 ? 0.2986 0.5464 0.3449 0.1282  0.0334  -0.0594 54 LEU A CA  
415 C C   . LEU A 68 ? 0.3097 0.5989 0.3484 0.1508  0.0455  -0.0752 54 LEU A C   
416 O O   . LEU A 68 ? 0.3117 0.6207 0.3736 0.1617  0.0475  -0.0870 54 LEU A O   
417 C CB  . LEU A 68 ? 0.2885 0.4963 0.3310 0.1321  0.0081  -0.0763 54 LEU A CB  
418 C CG  . LEU A 68 ? 0.3479 0.5188 0.4013 0.1128  -0.0047 -0.0633 54 LEU A CG  
419 C CD1 . LEU A 68 ? 0.3072 0.4437 0.3566 0.1154  -0.0268 -0.0765 54 LEU A CD1 
420 C CD2 . LEU A 68 ? 0.3985 0.5687 0.4423 0.0960  0.0058  -0.0409 54 LEU A CD2 
421 N N   . ASN A 69 ? 0.3325 0.6383 0.3376 0.1601  0.0533  -0.0759 55 ASN A N   
422 C CA  . ASN A 69 ? 0.4031 0.7499 0.3929 0.1857  0.0631  -0.0956 55 ASN A CA  
423 C C   . ASN A 69 ? 0.4659 0.7887 0.4445 0.2053  0.0382  -0.1319 55 ASN A C   
424 O O   . ASN A 69 ? 0.4344 0.7102 0.4208 0.1961  0.0154  -0.1372 55 ASN A O   
425 C CB  . ASN A 69 ? 0.4044 0.7867 0.3606 0.1886  0.0840  -0.0778 55 ASN A CB  
426 C CG  . ASN A 69 ? 0.4717 0.8305 0.3912 0.1893  0.0701  -0.0789 55 ASN A CG  
427 O OD1 . ASN A 69 ? 0.5206 0.8376 0.4431 0.1854  0.0455  -0.0930 55 ASN A OD1 
428 N ND2 . ASN A 69 ? 0.4869 0.8713 0.3750 0.1919  0.0840  -0.0607 55 ASN A ND2 
429 N N   . SER A 70 ? 0.5275 0.8764 0.4897 0.2270  0.0402  -0.1534 56 SER A N   
430 C CA  . SER A 70 ? 0.6065 0.9296 0.5645 0.2442  0.0141  -0.1897 56 SER A CA  
431 C C   . SER A 70 ? 0.6484 0.9445 0.5809 0.2445  -0.0048 -0.2011 56 SER A C   
432 O O   . SER A 70 ? 0.7048 0.9674 0.6438 0.2522  -0.0310 -0.2292 56 SER A O   
433 C CB  . SER A 70 ? 0.6494 1.0059 0.5954 0.2634  0.0191  -0.2065 56 SER A CB  
434 O OG  . SER A 70 ? 0.6854 1.0796 0.5980 0.2647  0.0369  -0.1909 56 SER A OG  
435 N N   . ASP A 71 ? 0.6065 0.9147 0.5134 0.2350  0.0063  -0.1790 57 ASP A N   
436 C CA  . ASP A 71 ? 0.6045 0.8878 0.4906 0.2309  -0.0132 -0.1851 57 ASP A CA  
437 C C   . ASP A 71 ? 0.5705 0.8084 0.4814 0.2024  -0.0252 -0.1639 57 ASP A C   
438 O O   . ASP A 71 ? 0.6167 0.8345 0.5183 0.1953  -0.0416 -0.1657 57 ASP A O   
439 C CB  . ASP A 71 ? 0.6414 0.9590 0.4872 0.2338  0.0008  -0.1670 57 ASP A CB  
440 C CG  . ASP A 71 ? 0.7491 1.1015 0.5756 0.2526  0.0044  -0.1790 57 ASP A CG  
441 O OD1 . ASP A 71 ? 0.8016 1.1459 0.6361 0.2673  -0.0130 -0.2128 57 ASP A OD1 
442 O OD2 . ASP A 71 ? 0.7959 1.1826 0.6007 0.2529  0.0242  -0.1540 57 ASP A OD2 
443 N N   . GLY A 72 ? 0.4766 0.7022 0.4186 0.1870  -0.0176 -0.1451 58 GLY A N   
444 C CA  . GLY A 72 ? 0.3968 0.5862 0.3589 0.1623  -0.0260 -0.1248 58 GLY A CA  
445 C C   . GLY A 72 ? 0.3995 0.5970 0.3543 0.1452  -0.0099 -0.0918 58 GLY A C   
446 O O   . GLY A 72 ? 0.3835 0.5547 0.3517 0.1268  -0.0163 -0.0770 58 GLY A O   
447 N N   . LEU A 73 ? 0.4390 0.6722 0.3738 0.1513  0.0108  -0.0790 59 LEU A N   
448 C CA  . LEU A 73 ? 0.4196 0.6562 0.3506 0.1360  0.0254  -0.0463 59 LEU A CA  
449 C C   . LEU A 73 ? 0.3718 0.6046 0.3350 0.1196  0.0369  -0.0288 59 LEU A C   
450 O O   . LEU A 73 ? 0.3518 0.6030 0.3319 0.1246  0.0450  -0.0351 59 LEU A O   
451 C CB  . LEU A 73 ? 0.4554 0.7305 0.3555 0.1474  0.0439  -0.0341 59 LEU A CB  
452 C CG  . LEU A 73 ? 0.5294 0.8156 0.3901 0.1646  0.0335  -0.0474 59 LEU A CG  
453 C CD1 . LEU A 73 ? 0.5454 0.8693 0.3749 0.1722  0.0551  -0.0230 59 LEU A CD1 
454 C CD2 . LEU A 73 ? 0.5443 0.7973 0.4058 0.1549  0.0120  -0.0479 59 LEU A CD2 
455 N N   . LEU A 74 ? 0.3486 0.5596 0.3213 0.1016  0.0365  -0.0090 60 LEU A N   
456 C CA  . LEU A 74 ? 0.3035 0.5100 0.3050 0.0857  0.0449  0.0054  60 LEU A CA  
457 C C   . LEU A 74 ? 0.3286 0.5606 0.3307 0.0814  0.0675  0.0282  60 LEU A C   
458 O O   . LEU A 74 ? 0.3272 0.5503 0.3213 0.0737  0.0725  0.0483  60 LEU A O   
459 C CB  . LEU A 74 ? 0.2688 0.4427 0.2791 0.0706  0.0344  0.0129  60 LEU A CB  
460 C CG  . LEU A 74 ? 0.2961 0.4568 0.3338 0.0589  0.0296  0.0123  60 LEU A CG  
461 C CD1 . LEU A 74 ? 0.2775 0.4119 0.3160 0.0478  0.0209  0.0185  60 LEU A CD1 
462 C CD2 . LEU A 74 ? 0.2729 0.4517 0.3324 0.0509  0.0443  0.0230  60 LEU A CD2 
463 N N   . VAL A 75 ? 0.3447 0.6093 0.3593 0.0865  0.0812  0.0263  61 VAL A N   
464 C CA  . VAL A 75 ? 0.3876 0.6824 0.4070 0.0812  0.1050  0.0506  61 VAL A CA  
465 C C   . VAL A 75 ? 0.3739 0.6724 0.4368 0.0626  0.1127  0.0614  61 VAL A C   
466 O O   . VAL A 75 ? 0.4207 0.7290 0.4960 0.0497  0.1290  0.0871  61 VAL A O   
467 C CB  . VAL A 75 ? 0.4595 0.8011 0.4613 0.1011  0.1197  0.0437  61 VAL A CB  
468 C CG1 . VAL A 75 ? 0.4888 0.8291 0.4455 0.1203  0.1100  0.0303  61 VAL A CG1 
469 C CG2 . VAL A 75 ? 0.4392 0.7997 0.4657 0.1103  0.1173  0.0196  61 VAL A CG2 
470 N N   . ASP A 76 ? 0.3139 0.6044 0.4014 0.0607  0.1002  0.0436  62 ASP A N   
471 C CA  . ASP A 76 ? 0.3463 0.6475 0.4764 0.0453  0.1048  0.0492  62 ASP A CA  
472 C C   . ASP A 76 ? 0.3469 0.6107 0.4896 0.0331  0.0858  0.0433  62 ASP A C   
473 O O   . ASP A 76 ? 0.3733 0.6379 0.5342 0.0349  0.0739  0.0284  62 ASP A O   
474 C CB  . ASP A 76 ? 0.4234 0.7623 0.5749 0.0571  0.1082  0.0334  62 ASP A CB  
475 C CG  . ASP A 76 ? 0.5493 0.9369 0.7254 0.0520  0.1333  0.0495  62 ASP A CG  
476 O OD1 . ASP A 76 ? 0.6165 1.0029 0.7961 0.0360  0.1469  0.0756  62 ASP A OD1 
477 O OD2 . ASP A 76 ? 0.6061 1.0337 0.8007 0.0639  0.1398  0.0375  62 ASP A OD2 
478 N N   . GLU A 77 ? 0.3079 0.5414 0.4407 0.0226  0.0829  0.0552  63 GLU A N   
479 C CA  . GLU A 77 ? 0.2552 0.4566 0.3925 0.0148  0.0658  0.0474  63 GLU A CA  
480 C C   . GLU A 77 ? 0.2265 0.4351 0.4013 0.0018  0.0628  0.0442  63 GLU A C   
481 O O   . GLU A 77 ? 0.2176 0.4478 0.4205 -0.0081 0.0754  0.0544  63 GLU A O   
482 C CB  . GLU A 77 ? 0.2612 0.4337 0.3828 0.0089  0.0649  0.0593  63 GLU A CB  
483 C CG  . GLU A 77 ? 0.3665 0.5339 0.5106 -0.0064 0.0749  0.0769  63 GLU A CG  
484 C CD  . GLU A 77 ? 0.5120 0.6995 0.6524 -0.0058 0.0944  0.0992  63 GLU A CD  
485 O OE1 . GLU A 77 ? 0.5610 0.7729 0.6797 0.0082  0.1010  0.0976  63 GLU A OE1 
486 O OE2 . GLU A 77 ? 0.5599 0.7386 0.7187 -0.0188 0.1030  0.1187  63 GLU A OE2 
487 N N   . ILE A 78 ? 0.2106 0.4042 0.3871 0.0018  0.0455  0.0305  64 ILE A N   
488 C CA  . ILE A 78 ? 0.2134 0.4124 0.4213 -0.0093 0.0379  0.0242  64 ILE A CA  
489 C C   . ILE A 78 ? 0.2724 0.4454 0.4838 -0.0223 0.0340  0.0270  64 ILE A C   
490 O O   . ILE A 78 ? 0.2467 0.4240 0.4884 -0.0343 0.0293  0.0220  64 ILE A O   
491 C CB  . ILE A 78 ? 0.1954 0.3956 0.4013 -0.0006 0.0203  0.0089  64 ILE A CB  
492 C CG1 . ILE A 78 ? 0.2062 0.3755 0.3815 0.0027  0.0084  0.0065  64 ILE A CG1 
493 C CG2 . ILE A 78 ? 0.1753 0.3963 0.3804 0.0151  0.0220  0.0036  64 ILE A CG2 
494 C CD1 . ILE A 78 ? 0.2396 0.4078 0.4102 0.0107  -0.0084 -0.0023 64 ILE A CD1 
495 N N   . THR A 79 ? 0.1911 0.3383 0.3753 -0.0195 0.0344  0.0325  65 THR A N   
496 C CA  . THR A 79 ? 0.2296 0.3514 0.4172 -0.0279 0.0311  0.0335  65 THR A CA  
497 C C   . THR A 79 ? 0.2356 0.3391 0.3965 -0.0215 0.0367  0.0448  65 THR A C   
498 O O   . THR A 79 ? 0.2729 0.3808 0.4089 -0.0106 0.0375  0.0463  65 THR A O   
499 C CB  . THR A 79 ? 0.2547 0.3672 0.4386 -0.0273 0.0145  0.0158  65 THR A CB  
500 O OG1 . THR A 79 ? 0.3122 0.4033 0.5047 -0.0343 0.0112  0.0118  65 THR A OG1 
501 C CG2 . THR A 79 ? 0.1995 0.3058 0.3501 -0.0154 0.0084  0.0131  65 THR A CG2 
502 N N   . SER A 80 ? 0.2770 0.3590 0.4457 -0.0277 0.0387  0.0517  66 SER A N   
503 C CA  . SER A 80 ? 0.2695 0.3353 0.4170 -0.0204 0.0428  0.0639  66 SER A CA  
504 C C   . SER A 80 ? 0.2980 0.3357 0.4526 -0.0223 0.0359  0.0586  66 SER A C   
505 O O   . SER A 80 ? 0.3307 0.3604 0.5091 -0.0312 0.0299  0.0472  66 SER A O   
506 C CB  . SER A 80 ? 0.2649 0.3378 0.4136 -0.0218 0.0578  0.0876  66 SER A CB  
507 O OG  . SER A 80 ? 0.3329 0.3952 0.5143 -0.0360 0.0632  0.0985  66 SER A OG  
508 N N   . LYS A 81 ? 0.2686 0.2934 0.4040 -0.0126 0.0356  0.0647  67 LYS A N   
509 C CA  . LYS A 81 ? 0.2907 0.2914 0.4308 -0.0092 0.0289  0.0571  67 LYS A CA  
510 C C   . LYS A 81 ? 0.3394 0.3265 0.4698 -0.0005 0.0331  0.0755  67 LYS A C   
511 O O   . LYS A 81 ? 0.3582 0.3567 0.4651 0.0099  0.0328  0.0792  67 LYS A O   
512 C CB  . LYS A 81 ? 0.3486 0.3565 0.4734 -0.0018 0.0199  0.0374  67 LYS A CB  
513 C CG  . LYS A 81 ? 0.4287 0.4200 0.5540 0.0064  0.0148  0.0272  67 LYS A CG  
514 C CD  . LYS A 81 ? 0.4800 0.4877 0.5892 0.0125  0.0092  0.0105  67 LYS A CD  
515 C CE  . LYS A 81 ? 0.5361 0.5388 0.6411 0.0250  0.0076  0.0029  67 LYS A CE  
516 N NZ  . LYS A 81 ? 0.5939 0.5724 0.7178 0.0272  0.0034  -0.0101 67 LYS A NZ  
517 N N   . GLU A 82 ? 0.4124 0.3748 0.5633 -0.0049 0.0354  0.0874  68 GLU A N   
518 C CA  . GLU A 82 ? 0.5310 0.4759 0.6745 0.0061  0.0362  0.1044  68 GLU A CA  
519 C C   . GLU A 82 ? 0.6021 0.5362 0.7424 0.0190  0.0261  0.0854  68 GLU A C   
520 O O   . GLU A 82 ? 0.6095 0.5408 0.7592 0.0172  0.0196  0.0612  68 GLU A O   
521 C CB  . GLU A 82 ? 0.5682 0.4853 0.7383 -0.0027 0.0410  0.1259  68 GLU A CB  
522 C CG  . GLU A 82 ? 0.6366 0.5689 0.8198 -0.0189 0.0532  0.1437  68 GLU A CG  
523 C CD  . GLU A 82 ? 0.7241 0.6805 0.8796 -0.0125 0.0652  0.1702  68 GLU A CD  
524 O OE1 . GLU A 82 ? 0.7510 0.7207 0.8739 0.0031  0.0614  0.1661  68 GLU A OE1 
525 O OE2 . GLU A 82 ? 0.7636 0.7280 0.9308 -0.0231 0.0783  0.1947  68 GLU A OE2 
526 N N   . ASP A 83 ? 0.6542 0.5869 0.7802 0.0336  0.0246  0.0960  69 ASP A N   
527 C CA  . ASP A 83 ? 0.6771 0.6088 0.8014 0.0479  0.0170  0.0792  69 ASP A CA  
528 C C   . ASP A 83 ? 0.6658 0.5659 0.8155 0.0499  0.0114  0.0650  69 ASP A C   
529 O O   . ASP A 83 ? 0.6733 0.5416 0.8421 0.0478  0.0113  0.0796  69 ASP A O   
530 C CB  . ASP A 83 ? 0.7440 0.6809 0.8547 0.0635  0.0151  0.0952  69 ASP A CB  
531 C CG  . ASP A 83 ? 0.7441 0.6923 0.8550 0.0786  0.0086  0.0779  69 ASP A CG  
532 O OD1 . ASP A 83 ? 0.7001 0.6752 0.8026 0.0762  0.0085  0.0623  69 ASP A OD1 
533 O OD2 . ASP A 83 ? 0.7483 0.6802 0.8695 0.0932  0.0041  0.0815  69 ASP A OD2 
534 N N   . GLY A 84 ? 0.6643 0.5733 0.8144 0.0543  0.0066  0.0366  70 GLY A N   
535 C CA  . GLY A 84 ? 0.6822 0.5653 0.8537 0.0589  -0.0007 0.0149  70 GLY A CA  
536 C C   . GLY A 84 ? 0.6662 0.5347 0.8572 0.0419  -0.0039 0.0033  70 GLY A C   
537 O O   . GLY A 84 ? 0.7497 0.5962 0.9592 0.0453  -0.0127 -0.0203 70 GLY A O   
538 N N   A LYS A 85 ? 0.5838 0.4654 0.7733 0.0249  0.0017  0.0167  71 LYS A N   
539 N N   B LYS A 85 ? 0.5838 0.4653 0.7734 0.0249  0.0016  0.0167  71 LYS A N   
540 C CA  A LYS A 85 ? 0.5603 0.4352 0.7730 0.0075  -0.0019 0.0070  71 LYS A CA  
541 C CA  B LYS A 85 ? 0.5607 0.4351 0.7736 0.0074  -0.0018 0.0073  71 LYS A CA  
542 C C   A LYS A 85 ? 0.5158 0.4257 0.7117 0.0031  -0.0033 -0.0091 71 LYS A C   
543 C C   B LYS A 85 ? 0.5157 0.4255 0.7121 0.0025  -0.0029 -0.0076 71 LYS A C   
544 O O   A LYS A 85 ? 0.4906 0.4266 0.6582 0.0114  -0.0002 -0.0087 71 LYS A O   
545 O O   B LYS A 85 ? 0.4897 0.4258 0.6579 0.0102  0.0006  -0.0059 71 LYS A O   
546 C CB  A LYS A 85 ? 0.5591 0.4245 0.7908 -0.0087 0.0065  0.0373  71 LYS A CB  
547 C CB  B LYS A 85 ? 0.5615 0.4247 0.7941 -0.0084 0.0065  0.0380  71 LYS A CB  
548 C CG  A LYS A 85 ? 0.6045 0.4354 0.8494 -0.0045 0.0091  0.0624  71 LYS A CG  
549 C CG  B LYS A 85 ? 0.6118 0.4352 0.8637 -0.0050 0.0066  0.0577  71 LYS A CG  
550 C CD  A LYS A 85 ? 0.6434 0.4331 0.9330 -0.0166 0.0019  0.0588  71 LYS A CD  
551 C CD  B LYS A 85 ? 0.6251 0.4497 0.8798 -0.0151 0.0197  0.0984  71 LYS A CD  
552 C CE  A LYS A 85 ? 0.6681 0.4340 0.9675 -0.0039 -0.0136 0.0220  71 LYS A CE  
553 C CE  B LYS A 85 ? 0.6205 0.4470 0.9081 -0.0397 0.0243  0.1053  71 LYS A CE  
554 N NZ  A LYS A 85 ? 0.7368 0.4577 1.0837 -0.0159 -0.0239 0.0147  71 LYS A NZ  
555 N NZ  B LYS A 85 ? 0.6191 0.4512 0.9091 -0.0485 0.0401  0.1478  71 LYS A NZ  
556 N N   A LYS A 86 ? 0.5068 0.4168 0.7233 -0.0104 -0.0094 -0.0223 72 LYS A N   
557 N N   B LYS A 86 ? 0.5071 0.4167 0.7242 -0.0106 -0.0093 -0.0220 72 LYS A N   
558 C CA  A LYS A 86 ? 0.4717 0.4132 0.6754 -0.0140 -0.0132 -0.0361 72 LYS A CA  
559 C CA  B LYS A 86 ? 0.4717 0.4131 0.6758 -0.0141 -0.0130 -0.0356 72 LYS A CA  
560 C C   A LYS A 86 ? 0.4230 0.3853 0.6272 -0.0247 -0.0042 -0.0144 72 LYS A C   
561 C C   B LYS A 86 ? 0.4224 0.3847 0.6256 -0.0244 -0.0038 -0.0137 72 LYS A C   
562 O O   A LYS A 86 ? 0.4149 0.3688 0.6347 -0.0329 0.0049  0.0082  72 LYS A O   
563 O O   B LYS A 86 ? 0.4128 0.3673 0.6301 -0.0320 0.0055  0.0094  72 LYS A O   
564 C CB  A LYS A 86 ? 0.5038 0.4400 0.7297 -0.0207 -0.0274 -0.0649 72 LYS A CB  
565 C CB  B LYS A 86 ? 0.5025 0.4389 0.7293 -0.0214 -0.0271 -0.0636 72 LYS A CB  
566 C CG  A LYS A 86 ? 0.4920 0.4614 0.7014 -0.0206 -0.0347 -0.0809 72 LYS A CG  
567 C CG  B LYS A 86 ? 0.5126 0.4486 0.7235 -0.0061 -0.0377 -0.0952 72 LYS A CG  
568 C CD  A LYS A 86 ? 0.4670 0.4577 0.6351 -0.0045 -0.0318 -0.0830 72 LYS A CD  
569 C CD  B LYS A 86 ? 0.4993 0.4314 0.7317 -0.0124 -0.0546 -0.1265 72 LYS A CD  
570 C CE  A LYS A 86 ? 0.4293 0.4517 0.5802 -0.0064 -0.0345 -0.0817 72 LYS A CE  
571 C CE  B LYS A 86 ? 0.5482 0.4390 0.8103 -0.0106 -0.0636 -0.1439 72 LYS A CE  
572 N NZ  A LYS A 86 ? 0.4576 0.4998 0.5780 0.0062  -0.0404 -0.0980 72 LYS A NZ  
573 N NZ  B LYS A 86 ? 0.5744 0.4329 0.8699 -0.0237 -0.0557 -0.1147 72 LYS A NZ  
574 N N   . TRP A 87 ? 0.3787 0.3695 0.5644 -0.0229 -0.0063 -0.0209 73 TRP A N   
575 C CA  . TRP A 87 ? 0.3432 0.3558 0.5305 -0.0296 0.0001  -0.0067 73 TRP A CA  
576 C C   . TRP A 87 ? 0.3782 0.3923 0.6040 -0.0457 -0.0003 -0.0059 73 TRP A C   
577 O O   . TRP A 87 ? 0.4573 0.4670 0.7041 -0.0521 -0.0122 -0.0259 73 TRP A O   
578 C CB  . TRP A 87 ? 0.3031 0.3403 0.4685 -0.0237 -0.0059 -0.0161 73 TRP A CB  
579 C CG  . TRP A 87 ? 0.3134 0.3541 0.4469 -0.0120 -0.0031 -0.0107 73 TRP A CG  
580 C CD1 . TRP A 87 ? 0.3015 0.3421 0.4171 -0.0031 -0.0073 -0.0212 73 TRP A CD1 
581 C CD2 . TRP A 87 ? 0.2799 0.3278 0.3990 -0.0083 0.0042  0.0056  73 TRP A CD2 
582 N NE1 . TRP A 87 ? 0.3259 0.3739 0.4214 0.0033  -0.0025 -0.0100 73 TRP A NE1 
583 C CE2 . TRP A 87 ? 0.3027 0.3529 0.4000 0.0003  0.0029  0.0049  73 TRP A CE2 
584 C CE3 . TRP A 87 ? 0.2244 0.2799 0.3476 -0.0109 0.0118  0.0190  73 TRP A CE3 
585 C CZ2 . TRP A 87 ? 0.2602 0.3164 0.3433 0.0046  0.0061  0.0160  73 TRP A CZ2 
586 C CZ3 . TRP A 87 ? 0.2135 0.2750 0.3172 -0.0036 0.0148  0.0276  73 TRP A CZ3 
587 C CH2 . TRP A 87 ? 0.2407 0.3006 0.3262 0.0030  0.0106  0.0254  73 TRP A CH2 
588 N N   . VAL A 88 ? 0.3254 0.3488 0.5616 -0.0522 0.0126  0.0166  74 VAL A N   
589 C CA  . VAL A 88 ? 0.3511 0.3848 0.6279 -0.0691 0.0162  0.0226  74 VAL A CA  
590 C C   . VAL A 88 ? 0.3819 0.4532 0.6550 -0.0673 0.0217  0.0263  74 VAL A C   
591 O O   . VAL A 88 ? 0.3984 0.4814 0.6516 -0.0601 0.0342  0.0430  74 VAL A O   
592 C CB  . VAL A 88 ? 0.3759 0.3919 0.6726 -0.0785 0.0295  0.0493  74 VAL A CB  
593 C CG1 . VAL A 88 ? 0.3092 0.3417 0.6536 -0.0986 0.0353  0.0583  74 VAL A CG1 
594 C CG2 . VAL A 88 ? 0.3868 0.3605 0.6890 -0.0769 0.0220  0.0449  74 VAL A CG2 
595 N N   . ASP A 89 ? 0.3700 0.4612 0.6620 -0.0718 0.0107  0.0089  75 ASP A N   
596 C CA  . ASP A 89 ? 0.3405 0.4676 0.6348 -0.0680 0.0138  0.0102  75 ASP A CA  
597 C C   . ASP A 89 ? 0.3390 0.4884 0.6688 -0.0803 0.0299  0.0282  75 ASP A C   
598 O O   . ASP A 89 ? 0.3354 0.4751 0.7002 -0.0969 0.0337  0.0362  75 ASP A O   
599 C CB  . ASP A 89 ? 0.3288 0.4721 0.6327 -0.0671 -0.0050 -0.0129 75 ASP A CB  
600 C CG  . ASP A 89 ? 0.3558 0.4842 0.6216 -0.0544 -0.0185 -0.0272 75 ASP A CG  
601 O OD1 . ASP A 89 ? 0.3527 0.4643 0.5852 -0.0453 -0.0123 -0.0190 75 ASP A OD1 
602 O OD2 . ASP A 89 ? 0.3737 0.5113 0.6430 -0.0534 -0.0353 -0.0460 75 ASP A OD2 
603 N N   . ARG A 90 ? 0.3610 0.5416 0.6830 -0.0714 0.0397  0.0349  76 ARG A N   
604 C CA  . ARG A 90 ? 0.4014 0.6141 0.7549 -0.0803 0.0581  0.0522  76 ARG A CA  
605 C C   . ARG A 90 ? 0.3798 0.6133 0.7902 -0.0984 0.0519  0.0445  76 ARG A C   
606 O O   . ARG A 90 ? 0.3746 0.6171 0.8243 -0.1165 0.0648  0.0618  76 ARG A O   
607 C CB  . ARG A 90 ? 0.4104 0.6559 0.7448 -0.0630 0.0668  0.0526  76 ARG A CB  
608 C CG  . ARG A 90 ? 0.4339 0.7237 0.7987 -0.0683 0.0879  0.0683  76 ARG A CG  
609 C CD  . ARG A 90 ? 0.5299 0.8184 0.8718 -0.0663 0.1096  0.0946  76 ARG A CD  
610 N NE  . ARG A 90 ? 0.5911 0.8732 0.8803 -0.0435 0.1090  0.0892  76 ARG A NE  
611 C CZ  . ARG A 90 ? 0.6153 0.8979 0.8730 -0.0355 0.1233  0.1067  76 ARG A CZ  
612 N NH1 . ARG A 90 ? 0.6431 0.9320 0.9137 -0.0479 0.1414  0.1350  76 ARG A NH1 
613 N NH2 . ARG A 90 ? 0.5897 0.8668 0.8037 -0.0154 0.1184  0.0966  76 ARG A NH2 
614 N N   . TYR A 91 ? 0.3754 0.6181 0.7930 -0.0945 0.0318  0.0201  77 TYR A N   
615 C CA  . TYR A 91 ? 0.4006 0.6637 0.8726 -0.1109 0.0205  0.0078  77 TYR A CA  
616 C C   . TYR A 91 ? 0.4173 0.6553 0.8818 -0.1108 -0.0060 -0.0183 77 TYR A C   
617 O O   . TYR A 91 ? 0.4230 0.6487 0.8432 -0.0935 -0.0171 -0.0294 77 TYR A O   
618 C CB  . TYR A 91 ? 0.4037 0.7192 0.8992 -0.1040 0.0208  0.0023  77 TYR A CB  
619 C CG  . TYR A 91 ? 0.3747 0.7212 0.8713 -0.0992 0.0476  0.0237  77 TYR A CG  
620 C CD1 . TYR A 91 ? 0.3746 0.7302 0.8906 -0.1155 0.0659  0.0433  77 TYR A CD1 
621 C CD2 . TYR A 91 ? 0.3479 0.7063 0.8076 -0.0751 0.0523  0.0221  77 TYR A CD2 
622 C CE1 . TYR A 91 ? 0.4058 0.7914 0.9124 -0.1087 0.0905  0.0606  77 TYR A CE1 
623 C CE2 . TYR A 91 ? 0.3504 0.7405 0.8086 -0.0677 0.0762  0.0373  77 TYR A CE2 
624 C CZ  . TYR A 91 ? 0.4023 0.8077 0.8813 -0.0842 0.0960  0.0562  77 TYR A CZ  
625 O OH  . TYR A 91 ? 0.4348 0.8699 0.8999 -0.0746 0.1192  0.0680  77 TYR A OH  
626 O OXT . TYR A 91 ? 0.4651 0.6955 0.9681 -0.1279 -0.0170 -0.0290 77 TYR A OXT 
# 
